data_1NVY
# 
_entry.id   1NVY 
# 
_audit_conform.dict_name       mmcif_pdbx.dic 
_audit_conform.dict_version    5.386 
_audit_conform.dict_location   http://mmcif.pdb.org/dictionaries/ascii/mmcif_pdbx.dic 
# 
loop_
_database_2.database_id 
_database_2.database_code 
_database_2.pdbx_database_accession 
_database_2.pdbx_DOI 
PDB   1NVY         pdb_00001nvy 10.2210/pdb1nvy/pdb 
NDB   UD0026       ?            ?                   
RCSB  RCSB018265   ?            ?                   
WWPDB D_1000018265 ?            ?                   
# 
loop_
_pdbx_audit_revision_history.ordinal 
_pdbx_audit_revision_history.data_content_type 
_pdbx_audit_revision_history.major_revision 
_pdbx_audit_revision_history.minor_revision 
_pdbx_audit_revision_history.revision_date 
1 'Structure model' 1 0 2003-02-25 
2 'Structure model' 1 1 2008-04-29 
3 'Structure model' 1 2 2011-07-13 
4 'Structure model' 1 3 2024-02-14 
# 
_pdbx_audit_revision_details.ordinal             1 
_pdbx_audit_revision_details.revision_ordinal    1 
_pdbx_audit_revision_details.data_content_type   'Structure model' 
_pdbx_audit_revision_details.provider            repository 
_pdbx_audit_revision_details.type                'Initial release' 
_pdbx_audit_revision_details.description         ? 
_pdbx_audit_revision_details.details             ? 
# 
loop_
_pdbx_audit_revision_group.ordinal 
_pdbx_audit_revision_group.revision_ordinal 
_pdbx_audit_revision_group.data_content_type 
_pdbx_audit_revision_group.group 
1 2 'Structure model' 'Version format compliance' 
2 3 'Structure model' 'Version format compliance' 
3 4 'Structure model' 'Data collection'           
4 4 'Structure model' 'Database references'       
5 4 'Structure model' 'Derived calculations'      
# 
loop_
_pdbx_audit_revision_category.ordinal 
_pdbx_audit_revision_category.revision_ordinal 
_pdbx_audit_revision_category.data_content_type 
_pdbx_audit_revision_category.category 
1 4 'Structure model' chem_comp_atom         
2 4 'Structure model' chem_comp_bond         
3 4 'Structure model' database_2             
4 4 'Structure model' diffrn_source          
5 4 'Structure model' pdbx_struct_conn_angle 
6 4 'Structure model' struct_conn            
7 4 'Structure model' struct_site            
# 
loop_
_pdbx_audit_revision_item.ordinal 
_pdbx_audit_revision_item.revision_ordinal 
_pdbx_audit_revision_item.data_content_type 
_pdbx_audit_revision_item.item 
1  4 'Structure model' '_database_2.pdbx_DOI'                        
2  4 'Structure model' '_database_2.pdbx_database_accession'         
3  4 'Structure model' '_diffrn_source.pdbx_synchrotron_site'        
4  4 'Structure model' '_pdbx_struct_conn_angle.ptnr1_auth_asym_id'  
5  4 'Structure model' '_pdbx_struct_conn_angle.ptnr1_auth_seq_id'   
6  4 'Structure model' '_pdbx_struct_conn_angle.ptnr1_label_asym_id' 
7  4 'Structure model' '_pdbx_struct_conn_angle.ptnr3_auth_asym_id'  
8  4 'Structure model' '_pdbx_struct_conn_angle.ptnr3_auth_seq_id'   
9  4 'Structure model' '_pdbx_struct_conn_angle.ptnr3_label_asym_id' 
10 4 'Structure model' '_pdbx_struct_conn_angle.value'               
11 4 'Structure model' '_struct_conn.pdbx_dist_value'                
12 4 'Structure model' '_struct_conn.ptnr2_auth_asym_id'             
13 4 'Structure model' '_struct_conn.ptnr2_auth_seq_id'              
14 4 'Structure model' '_struct_conn.ptnr2_label_asym_id'            
15 4 'Structure model' '_struct_site.pdbx_auth_asym_id'              
16 4 'Structure model' '_struct_site.pdbx_auth_comp_id'              
17 4 'Structure model' '_struct_site.pdbx_auth_seq_id'               
# 
_pdbx_database_status.status_code                     REL 
_pdbx_database_status.entry_id                        1NVY 
_pdbx_database_status.recvd_initial_deposition_date   2003-02-05 
_pdbx_database_status.deposit_site                    RCSB 
_pdbx_database_status.process_site                    RCSB 
_pdbx_database_status.status_code_sf                  REL 
_pdbx_database_status.SG_entry                        . 
_pdbx_database_status.pdb_format_compatible           Y 
_pdbx_database_status.status_code_mr                  ? 
_pdbx_database_status.status_code_cs                  ? 
_pdbx_database_status.status_code_nmr_data            ? 
_pdbx_database_status.methods_development_category    ? 
# 
loop_
_pdbx_database_related.db_name 
_pdbx_database_related.db_id 
_pdbx_database_related.details 
_pdbx_database_related.content_type 
NDB UD0018 'TCGGTACCGA Holliday Junction' unspecified 
NDB UD0021 'TCGGTACCGA Holliday Junction' unspecified 
NDB UD0023 'TCGGTACCGA Holliday Junction' unspecified 
# 
loop_
_audit_author.name 
_audit_author.pdbx_ordinal 
'Cardin, C.J.'     1 
'Thorpe, J.H.'     2 
'Gale, B.C.'       3 
'Teixeira, S.C.M.' 4 
# 
_citation.id                        primary 
_citation.title                     'Strontium, a MAD taerget for the DNA Holliday junction' 
_citation.journal_abbrev            'To be published' 
_citation.journal_volume            ? 
_citation.page_first                ? 
_citation.page_last                 ? 
_citation.year                      ? 
_citation.journal_id_ASTM           ? 
_citation.country                   ? 
_citation.journal_id_ISSN           ? 
_citation.journal_id_CSD            0353 
_citation.book_publisher            ? 
_citation.pdbx_database_id_PubMed   ? 
_citation.pdbx_database_id_DOI      ? 
# 
loop_
_citation_author.citation_id 
_citation_author.name 
_citation_author.ordinal 
_citation_author.identifier_ORCID 
primary 'Cardin, C.J.'     1 ? 
primary 'Thorpe, J.H.'     2 ? 
primary 'Gale, B.C.'       3 ? 
primary 'Teixeira, S.C.M.' 4 ? 
# 
loop_
_entity.id 
_entity.type 
_entity.src_method 
_entity.pdbx_description 
_entity.formula_weight 
_entity.pdbx_number_of_molecules 
_entity.pdbx_ec 
_entity.pdbx_mutation 
_entity.pdbx_fragment 
_entity.details 
1 polymer     syn 'd(TCGGTACCGA)4' 3045.005 2   ? ? ? ? 
2 non-polymer syn 'STRONTIUM ION'  87.620   5   ? ? ? ? 
3 water       nat water            18.015   107 ? ? ? ? 
# 
_entity_poly.entity_id                      1 
_entity_poly.type                           polydeoxyribonucleotide 
_entity_poly.nstd_linkage                   no 
_entity_poly.nstd_monomer                   no 
_entity_poly.pdbx_seq_one_letter_code       '(DT)(DC)(DG)(DG)(DT)(DA)(DC)(DC)(DG)(DA)' 
_entity_poly.pdbx_seq_one_letter_code_can   TCGGTACCGA 
_entity_poly.pdbx_strand_id                 A,B 
_entity_poly.pdbx_target_identifier         ? 
# 
loop_
_pdbx_entity_nonpoly.entity_id 
_pdbx_entity_nonpoly.name 
_pdbx_entity_nonpoly.comp_id 
2 'STRONTIUM ION' SR  
3 water           HOH 
# 
loop_
_entity_poly_seq.entity_id 
_entity_poly_seq.num 
_entity_poly_seq.mon_id 
_entity_poly_seq.hetero 
1 1  DT n 
1 2  DC n 
1 3  DG n 
1 4  DG n 
1 5  DT n 
1 6  DA n 
1 7  DC n 
1 8  DC n 
1 9  DG n 
1 10 DA n 
# 
_pdbx_entity_src_syn.entity_id              1 
_pdbx_entity_src_syn.pdbx_src_id            1 
_pdbx_entity_src_syn.pdbx_alt_source_flag   sample 
_pdbx_entity_src_syn.pdbx_beg_seq_num       ? 
_pdbx_entity_src_syn.pdbx_end_seq_num       ? 
_pdbx_entity_src_syn.organism_scientific    ? 
_pdbx_entity_src_syn.organism_common_name   ? 
_pdbx_entity_src_syn.ncbi_taxonomy_id       ? 
_pdbx_entity_src_syn.details                'Chemically synthezied' 
# 
loop_
_chem_comp.id 
_chem_comp.type 
_chem_comp.mon_nstd_flag 
_chem_comp.name 
_chem_comp.pdbx_synonyms 
_chem_comp.formula 
_chem_comp.formula_weight 
DA  'DNA linking' y "2'-DEOXYADENOSINE-5'-MONOPHOSPHATE" ? 'C10 H14 N5 O6 P' 331.222 
DC  'DNA linking' y "2'-DEOXYCYTIDINE-5'-MONOPHOSPHATE"  ? 'C9 H14 N3 O7 P'  307.197 
DG  'DNA linking' y "2'-DEOXYGUANOSINE-5'-MONOPHOSPHATE" ? 'C10 H14 N5 O7 P' 347.221 
DT  'DNA linking' y "THYMIDINE-5'-MONOPHOSPHATE"         ? 'C10 H15 N2 O8 P' 322.208 
HOH non-polymer   . WATER                                ? 'H2 O'            18.015  
SR  non-polymer   . 'STRONTIUM ION'                      ? 'Sr 2'            87.620  
# 
loop_
_pdbx_poly_seq_scheme.asym_id 
_pdbx_poly_seq_scheme.entity_id 
_pdbx_poly_seq_scheme.seq_id 
_pdbx_poly_seq_scheme.mon_id 
_pdbx_poly_seq_scheme.ndb_seq_num 
_pdbx_poly_seq_scheme.pdb_seq_num 
_pdbx_poly_seq_scheme.auth_seq_num 
_pdbx_poly_seq_scheme.pdb_mon_id 
_pdbx_poly_seq_scheme.auth_mon_id 
_pdbx_poly_seq_scheme.pdb_strand_id 
_pdbx_poly_seq_scheme.pdb_ins_code 
_pdbx_poly_seq_scheme.hetero 
A 1 1  DT 1  1  1  DT T A . n 
A 1 2  DC 2  2  2  DC C A . n 
A 1 3  DG 3  3  3  DG G A . n 
A 1 4  DG 4  4  4  DG G A . n 
A 1 5  DT 5  5  5  DT T A . n 
A 1 6  DA 6  6  6  DA A A . n 
A 1 7  DC 7  7  7  DC C A . n 
A 1 8  DC 8  8  8  DC C A . n 
A 1 9  DG 9  9  9  DG G A . n 
A 1 10 DA 10 10 10 DA A A . n 
B 1 1  DT 1  1  1  DT T B . n 
B 1 2  DC 2  2  2  DC C B . n 
B 1 3  DG 3  3  3  DG G B . n 
B 1 4  DG 4  4  4  DG G B . n 
B 1 5  DT 5  5  5  DT T B . n 
B 1 6  DA 6  6  6  DA A B . n 
B 1 7  DC 7  7  7  DC C B . n 
B 1 8  DC 8  8  8  DC C B . n 
B 1 9  DG 9  9  9  DG G B . n 
B 1 10 DA 10 10 10 DA A B . n 
# 
loop_
_pdbx_nonpoly_scheme.asym_id 
_pdbx_nonpoly_scheme.entity_id 
_pdbx_nonpoly_scheme.mon_id 
_pdbx_nonpoly_scheme.ndb_seq_num 
_pdbx_nonpoly_scheme.pdb_seq_num 
_pdbx_nonpoly_scheme.auth_seq_num 
_pdbx_nonpoly_scheme.pdb_mon_id 
_pdbx_nonpoly_scheme.auth_mon_id 
_pdbx_nonpoly_scheme.pdb_strand_id 
_pdbx_nonpoly_scheme.pdb_ins_code 
C 2 SR  1  103 1   SR  SR  A . 
D 2 SR  1  104 1   SR  SR  A . 
E 2 SR  1  101 1   SR  SR  B . 
F 2 SR  1  102 1   SR  SR  B . 
G 2 SR  1  105 1   SR  SR  B . 
H 3 HOH 1  489 489 HOH HOH A . 
H 3 HOH 2  490 490 HOH HOH A . 
H 3 HOH 3  491 491 HOH HOH A . 
H 3 HOH 4  496 496 HOH HOH A . 
H 3 HOH 5  497 497 HOH HOH A . 
H 3 HOH 6  499 499 HOH HOH A . 
H 3 HOH 7  500 500 HOH HOH A . 
H 3 HOH 8  502 502 HOH HOH A . 
H 3 HOH 9  503 503 HOH HOH A . 
H 3 HOH 10 504 504 HOH HOH A . 
H 3 HOH 11 505 505 HOH HOH A . 
H 3 HOH 12 513 513 HOH HOH A . 
H 3 HOH 13 514 514 HOH HOH A . 
H 3 HOH 14 517 517 HOH HOH A . 
H 3 HOH 15 520 520 HOH HOH A . 
H 3 HOH 16 523 523 HOH HOH A . 
H 3 HOH 17 525 525 HOH HOH A . 
H 3 HOH 18 527 527 HOH HOH A . 
H 3 HOH 19 530 530 HOH HOH A . 
H 3 HOH 20 533 533 HOH HOH A . 
H 3 HOH 21 538 538 HOH HOH A . 
H 3 HOH 22 540 540 HOH HOH A . 
H 3 HOH 23 543 543 HOH HOH A . 
H 3 HOH 24 545 545 HOH HOH A . 
H 3 HOH 25 546 546 HOH HOH A . 
H 3 HOH 26 550 550 HOH HOH A . 
H 3 HOH 27 551 551 HOH HOH A . 
H 3 HOH 28 553 553 HOH HOH A . 
H 3 HOH 29 559 559 HOH HOH A . 
H 3 HOH 30 563 563 HOH HOH A . 
H 3 HOH 31 564 564 HOH HOH A . 
H 3 HOH 32 565 565 HOH HOH A . 
H 3 HOH 33 569 569 HOH HOH A . 
H 3 HOH 34 636 636 HOH HOH A . 
I 3 HOH 1  466 466 HOH HOH B . 
I 3 HOH 2  467 467 HOH HOH B . 
I 3 HOH 3  468 468 HOH HOH B . 
I 3 HOH 4  469 469 HOH HOH B . 
I 3 HOH 5  470 470 HOH HOH B . 
I 3 HOH 6  471 471 HOH HOH B . 
I 3 HOH 7  472 472 HOH HOH B . 
I 3 HOH 8  473 473 HOH HOH B . 
I 3 HOH 9  474 474 HOH HOH B . 
I 3 HOH 10 475 475 HOH HOH B . 
I 3 HOH 11 476 476 HOH HOH B . 
I 3 HOH 12 477 477 HOH HOH B . 
I 3 HOH 13 478 478 HOH HOH B . 
I 3 HOH 14 479 479 HOH HOH B . 
I 3 HOH 15 480 480 HOH HOH B . 
I 3 HOH 16 481 481 HOH HOH B . 
I 3 HOH 17 482 482 HOH HOH B . 
I 3 HOH 18 483 483 HOH HOH B . 
I 3 HOH 19 484 484 HOH HOH B . 
I 3 HOH 20 485 485 HOH HOH B . 
I 3 HOH 21 486 486 HOH HOH B . 
I 3 HOH 22 487 487 HOH HOH B . 
I 3 HOH 23 488 488 HOH HOH B . 
I 3 HOH 24 492 492 HOH HOH B . 
I 3 HOH 25 493 493 HOH HOH B . 
I 3 HOH 26 494 494 HOH HOH B . 
I 3 HOH 27 495 495 HOH HOH B . 
I 3 HOH 28 498 498 HOH HOH B . 
I 3 HOH 29 501 501 HOH HOH B . 
I 3 HOH 30 506 506 HOH HOH B . 
I 3 HOH 31 508 508 HOH HOH B . 
I 3 HOH 32 509 509 HOH HOH B . 
I 3 HOH 33 510 510 HOH HOH B . 
I 3 HOH 34 511 511 HOH HOH B . 
I 3 HOH 35 512 512 HOH HOH B . 
I 3 HOH 36 515 515 HOH HOH B . 
I 3 HOH 37 516 516 HOH HOH B . 
I 3 HOH 38 518 518 HOH HOH B . 
I 3 HOH 39 519 519 HOH HOH B . 
I 3 HOH 40 521 521 HOH HOH B . 
I 3 HOH 41 522 522 HOH HOH B . 
I 3 HOH 42 524 524 HOH HOH B . 
I 3 HOH 43 526 526 HOH HOH B . 
I 3 HOH 44 528 528 HOH HOH B . 
I 3 HOH 45 529 529 HOH HOH B . 
I 3 HOH 46 531 531 HOH HOH B . 
I 3 HOH 47 532 532 HOH HOH B . 
I 3 HOH 48 534 534 HOH HOH B . 
I 3 HOH 49 535 535 HOH HOH B . 
I 3 HOH 50 536 536 HOH HOH B . 
I 3 HOH 51 537 537 HOH HOH B . 
I 3 HOH 52 539 539 HOH HOH B . 
I 3 HOH 53 541 541 HOH HOH B . 
I 3 HOH 54 542 542 HOH HOH B . 
I 3 HOH 55 544 544 HOH HOH B . 
I 3 HOH 56 547 547 HOH HOH B . 
I 3 HOH 57 548 548 HOH HOH B . 
I 3 HOH 58 549 549 HOH HOH B . 
I 3 HOH 59 554 554 HOH HOH B . 
I 3 HOH 60 555 555 HOH HOH B . 
I 3 HOH 61 556 556 HOH HOH B . 
I 3 HOH 62 557 557 HOH HOH B . 
I 3 HOH 63 558 558 HOH HOH B . 
I 3 HOH 64 561 561 HOH HOH B . 
I 3 HOH 65 562 562 HOH HOH B . 
I 3 HOH 66 566 566 HOH HOH B . 
I 3 HOH 67 567 567 HOH HOH B . 
I 3 HOH 68 568 568 HOH HOH B . 
I 3 HOH 69 571 571 HOH HOH B . 
I 3 HOH 70 637 637 HOH HOH B . 
I 3 HOH 71 638 638 HOH HOH B . 
I 3 HOH 72 639 639 HOH HOH B . 
I 3 HOH 73 640 640 HOH HOH B . 
# 
loop_
_software.name 
_software.classification 
_software.version 
_software.citation_id 
_software.pdbx_ordinal 
REFMAC refinement       5.1.24 ? 1 
XDS    'data reduction' .      ? 2 
XDS    'data scaling'   .      ? 3 
SOLVE  phasing          .      ? 4 
# 
_cell.entry_id           1NVY 
_cell.length_a           63.734 
_cell.length_b           25.320 
_cell.length_c           36.493 
_cell.angle_alpha        90.00 
_cell.angle_beta         110.11 
_cell.angle_gamma        90.00 
_cell.Z_PDB              8 
_cell.pdbx_unique_axis   ? 
# 
_symmetry.entry_id                         1NVY 
_symmetry.space_group_name_H-M             'C 1 2 1' 
_symmetry.pdbx_full_space_group_name_H-M   ? 
_symmetry.cell_setting                     ? 
_symmetry.Int_Tables_number                5 
# 
_exptl.entry_id          1NVY 
_exptl.method            'X-RAY DIFFRACTION' 
_exptl.crystals_number   1 
# 
_exptl_crystal.id                    1 
_exptl_crystal.density_meas          ? 
_exptl_crystal.density_Matthews      2.18 
_exptl_crystal.density_percent_sol   43.54 
_exptl_crystal.description           ? 
# 
_exptl_crystal_grow.crystal_id      1 
_exptl_crystal_grow.method          'VAPOR DIFFUSION, SITTING DROP' 
_exptl_crystal_grow.temp            290 
_exptl_crystal_grow.temp_details    ? 
_exptl_crystal_grow.pH              7.0 
_exptl_crystal_grow.pdbx_details    'SrCl2, MPD, NaCacodylate , pH 7.0, VAPOR DIFFUSION, SITTING DROP, temperature 290K' 
_exptl_crystal_grow.pdbx_pH_range   . 
# 
_diffrn.id                     1 
_diffrn.ambient_temp           100 
_diffrn.ambient_temp_details   ? 
_diffrn.crystal_id             1 
# 
_diffrn_detector.diffrn_id              1 
_diffrn_detector.detector               CCD 
_diffrn_detector.type                   MARRESEARCH 
_diffrn_detector.pdbx_collection_date   2002-05-15 
_diffrn_detector.details                ? 
# 
_diffrn_radiation.diffrn_id                        1 
_diffrn_radiation.wavelength_id                    1 
_diffrn_radiation.pdbx_monochromatic_or_laue_m_l   M 
_diffrn_radiation.monochromator                    ? 
_diffrn_radiation.pdbx_diffrn_protocol             MAD 
_diffrn_radiation.pdbx_scattering_type             x-ray 
# 
loop_
_diffrn_radiation_wavelength.id 
_diffrn_radiation_wavelength.wavelength 
_diffrn_radiation_wavelength.wt 
1 0.9470 1.0 
2 0.7301 1.0 
3 0.7667 1.0 
4 0.7670 1.0 
# 
_diffrn_source.diffrn_id                   1 
_diffrn_source.source                      SYNCHROTRON 
_diffrn_source.type                        'EMBL/DESY, HAMBURG BEAMLINE BW7A' 
_diffrn_source.pdbx_synchrotron_site       'EMBL/DESY, HAMBURG' 
_diffrn_source.pdbx_synchrotron_beamline   BW7A 
_diffrn_source.pdbx_wavelength             ? 
_diffrn_source.pdbx_wavelength_list        '0.9470, 0.7301, 0.7667, 0.7670' 
# 
_reflns.entry_id                     1NVY 
_reflns.observed_criterion_sigma_F   1 
_reflns.observed_criterion_sigma_I   1 
_reflns.d_resolution_high            1.5 
_reflns.d_resolution_low             20 
_reflns.number_all                   16734 
_reflns.number_obs                   16734 
_reflns.percent_possible_obs         99.2 
_reflns.pdbx_Rmerge_I_obs            0.075 
_reflns.pdbx_Rsym_value              ? 
_reflns.pdbx_netI_over_sigmaI        13.58 
_reflns.B_iso_Wilson_estimate        20.89 
_reflns.pdbx_redundancy              1.9 
_reflns.R_free_details               ? 
_reflns.pdbx_diffrn_id               1 
_reflns.pdbx_ordinal                 1 
# 
_reflns_shell.d_res_high             1.50 
_reflns_shell.d_res_low              1.58 
_reflns_shell.percent_possible_all   99.2 
_reflns_shell.Rmerge_I_obs           0.228 
_reflns_shell.pdbx_Rsym_value        ? 
_reflns_shell.meanI_over_sigI_obs    4.38 
_reflns_shell.pdbx_redundancy        1.88 
_reflns_shell.percent_possible_obs   ? 
_reflns_shell.number_unique_all      2509 
_reflns_shell.pdbx_diffrn_id         ? 
_reflns_shell.pdbx_ordinal           1 
# 
_refine.entry_id                                 1NVY 
_refine.ls_number_reflns_obs                     8443 
_refine.ls_number_reflns_all                     8443 
_refine.pdbx_ls_sigma_I                          ? 
_refine.pdbx_ls_sigma_F                          0 
_refine.pdbx_data_cutoff_high_absF               ? 
_refine.pdbx_data_cutoff_low_absF                ? 
_refine.pdbx_data_cutoff_high_rms_absF           ? 
_refine.ls_d_res_low                             34.30 
_refine.ls_d_res_high                            1.50 
_refine.ls_percent_reflns_obs                    98.92 
_refine.ls_R_factor_obs                          0.20962 
_refine.ls_R_factor_all                          ? 
_refine.ls_R_factor_R_work                       0.2069 
_refine.ls_R_factor_R_free                       0.26294 
_refine.ls_R_factor_R_free_error                 ? 
_refine.ls_R_factor_R_free_error_details         ? 
_refine.ls_percent_reflns_R_free                 4.9 
_refine.ls_number_reflns_R_free                  433 
_refine.ls_number_parameters                     ? 
_refine.ls_number_restraints                     ? 
_refine.occupancy_min                            ? 
_refine.occupancy_max                            ? 
_refine.correlation_coeff_Fo_to_Fc               0.959 
_refine.correlation_coeff_Fo_to_Fc_free          0.922 
_refine.B_iso_mean                               17.039 
_refine.aniso_B[1][1]                            -1.26 
_refine.aniso_B[2][2]                            1.15 
_refine.aniso_B[3][3]                            -0.18 
_refine.aniso_B[1][2]                            0.00 
_refine.aniso_B[1][3]                            -0.41 
_refine.aniso_B[2][3]                            0.00 
_refine.solvent_model_details                    'BABINET MODEL WITH MASK' 
_refine.solvent_model_param_ksol                 ? 
_refine.solvent_model_param_bsol                 ? 
_refine.pdbx_solvent_vdw_probe_radii             1.40 
_refine.pdbx_solvent_ion_probe_radii             0.80 
_refine.pdbx_solvent_shrinkage_radii             0.80 
_refine.pdbx_ls_cross_valid_method               THROUGHOUT 
_refine.details                                  'HYDROGENS HAVE BEEN ADDED IN THE RIDING POSITIONS' 
_refine.pdbx_starting_model                      ? 
_refine.pdbx_method_to_determine_struct          MAD 
_refine.pdbx_isotropic_thermal_model             ? 
_refine.pdbx_stereochemistry_target_values       'MAXIMUM LIKELIHOOD' 
_refine.pdbx_stereochem_target_val_spec_case     ? 
_refine.pdbx_R_Free_selection_details            RANDOM 
_refine.pdbx_overall_ESU_R                       0.117 
_refine.pdbx_overall_ESU_R_Free                  0.100 
_refine.overall_SU_ML                            0.070 
_refine.overall_SU_B                             1.973 
_refine.ls_redundancy_reflns_obs                 ? 
_refine.overall_SU_R_Cruickshank_DPI             ? 
_refine.overall_SU_R_free                        ? 
_refine.pdbx_refine_id                           'X-RAY DIFFRACTION' 
_refine.pdbx_diffrn_id                           1 
_refine.pdbx_TLS_residual_ADP_flag               ? 
_refine.pdbx_overall_phase_error                 ? 
_refine.pdbx_overall_SU_R_free_Cruickshank_DPI   ? 
_refine.pdbx_overall_SU_R_Blow_DPI               ? 
_refine.pdbx_overall_SU_R_free_Blow_DPI          ? 
# 
_refine_hist.pdbx_refine_id                   'X-RAY DIFFRACTION' 
_refine_hist.cycle_id                         LAST 
_refine_hist.pdbx_number_atoms_protein        0 
_refine_hist.pdbx_number_atoms_nucleic_acid   404 
_refine_hist.pdbx_number_atoms_ligand         5 
_refine_hist.number_atoms_solvent             107 
_refine_hist.number_atoms_total               516 
_refine_hist.d_res_high                       1.50 
_refine_hist.d_res_low                        34.30 
# 
loop_
_refine_ls_restr.type 
_refine_ls_restr.dev_ideal 
_refine_ls_restr.dev_ideal_target 
_refine_ls_restr.weight 
_refine_ls_restr.number 
_refine_ls_restr.pdbx_refine_id 
_refine_ls_restr.pdbx_restraint_function 
r_bond_refined_d         0.019 0.021 ? 452 'X-RAY DIFFRACTION' ? 
r_bond_other_d           0.002 0.020 ? 192 'X-RAY DIFFRACTION' ? 
r_angle_refined_deg      2.442 3.000 ? 694 'X-RAY DIFFRACTION' ? 
r_angle_other_deg        1.707 3.000 ? 484 'X-RAY DIFFRACTION' ? 
r_dihedral_angle_1_deg   ?     ?     ? ?   'X-RAY DIFFRACTION' ? 
r_dihedral_angle_2_deg   ?     ?     ? ?   'X-RAY DIFFRACTION' ? 
r_chiral_restr           0.097 0.200 ? 60  'X-RAY DIFFRACTION' ? 
r_gen_planes_refined     0.022 0.020 ? 210 'X-RAY DIFFRACTION' ? 
r_gen_planes_other       0.001 0.020 ? 4   'X-RAY DIFFRACTION' ? 
r_nbd_refined            0.130 0.200 ? 56  'X-RAY DIFFRACTION' ? 
r_nbd_other              0.228 0.200 ? 201 'X-RAY DIFFRACTION' ? 
r_nbtor_other            0.102 0.200 ? 108 'X-RAY DIFFRACTION' ? 
r_xyhbond_nbd_refined    0.163 0.200 ? 52  'X-RAY DIFFRACTION' ? 
r_metal_ion_refined      0.107 0.200 ? 14  'X-RAY DIFFRACTION' ? 
r_xyhbond_nbd_other      ?     ?     ? ?   'X-RAY DIFFRACTION' ? 
r_symmetry_vdw_refined   0.086 0.200 ? 21  'X-RAY DIFFRACTION' ? 
r_symmetry_vdw_other     0.351 0.200 ? 21  'X-RAY DIFFRACTION' ? 
r_symmetry_hbond_refined 0.076 0.200 ? 15  'X-RAY DIFFRACTION' ? 
r_symmetry_hbond_other   ?     ?     ? ?   'X-RAY DIFFRACTION' ? 
r_mcbond_it              ?     ?     ? ?   'X-RAY DIFFRACTION' ? 
r_mcangle_it             ?     ?     ? ?   'X-RAY DIFFRACTION' ? 
r_scbond_it              2.883 3.000 ? 452 'X-RAY DIFFRACTION' ? 
r_scangle_it             3.807 4.500 ? 694 'X-RAY DIFFRACTION' ? 
r_rigid_bond_restr       2.042 2.000 ? 452 'X-RAY DIFFRACTION' ? 
r_sphericity_free        6.942 2.000 ? 112 'X-RAY DIFFRACTION' ? 
r_sphericity_bonded      5.738 2.000 ? 404 'X-RAY DIFFRACTION' ? 
# 
_refine_ls_shell.pdbx_total_number_of_bins_used   10 
_refine_ls_shell.d_res_high                       1.500 
_refine_ls_shell.d_res_low                        1.581 
_refine_ls_shell.number_reflns_R_work             1205 
_refine_ls_shell.R_factor_R_work                  0.262 
_refine_ls_shell.percent_reflns_obs               ? 
_refine_ls_shell.R_factor_R_free                  0.31 
_refine_ls_shell.R_factor_R_free_error            ? 
_refine_ls_shell.percent_reflns_R_free            ? 
_refine_ls_shell.number_reflns_R_free             51 
_refine_ls_shell.redundancy_reflns_obs            ? 
_refine_ls_shell.pdbx_refine_id                   'X-RAY DIFFRACTION' 
_refine_ls_shell.number_reflns_all                ? 
_refine_ls_shell.R_factor_all                     ? 
# 
_struct.entry_id                  1NVY 
_struct.title                     'Strontium bound to the Holliday junction sequence d(TCGGTACCGA)4' 
_struct.pdbx_model_details        ? 
_struct.pdbx_CASP_flag            ? 
_struct.pdbx_model_type_details   ? 
# 
_struct_keywords.entry_id        1NVY 
_struct_keywords.pdbx_keywords   DNA 
_struct_keywords.text            'Holliday Junction, Strontium, Sr2+, DNA' 
# 
loop_
_struct_asym.id 
_struct_asym.pdbx_blank_PDB_chainid_flag 
_struct_asym.pdbx_modified 
_struct_asym.entity_id 
_struct_asym.details 
A N N 1 ? 
B N N 1 ? 
C N N 2 ? 
D N N 2 ? 
E N N 2 ? 
F N N 2 ? 
G N N 2 ? 
H N N 3 ? 
I N N 3 ? 
# 
_struct_ref.id                         1 
_struct_ref.entity_id                  1 
_struct_ref.db_name                    PDB 
_struct_ref.db_code                    1NVY 
_struct_ref.pdbx_db_accession          1NVY 
_struct_ref.pdbx_db_isoform            ? 
_struct_ref.pdbx_seq_one_letter_code   ? 
_struct_ref.pdbx_align_begin           ? 
# 
loop_
_struct_ref_seq.align_id 
_struct_ref_seq.ref_id 
_struct_ref_seq.pdbx_PDB_id_code 
_struct_ref_seq.pdbx_strand_id 
_struct_ref_seq.seq_align_beg 
_struct_ref_seq.pdbx_seq_align_beg_ins_code 
_struct_ref_seq.seq_align_end 
_struct_ref_seq.pdbx_seq_align_end_ins_code 
_struct_ref_seq.pdbx_db_accession 
_struct_ref_seq.db_align_beg 
_struct_ref_seq.pdbx_db_align_beg_ins_code 
_struct_ref_seq.db_align_end 
_struct_ref_seq.pdbx_db_align_end_ins_code 
_struct_ref_seq.pdbx_auth_seq_align_beg 
_struct_ref_seq.pdbx_auth_seq_align_end 
1 1 1NVY A 1 ? 10 ? 1NVY 1 ? 10 ? 1 10 
2 1 1NVY B 1 ? 10 ? 1NVY 1 ? 10 ? 1 10 
# 
_pdbx_struct_assembly.id                   1 
_pdbx_struct_assembly.details              author_defined_assembly 
_pdbx_struct_assembly.method_details       ? 
_pdbx_struct_assembly.oligomeric_details   tetrameric 
_pdbx_struct_assembly.oligomeric_count     4 
# 
_pdbx_struct_assembly_gen.assembly_id       1 
_pdbx_struct_assembly_gen.oper_expression   1,2 
_pdbx_struct_assembly_gen.asym_id_list      A,B,C,D,E,F,G,H,I 
# 
loop_
_pdbx_struct_oper_list.id 
_pdbx_struct_oper_list.type 
_pdbx_struct_oper_list.name 
_pdbx_struct_oper_list.symmetry_operation 
_pdbx_struct_oper_list.matrix[1][1] 
_pdbx_struct_oper_list.matrix[1][2] 
_pdbx_struct_oper_list.matrix[1][3] 
_pdbx_struct_oper_list.vector[1] 
_pdbx_struct_oper_list.matrix[2][1] 
_pdbx_struct_oper_list.matrix[2][2] 
_pdbx_struct_oper_list.matrix[2][3] 
_pdbx_struct_oper_list.vector[2] 
_pdbx_struct_oper_list.matrix[3][1] 
_pdbx_struct_oper_list.matrix[3][2] 
_pdbx_struct_oper_list.matrix[3][3] 
_pdbx_struct_oper_list.vector[3] 
1 'identity operation'         1_555 x,y,z       1.0000000000  0.0000000000 0.0000000000 0.0000000000 0.0000000000 1.0000000000  0.0000000000 0.0000000000   0.0000000000 0.0000000000 1.0000000000 0.0000000000  
2 'crystal symmetry operation' 2_656 -x+1,y,-z+1 -0.4584124707 0.0747815726 0.8855877840 8.3833047552 0.0747815726 -0.9896742755 0.1222805984 -11.2206666064 0.8855877840 0.1222805984 0.4480867462 -4.1793645784 
# 
_struct_biol.id                    1 
_struct_biol.pdbx_parent_biol_id   ? 
_struct_biol.details               ? 
# 
loop_
_struct_conn.id 
_struct_conn.conn_type_id 
_struct_conn.pdbx_leaving_atom_flag 
_struct_conn.pdbx_PDB_id 
_struct_conn.ptnr1_label_asym_id 
_struct_conn.ptnr1_label_comp_id 
_struct_conn.ptnr1_label_seq_id 
_struct_conn.ptnr1_label_atom_id 
_struct_conn.pdbx_ptnr1_label_alt_id 
_struct_conn.pdbx_ptnr1_PDB_ins_code 
_struct_conn.pdbx_ptnr1_standard_comp_id 
_struct_conn.ptnr1_symmetry 
_struct_conn.ptnr2_label_asym_id 
_struct_conn.ptnr2_label_comp_id 
_struct_conn.ptnr2_label_seq_id 
_struct_conn.ptnr2_label_atom_id 
_struct_conn.pdbx_ptnr2_label_alt_id 
_struct_conn.pdbx_ptnr2_PDB_ins_code 
_struct_conn.ptnr1_auth_asym_id 
_struct_conn.ptnr1_auth_comp_id 
_struct_conn.ptnr1_auth_seq_id 
_struct_conn.ptnr2_auth_asym_id 
_struct_conn.ptnr2_auth_comp_id 
_struct_conn.ptnr2_auth_seq_id 
_struct_conn.ptnr2_symmetry 
_struct_conn.pdbx_ptnr3_label_atom_id 
_struct_conn.pdbx_ptnr3_label_seq_id 
_struct_conn.pdbx_ptnr3_label_comp_id 
_struct_conn.pdbx_ptnr3_label_asym_id 
_struct_conn.pdbx_ptnr3_label_alt_id 
_struct_conn.pdbx_ptnr3_PDB_ins_code 
_struct_conn.details 
_struct_conn.pdbx_dist_value 
_struct_conn.pdbx_value_order 
_struct_conn.pdbx_role 
metalc1  metalc ? ? C SR . SR ? ? ? 1_555 H HOH .  O  ? ? A SR 103 A HOH 489 1_555 ? ? ? ? ? ? ?            2.888 ? ? 
metalc2  metalc ? ? C SR . SR ? ? ? 1_555 H HOH .  O  ? ? A SR 103 A HOH 490 1_555 ? ? ? ? ? ? ?            2.519 ? ? 
metalc3  metalc ? ? C SR . SR ? ? ? 1_555 H HOH .  O  ? ? A SR 103 A HOH 491 1_555 ? ? ? ? ? ? ?            2.635 ? ? 
metalc4  metalc ? ? C SR . SR ? ? ? 1_555 I HOH .  O  ? ? A SR 103 B HOH 488 1_555 ? ? ? ? ? ? ?            2.642 ? ? 
metalc5  metalc ? ? C SR . SR ? ? ? 1_555 I HOH .  O  ? ? A SR 103 B HOH 492 1_555 ? ? ? ? ? ? ?            2.533 ? ? 
metalc6  metalc ? ? C SR . SR ? ? ? 1_555 I HOH .  O  ? ? A SR 103 B HOH 493 1_555 ? ? ? ? ? ? ?            2.636 ? ? 
metalc7  metalc ? ? C SR . SR ? ? ? 1_555 I HOH .  O  ? ? A SR 103 B HOH 638 1_555 ? ? ? ? ? ? ?            2.413 ? ? 
metalc8  metalc ? ? D SR . SR ? ? ? 1_555 H HOH .  O  ? ? A SR 104 A HOH 496 1_555 ? ? ? ? ? ? ?            2.671 ? ? 
metalc9  metalc ? ? D SR . SR ? ? ? 1_555 H HOH .  O  ? ? A SR 104 A HOH 497 1_555 ? ? ? ? ? ? ?            2.546 ? ? 
metalc10 metalc ? ? D SR . SR ? ? ? 1_555 H HOH .  O  ? ? A SR 104 A HOH 499 1_555 ? ? ? ? ? ? ?            2.753 ? ? 
metalc11 metalc ? ? D SR . SR ? ? ? 1_555 H HOH .  O  ? ? A SR 104 A HOH 500 1_555 ? ? ? ? ? ? ?            2.648 ? ? 
metalc12 metalc ? ? D SR . SR ? ? ? 1_555 I HOH .  O  ? ? A SR 104 B HOH 494 1_555 ? ? ? ? ? ? ?            2.728 ? ? 
metalc13 metalc ? ? D SR . SR ? ? ? 1_555 I HOH .  O  ? ? A SR 104 B HOH 495 1_555 ? ? ? ? ? ? ?            2.508 ? ? 
metalc14 metalc ? ? D SR . SR ? ? ? 1_555 I HOH .  O  ? ? A SR 104 B HOH 498 1_555 ? ? ? ? ? ? ?            2.700 ? ? 
metalc15 metalc ? ? E SR . SR ? ? ? 1_555 I HOH .  O  ? ? B SR 101 B HOH 472 1_555 ? ? ? ? ? ? ?            2.496 ? ? 
metalc16 metalc ? ? E SR . SR ? ? ? 1_555 I HOH .  O  ? ? B SR 101 B HOH 473 1_555 ? ? ? ? ? ? ?            2.553 ? ? 
metalc17 metalc ? ? E SR . SR ? ? ? 1_555 I HOH .  O  ? ? B SR 101 B HOH 474 1_555 ? ? ? ? ? ? ?            2.650 ? ? 
metalc18 metalc ? ? E SR . SR ? ? ? 1_555 I HOH .  O  ? ? B SR 101 B HOH 475 1_555 ? ? ? ? ? ? ?            2.673 ? ? 
metalc19 metalc ? ? E SR . SR ? ? ? 1_555 I HOH .  O  ? ? B SR 101 B HOH 476 1_555 ? ? ? ? ? ? ?            2.533 ? ? 
metalc20 metalc ? ? E SR . SR ? ? ? 1_555 I HOH .  O  ? ? B SR 101 B HOH 477 1_555 ? ? ? ? ? ? ?            2.624 ? ? 
metalc21 metalc ? ? E SR . SR ? ? ? 1_555 I HOH .  O  ? ? B SR 101 B HOH 478 1_555 ? ? ? ? ? ? ?            2.623 ? ? 
metalc22 metalc ? ? E SR . SR ? ? ? 1_555 I HOH .  O  ? ? B SR 101 B HOH 479 1_555 ? ? ? ? ? ? ?            2.693 ? ? 
metalc23 metalc ? ? F SR . SR ? ? ? 1_555 I HOH .  O  ? ? B SR 102 B HOH 480 1_555 ? ? ? ? ? ? ?            2.604 ? ? 
metalc24 metalc ? ? F SR . SR ? ? ? 1_555 I HOH .  O  ? ? B SR 102 B HOH 481 1_555 ? ? ? ? ? ? ?            2.669 ? ? 
metalc25 metalc ? ? F SR . SR ? ? ? 1_555 I HOH .  O  ? ? B SR 102 B HOH 482 1_555 ? ? ? ? ? ? ?            2.604 ? ? 
metalc26 metalc ? ? F SR . SR ? ? ? 1_555 I HOH .  O  ? ? B SR 102 B HOH 483 1_555 ? ? ? ? ? ? ?            2.642 ? ? 
metalc27 metalc ? ? F SR . SR ? ? ? 1_555 I HOH .  O  ? ? B SR 102 B HOH 484 1_555 ? ? ? ? ? ? ?            2.516 ? ? 
metalc28 metalc ? ? F SR . SR ? ? ? 1_555 I HOH .  O  ? ? B SR 102 B HOH 485 1_555 ? ? ? ? ? ? ?            2.727 ? ? 
metalc29 metalc ? ? F SR . SR ? ? ? 1_555 I HOH .  O  ? ? B SR 102 B HOH 486 1_555 ? ? ? ? ? ? ?            2.688 ? ? 
metalc30 metalc ? ? F SR . SR ? ? ? 1_555 I HOH .  O  ? ? B SR 102 B HOH 487 1_555 ? ? ? ? ? ? ?            2.745 ? ? 
metalc31 metalc ? ? G SR . SR ? ? ? 1_555 I HOH .  O  ? ? B SR 105 B HOH 466 1_555 ? ? ? ? ? ? ?            2.390 ? ? 
metalc32 metalc ? ? G SR . SR ? ? ? 1_555 I HOH .  O  ? ? B SR 105 B HOH 467 1_555 ? ? ? ? ? ? ?            2.832 ? ? 
metalc33 metalc ? ? G SR . SR ? ? ? 1_555 I HOH .  O  ? ? B SR 105 B HOH 468 1_555 ? ? ? ? ? ? ?            2.544 ? ? 
metalc34 metalc ? ? G SR . SR ? ? ? 1_555 I HOH .  O  ? ? B SR 105 B HOH 469 1_555 ? ? ? ? ? ? ?            2.683 ? ? 
metalc35 metalc ? ? G SR . SR ? ? ? 1_555 I HOH .  O  ? ? B SR 105 B HOH 470 1_555 ? ? ? ? ? ? ?            2.564 ? ? 
metalc36 metalc ? ? G SR . SR ? ? ? 1_555 I HOH .  O  ? ? B SR 105 B HOH 471 1_555 ? ? ? ? ? ? ?            2.599 ? ? 
metalc37 metalc ? ? G SR . SR ? ? ? 1_555 I HOH .  O  ? ? B SR 105 B HOH 639 1_555 ? ? ? ? ? ? ?            2.427 ? ? 
hydrog1  hydrog ? ? A DT 1 N3 ? ? ? 1_555 B DA  10 N1 ? ? A DT 1   B DA  10  1_555 ? ? ? ? ? ? WATSON-CRICK ?     ? ? 
hydrog2  hydrog ? ? A DT 1 O4 ? ? ? 1_555 B DA  10 N6 ? ? A DT 1   B DA  10  1_555 ? ? ? ? ? ? WATSON-CRICK ?     ? ? 
hydrog3  hydrog ? ? A DC 2 N3 ? ? ? 1_555 B DG  9  N1 ? ? A DC 2   B DG  9   1_555 ? ? ? ? ? ? WATSON-CRICK ?     ? ? 
hydrog4  hydrog ? ? A DC 2 N4 ? ? ? 1_555 B DG  9  O6 ? ? A DC 2   B DG  9   1_555 ? ? ? ? ? ? WATSON-CRICK ?     ? ? 
hydrog5  hydrog ? ? A DC 2 O2 ? ? ? 1_555 B DG  9  N2 ? ? A DC 2   B DG  9   1_555 ? ? ? ? ? ? WATSON-CRICK ?     ? ? 
hydrog6  hydrog ? ? A DG 3 N1 ? ? ? 1_555 B DC  8  N3 ? ? A DG 3   B DC  8   1_555 ? ? ? ? ? ? WATSON-CRICK ?     ? ? 
hydrog7  hydrog ? ? A DG 3 N2 ? ? ? 1_555 B DC  8  O2 ? ? A DG 3   B DC  8   1_555 ? ? ? ? ? ? WATSON-CRICK ?     ? ? 
hydrog8  hydrog ? ? A DG 3 O6 ? ? ? 1_555 B DC  8  N4 ? ? A DG 3   B DC  8   1_555 ? ? ? ? ? ? WATSON-CRICK ?     ? ? 
hydrog9  hydrog ? ? A DG 4 N1 ? ? ? 1_555 B DC  7  N3 ? ? A DG 4   B DC  7   1_555 ? ? ? ? ? ? WATSON-CRICK ?     ? ? 
hydrog10 hydrog ? ? A DG 4 N2 ? ? ? 1_555 B DC  7  O2 ? ? A DG 4   B DC  7   1_555 ? ? ? ? ? ? WATSON-CRICK ?     ? ? 
hydrog11 hydrog ? ? A DG 4 O6 ? ? ? 1_555 B DC  7  N4 ? ? A DG 4   B DC  7   1_555 ? ? ? ? ? ? WATSON-CRICK ?     ? ? 
hydrog12 hydrog ? ? A DT 5 N3 ? ? ? 1_555 B DA  6  N1 ? ? A DT 5   B DA  6   1_555 ? ? ? ? ? ? WATSON-CRICK ?     ? ? 
hydrog13 hydrog ? ? A DT 5 O4 ? ? ? 1_555 B DA  6  N6 ? ? A DT 5   B DA  6   1_555 ? ? ? ? ? ? WATSON-CRICK ?     ? ? 
hydrog14 hydrog ? ? A DA 6 N1 ? ? ? 1_555 B DT  5  N3 ? ? A DA 6   B DT  5   1_555 ? ? ? ? ? ? WATSON-CRICK ?     ? ? 
hydrog15 hydrog ? ? A DA 6 N6 ? ? ? 1_555 B DT  5  O4 ? ? A DA 6   B DT  5   1_555 ? ? ? ? ? ? WATSON-CRICK ?     ? ? 
# 
loop_
_struct_conn_type.id 
_struct_conn_type.criteria 
_struct_conn_type.reference 
metalc ? ? 
hydrog ? ? 
# 
loop_
_pdbx_struct_conn_angle.id 
_pdbx_struct_conn_angle.ptnr1_label_atom_id 
_pdbx_struct_conn_angle.ptnr1_label_alt_id 
_pdbx_struct_conn_angle.ptnr1_label_asym_id 
_pdbx_struct_conn_angle.ptnr1_label_comp_id 
_pdbx_struct_conn_angle.ptnr1_label_seq_id 
_pdbx_struct_conn_angle.ptnr1_auth_atom_id 
_pdbx_struct_conn_angle.ptnr1_auth_asym_id 
_pdbx_struct_conn_angle.ptnr1_auth_comp_id 
_pdbx_struct_conn_angle.ptnr1_auth_seq_id 
_pdbx_struct_conn_angle.ptnr1_PDB_ins_code 
_pdbx_struct_conn_angle.ptnr1_symmetry 
_pdbx_struct_conn_angle.ptnr2_label_atom_id 
_pdbx_struct_conn_angle.ptnr2_label_alt_id 
_pdbx_struct_conn_angle.ptnr2_label_asym_id 
_pdbx_struct_conn_angle.ptnr2_label_comp_id 
_pdbx_struct_conn_angle.ptnr2_label_seq_id 
_pdbx_struct_conn_angle.ptnr2_auth_atom_id 
_pdbx_struct_conn_angle.ptnr2_auth_asym_id 
_pdbx_struct_conn_angle.ptnr2_auth_comp_id 
_pdbx_struct_conn_angle.ptnr2_auth_seq_id 
_pdbx_struct_conn_angle.ptnr2_PDB_ins_code 
_pdbx_struct_conn_angle.ptnr2_symmetry 
_pdbx_struct_conn_angle.ptnr3_label_atom_id 
_pdbx_struct_conn_angle.ptnr3_label_alt_id 
_pdbx_struct_conn_angle.ptnr3_label_asym_id 
_pdbx_struct_conn_angle.ptnr3_label_comp_id 
_pdbx_struct_conn_angle.ptnr3_label_seq_id 
_pdbx_struct_conn_angle.ptnr3_auth_atom_id 
_pdbx_struct_conn_angle.ptnr3_auth_asym_id 
_pdbx_struct_conn_angle.ptnr3_auth_comp_id 
_pdbx_struct_conn_angle.ptnr3_auth_seq_id 
_pdbx_struct_conn_angle.ptnr3_PDB_ins_code 
_pdbx_struct_conn_angle.ptnr3_symmetry 
_pdbx_struct_conn_angle.value 
_pdbx_struct_conn_angle.value_esd 
1   O ? H HOH . ? A HOH 489 ? 1_555 SR ? C SR . ? A SR 103 ? 1_555 O ? H HOH . ? A HOH 490 ? 1_555 76.3  ? 
2   O ? H HOH . ? A HOH 489 ? 1_555 SR ? C SR . ? A SR 103 ? 1_555 O ? H HOH . ? A HOH 491 ? 1_555 81.7  ? 
3   O ? H HOH . ? A HOH 490 ? 1_555 SR ? C SR . ? A SR 103 ? 1_555 O ? H HOH . ? A HOH 491 ? 1_555 78.1  ? 
4   O ? H HOH . ? A HOH 489 ? 1_555 SR ? C SR . ? A SR 103 ? 1_555 O ? I HOH . ? B HOH 488 ? 1_555 127.5 ? 
5   O ? H HOH . ? A HOH 490 ? 1_555 SR ? C SR . ? A SR 103 ? 1_555 O ? I HOH . ? B HOH 488 ? 1_555 136.1 ? 
6   O ? H HOH . ? A HOH 491 ? 1_555 SR ? C SR . ? A SR 103 ? 1_555 O ? I HOH . ? B HOH 488 ? 1_555 71.4  ? 
7   O ? H HOH . ? A HOH 489 ? 1_555 SR ? C SR . ? A SR 103 ? 1_555 O ? I HOH . ? B HOH 492 ? 1_555 148.2 ? 
8   O ? H HOH . ? A HOH 490 ? 1_555 SR ? C SR . ? A SR 103 ? 1_555 O ? I HOH . ? B HOH 492 ? 1_555 73.7  ? 
9   O ? H HOH . ? A HOH 491 ? 1_555 SR ? C SR . ? A SR 103 ? 1_555 O ? I HOH . ? B HOH 492 ? 1_555 102.0 ? 
10  O ? I HOH . ? B HOH 488 ? 1_555 SR ? C SR . ? A SR 103 ? 1_555 O ? I HOH . ? B HOH 492 ? 1_555 82.5  ? 
11  O ? H HOH . ? A HOH 489 ? 1_555 SR ? C SR . ? A SR 103 ? 1_555 O ? I HOH . ? B HOH 493 ? 1_555 113.7 ? 
12  O ? H HOH . ? A HOH 490 ? 1_555 SR ? C SR . ? A SR 103 ? 1_555 O ? I HOH . ? B HOH 493 ? 1_555 131.4 ? 
13  O ? H HOH . ? A HOH 491 ? 1_555 SR ? C SR . ? A SR 103 ? 1_555 O ? I HOH . ? B HOH 493 ? 1_555 148.0 ? 
14  O ? I HOH . ? B HOH 488 ? 1_555 SR ? C SR . ? A SR 103 ? 1_555 O ? I HOH . ? B HOH 493 ? 1_555 77.3  ? 
15  O ? I HOH . ? B HOH 492 ? 1_555 SR ? C SR . ? A SR 103 ? 1_555 O ? I HOH . ? B HOH 493 ? 1_555 79.7  ? 
16  O ? H HOH . ? A HOH 489 ? 1_555 SR ? C SR . ? A SR 103 ? 1_555 O ? I HOH . ? B HOH 638 ? 1_555 87.7  ? 
17  O ? H HOH . ? A HOH 490 ? 1_555 SR ? C SR . ? A SR 103 ? 1_555 O ? I HOH . ? B HOH 638 ? 1_555 67.7  ? 
18  O ? H HOH . ? A HOH 491 ? 1_555 SR ? C SR . ? A SR 103 ? 1_555 O ? I HOH . ? B HOH 638 ? 1_555 145.7 ? 
19  O ? I HOH . ? B HOH 488 ? 1_555 SR ? C SR . ? A SR 103 ? 1_555 O ? I HOH . ? B HOH 638 ? 1_555 137.4 ? 
20  O ? I HOH . ? B HOH 492 ? 1_555 SR ? C SR . ? A SR 103 ? 1_555 O ? I HOH . ? B HOH 638 ? 1_555 71.4  ? 
21  O ? I HOH . ? B HOH 493 ? 1_555 SR ? C SR . ? A SR 103 ? 1_555 O ? I HOH . ? B HOH 638 ? 1_555 65.6  ? 
22  O ? H HOH . ? A HOH 496 ? 1_555 SR ? D SR . ? A SR 104 ? 1_555 O ? H HOH . ? A HOH 497 ? 1_555 137.6 ? 
23  O ? H HOH . ? A HOH 496 ? 1_555 SR ? D SR . ? A SR 104 ? 1_555 O ? H HOH . ? A HOH 499 ? 1_555 67.3  ? 
24  O ? H HOH . ? A HOH 497 ? 1_555 SR ? D SR . ? A SR 104 ? 1_555 O ? H HOH . ? A HOH 499 ? 1_555 70.4  ? 
25  O ? H HOH . ? A HOH 496 ? 1_555 SR ? D SR . ? A SR 104 ? 1_555 O ? H HOH . ? A HOH 500 ? 1_555 63.1  ? 
26  O ? H HOH . ? A HOH 497 ? 1_555 SR ? D SR . ? A SR 104 ? 1_555 O ? H HOH . ? A HOH 500 ? 1_555 148.5 ? 
27  O ? H HOH . ? A HOH 499 ? 1_555 SR ? D SR . ? A SR 104 ? 1_555 O ? H HOH . ? A HOH 500 ? 1_555 120.7 ? 
28  O ? H HOH . ? A HOH 496 ? 1_555 SR ? D SR . ? A SR 104 ? 1_555 O ? I HOH . ? B HOH 494 ? 1_555 118.0 ? 
29  O ? H HOH . ? A HOH 497 ? 1_555 SR ? D SR . ? A SR 104 ? 1_555 O ? I HOH . ? B HOH 494 ? 1_555 91.6  ? 
30  O ? H HOH . ? A HOH 499 ? 1_555 SR ? D SR . ? A SR 104 ? 1_555 O ? I HOH . ? B HOH 494 ? 1_555 136.9 ? 
31  O ? H HOH . ? A HOH 500 ? 1_555 SR ? D SR . ? A SR 104 ? 1_555 O ? I HOH . ? B HOH 494 ? 1_555 95.3  ? 
32  O ? H HOH . ? A HOH 496 ? 1_555 SR ? D SR . ? A SR 104 ? 1_555 O ? I HOH . ? B HOH 495 ? 1_555 133.7 ? 
33  O ? H HOH . ? A HOH 497 ? 1_555 SR ? D SR . ? A SR 104 ? 1_555 O ? I HOH . ? B HOH 495 ? 1_555 82.0  ? 
34  O ? H HOH . ? A HOH 499 ? 1_555 SR ? D SR . ? A SR 104 ? 1_555 O ? I HOH . ? B HOH 495 ? 1_555 138.3 ? 
35  O ? H HOH . ? A HOH 500 ? 1_555 SR ? D SR . ? A SR 104 ? 1_555 O ? I HOH . ? B HOH 495 ? 1_555 71.2  ? 
36  O ? I HOH . ? B HOH 494 ? 1_555 SR ? D SR . ? A SR 104 ? 1_555 O ? I HOH . ? B HOH 495 ? 1_555 72.1  ? 
37  O ? H HOH . ? A HOH 496 ? 1_555 SR ? D SR . ? A SR 104 ? 1_555 O ? I HOH . ? B HOH 498 ? 1_555 73.3  ? 
38  O ? H HOH . ? A HOH 497 ? 1_555 SR ? D SR . ? A SR 104 ? 1_555 O ? I HOH . ? B HOH 498 ? 1_555 93.0  ? 
39  O ? H HOH . ? A HOH 499 ? 1_555 SR ? D SR . ? A SR 104 ? 1_555 O ? I HOH . ? B HOH 498 ? 1_555 73.8  ? 
40  O ? H HOH . ? A HOH 500 ? 1_555 SR ? D SR . ? A SR 104 ? 1_555 O ? I HOH . ? B HOH 498 ? 1_555 118.1 ? 
41  O ? I HOH . ? B HOH 494 ? 1_555 SR ? D SR . ? A SR 104 ? 1_555 O ? I HOH . ? B HOH 498 ? 1_555 68.4  ? 
42  O ? I HOH . ? B HOH 495 ? 1_555 SR ? D SR . ? A SR 104 ? 1_555 O ? I HOH . ? B HOH 498 ? 1_555 140.0 ? 
43  O ? I HOH . ? B HOH 472 ? 1_555 SR ? E SR . ? B SR 101 ? 1_555 O ? I HOH . ? B HOH 473 ? 1_555 78.1  ? 
44  O ? I HOH . ? B HOH 472 ? 1_555 SR ? E SR . ? B SR 101 ? 1_555 O ? I HOH . ? B HOH 474 ? 1_555 78.9  ? 
45  O ? I HOH . ? B HOH 473 ? 1_555 SR ? E SR . ? B SR 101 ? 1_555 O ? I HOH . ? B HOH 474 ? 1_555 70.0  ? 
46  O ? I HOH . ? B HOH 472 ? 1_555 SR ? E SR . ? B SR 101 ? 1_555 O ? I HOH . ? B HOH 475 ? 1_555 142.1 ? 
47  O ? I HOH . ? B HOH 473 ? 1_555 SR ? E SR . ? B SR 101 ? 1_555 O ? I HOH . ? B HOH 475 ? 1_555 73.9  ? 
48  O ? I HOH . ? B HOH 474 ? 1_555 SR ? E SR . ? B SR 101 ? 1_555 O ? I HOH . ? B HOH 475 ? 1_555 67.8  ? 
49  O ? I HOH . ? B HOH 472 ? 1_555 SR ? E SR . ? B SR 101 ? 1_555 O ? I HOH . ? B HOH 476 ? 1_555 85.4  ? 
50  O ? I HOH . ? B HOH 473 ? 1_555 SR ? E SR . ? B SR 101 ? 1_555 O ? I HOH . ? B HOH 476 ? 1_555 146.2 ? 
51  O ? I HOH . ? B HOH 474 ? 1_555 SR ? E SR . ? B SR 101 ? 1_555 O ? I HOH . ? B HOH 476 ? 1_555 78.1  ? 
52  O ? I HOH . ? B HOH 475 ? 1_555 SR ? E SR . ? B SR 101 ? 1_555 O ? I HOH . ? B HOH 476 ? 1_555 104.3 ? 
53  O ? I HOH . ? B HOH 472 ? 1_555 SR ? E SR . ? B SR 101 ? 1_555 O ? I HOH . ? B HOH 477 ? 1_555 76.0  ? 
54  O ? I HOH . ? B HOH 473 ? 1_555 SR ? E SR . ? B SR 101 ? 1_555 O ? I HOH . ? B HOH 477 ? 1_555 129.2 ? 
55  O ? I HOH . ? B HOH 474 ? 1_555 SR ? E SR . ? B SR 101 ? 1_555 O ? I HOH . ? B HOH 477 ? 1_555 142.9 ? 
56  O ? I HOH . ? B HOH 475 ? 1_555 SR ? E SR . ? B SR 101 ? 1_555 O ? I HOH . ? B HOH 477 ? 1_555 141.9 ? 
57  O ? I HOH . ? B HOH 476 ? 1_555 SR ? E SR . ? B SR 101 ? 1_555 O ? I HOH . ? B HOH 477 ? 1_555 73.1  ? 
58  O ? I HOH . ? B HOH 472 ? 1_555 SR ? E SR . ? B SR 101 ? 1_555 O ? I HOH . ? B HOH 478 ? 1_555 143.7 ? 
59  O ? I HOH . ? B HOH 473 ? 1_555 SR ? E SR . ? B SR 101 ? 1_555 O ? I HOH . ? B HOH 478 ? 1_555 135.3 ? 
60  O ? I HOH . ? B HOH 474 ? 1_555 SR ? E SR . ? B SR 101 ? 1_555 O ? I HOH . ? B HOH 478 ? 1_555 121.0 ? 
61  O ? I HOH . ? B HOH 475 ? 1_555 SR ? E SR . ? B SR 101 ? 1_555 O ? I HOH . ? B HOH 478 ? 1_555 72.5  ? 
62  O ? I HOH . ? B HOH 476 ? 1_555 SR ? E SR . ? B SR 101 ? 1_555 O ? I HOH . ? B HOH 478 ? 1_555 71.4  ? 
63  O ? I HOH . ? B HOH 477 ? 1_555 SR ? E SR . ? B SR 101 ? 1_555 O ? I HOH . ? B HOH 478 ? 1_555 70.8  ? 
64  O ? I HOH . ? B HOH 472 ? 1_555 SR ? E SR . ? B SR 101 ? 1_555 O ? I HOH . ? B HOH 479 ? 1_555 92.9  ? 
65  O ? I HOH . ? B HOH 473 ? 1_555 SR ? E SR . ? B SR 101 ? 1_555 O ? I HOH . ? B HOH 479 ? 1_555 67.2  ? 
66  O ? I HOH . ? B HOH 474 ? 1_555 SR ? E SR . ? B SR 101 ? 1_555 O ? I HOH . ? B HOH 479 ? 1_555 137.1 ? 
67  O ? I HOH . ? B HOH 475 ? 1_555 SR ? E SR . ? B SR 101 ? 1_555 O ? I HOH . ? B HOH 479 ? 1_555 99.2  ? 
68  O ? I HOH . ? B HOH 476 ? 1_555 SR ? E SR . ? B SR 101 ? 1_555 O ? I HOH . ? B HOH 479 ? 1_555 143.7 ? 
69  O ? I HOH . ? B HOH 477 ? 1_555 SR ? E SR . ? B SR 101 ? 1_555 O ? I HOH . ? B HOH 479 ? 1_555 71.3  ? 
70  O ? I HOH . ? B HOH 478 ? 1_555 SR ? E SR . ? B SR 101 ? 1_555 O ? I HOH . ? B HOH 479 ? 1_555 90.2  ? 
71  O ? I HOH . ? B HOH 480 ? 1_555 SR ? F SR . ? B SR 102 ? 1_555 O ? I HOH . ? B HOH 481 ? 1_555 76.8  ? 
72  O ? I HOH . ? B HOH 480 ? 1_555 SR ? F SR . ? B SR 102 ? 1_555 O ? I HOH . ? B HOH 482 ? 1_555 147.2 ? 
73  O ? I HOH . ? B HOH 481 ? 1_555 SR ? F SR . ? B SR 102 ? 1_555 O ? I HOH . ? B HOH 482 ? 1_555 76.1  ? 
74  O ? I HOH . ? B HOH 480 ? 1_555 SR ? F SR . ? B SR 102 ? 1_555 O ? I HOH . ? B HOH 483 ? 1_555 64.8  ? 
75  O ? I HOH . ? B HOH 481 ? 1_555 SR ? F SR . ? B SR 102 ? 1_555 O ? I HOH . ? B HOH 483 ? 1_555 134.3 ? 
76  O ? I HOH . ? B HOH 482 ? 1_555 SR ? F SR . ? B SR 102 ? 1_555 O ? I HOH . ? B HOH 483 ? 1_555 147.3 ? 
77  O ? I HOH . ? B HOH 480 ? 1_555 SR ? F SR . ? B SR 102 ? 1_555 O ? I HOH . ? B HOH 484 ? 1_555 85.8  ? 
78  O ? I HOH . ? B HOH 481 ? 1_555 SR ? F SR . ? B SR 102 ? 1_555 O ? I HOH . ? B HOH 484 ? 1_555 74.6  ? 
79  O ? I HOH . ? B HOH 482 ? 1_555 SR ? F SR . ? B SR 102 ? 1_555 O ? I HOH . ? B HOH 484 ? 1_555 69.5  ? 
80  O ? I HOH . ? B HOH 483 ? 1_555 SR ? F SR . ? B SR 102 ? 1_555 O ? I HOH . ? B HOH 484 ? 1_555 123.5 ? 
81  O ? I HOH . ? B HOH 480 ? 1_555 SR ? F SR . ? B SR 102 ? 1_555 O ? I HOH . ? B HOH 485 ? 1_555 136.7 ? 
82  O ? I HOH . ? B HOH 481 ? 1_555 SR ? F SR . ? B SR 102 ? 1_555 O ? I HOH . ? B HOH 485 ? 1_555 136.0 ? 
83  O ? I HOH . ? B HOH 482 ? 1_555 SR ? F SR . ? B SR 102 ? 1_555 O ? I HOH . ? B HOH 485 ? 1_555 76.1  ? 
84  O ? I HOH . ? B HOH 483 ? 1_555 SR ? F SR . ? B SR 102 ? 1_555 O ? I HOH . ? B HOH 485 ? 1_555 72.3  ? 
85  O ? I HOH . ? B HOH 484 ? 1_555 SR ? F SR . ? B SR 102 ? 1_555 O ? I HOH . ? B HOH 485 ? 1_555 124.8 ? 
86  O ? I HOH . ? B HOH 480 ? 1_555 SR ? F SR . ? B SR 102 ? 1_555 O ? I HOH . ? B HOH 486 ? 1_555 103.5 ? 
87  O ? I HOH . ? B HOH 481 ? 1_555 SR ? F SR . ? B SR 102 ? 1_555 O ? I HOH . ? B HOH 486 ? 1_555 146.2 ? 
88  O ? I HOH . ? B HOH 482 ? 1_555 SR ? F SR . ? B SR 102 ? 1_555 O ? I HOH . ? B HOH 486 ? 1_555 89.2  ? 
89  O ? I HOH . ? B HOH 483 ? 1_555 SR ? F SR . ? B SR 102 ? 1_555 O ? I HOH . ? B HOH 486 ? 1_555 70.3  ? 
90  O ? I HOH . ? B HOH 484 ? 1_555 SR ? F SR . ? B SR 102 ? 1_555 O ? I HOH . ? B HOH 486 ? 1_555 71.8  ? 
91  O ? I HOH . ? B HOH 485 ? 1_555 SR ? F SR . ? B SR 102 ? 1_555 O ? I HOH . ? B HOH 486 ? 1_555 65.8  ? 
92  O ? I HOH . ? B HOH 480 ? 1_555 SR ? F SR . ? B SR 102 ? 1_555 O ? I HOH . ? B HOH 487 ? 1_555 92.4  ? 
93  O ? I HOH . ? B HOH 481 ? 1_555 SR ? F SR . ? B SR 102 ? 1_555 O ? I HOH . ? B HOH 487 ? 1_555 72.5  ? 
94  O ? I HOH . ? B HOH 482 ? 1_555 SR ? F SR . ? B SR 102 ? 1_555 O ? I HOH . ? B HOH 487 ? 1_555 96.8  ? 
95  O ? I HOH . ? B HOH 483 ? 1_555 SR ? F SR . ? B SR 102 ? 1_555 O ? I HOH . ? B HOH 487 ? 1_555 84.8  ? 
96  O ? I HOH . ? B HOH 484 ? 1_555 SR ? F SR . ? B SR 102 ? 1_555 O ? I HOH . ? B HOH 487 ? 1_555 146.6 ? 
97  O ? I HOH . ? B HOH 485 ? 1_555 SR ? F SR . ? B SR 102 ? 1_555 O ? I HOH . ? B HOH 487 ? 1_555 77.6  ? 
98  O ? I HOH . ? B HOH 486 ? 1_555 SR ? F SR . ? B SR 102 ? 1_555 O ? I HOH . ? B HOH 487 ? 1_555 140.4 ? 
99  O ? I HOH . ? B HOH 466 ? 1_555 SR ? G SR . ? B SR 105 ? 1_555 O ? I HOH . ? B HOH 467 ? 1_555 142.4 ? 
100 O ? I HOH . ? B HOH 466 ? 1_555 SR ? G SR . ? B SR 105 ? 1_555 O ? I HOH . ? B HOH 468 ? 1_555 75.6  ? 
101 O ? I HOH . ? B HOH 467 ? 1_555 SR ? G SR . ? B SR 105 ? 1_555 O ? I HOH . ? B HOH 468 ? 1_555 110.8 ? 
102 O ? I HOH . ? B HOH 466 ? 1_555 SR ? G SR . ? B SR 105 ? 1_555 O ? I HOH . ? B HOH 469 ? 1_555 83.2  ? 
103 O ? I HOH . ? B HOH 467 ? 1_555 SR ? G SR . ? B SR 105 ? 1_555 O ? I HOH . ? B HOH 469 ? 1_555 68.2  ? 
104 O ? I HOH . ? B HOH 468 ? 1_555 SR ? G SR . ? B SR 105 ? 1_555 O ? I HOH . ? B HOH 469 ? 1_555 139.5 ? 
105 O ? I HOH . ? B HOH 466 ? 1_555 SR ? G SR . ? B SR 105 ? 1_555 O ? I HOH . ? B HOH 470 ? 1_555 86.3  ? 
106 O ? I HOH . ? B HOH 467 ? 1_555 SR ? G SR . ? B SR 105 ? 1_555 O ? I HOH . ? B HOH 470 ? 1_555 63.3  ? 
107 O ? I HOH . ? B HOH 468 ? 1_555 SR ? G SR . ? B SR 105 ? 1_555 O ? I HOH . ? B HOH 470 ? 1_555 70.6  ? 
108 O ? I HOH . ? B HOH 469 ? 1_555 SR ? G SR . ? B SR 105 ? 1_555 O ? I HOH . ? B HOH 470 ? 1_555 74.0  ? 
109 O ? I HOH . ? B HOH 466 ? 1_555 SR ? G SR . ? B SR 105 ? 1_555 O ? I HOH . ? B HOH 471 ? 1_555 100.2 ? 
110 O ? I HOH . ? B HOH 467 ? 1_555 SR ? G SR . ? B SR 105 ? 1_555 O ? I HOH . ? B HOH 471 ? 1_555 95.7  ? 
111 O ? I HOH . ? B HOH 468 ? 1_555 SR ? G SR . ? B SR 105 ? 1_555 O ? I HOH . ? B HOH 471 ? 1_555 141.8 ? 
112 O ? I HOH . ? B HOH 469 ? 1_555 SR ? G SR . ? B SR 105 ? 1_555 O ? I HOH . ? B HOH 471 ? 1_555 75.3  ? 
113 O ? I HOH . ? B HOH 470 ? 1_555 SR ? G SR . ? B SR 105 ? 1_555 O ? I HOH . ? B HOH 471 ? 1_555 147.6 ? 
114 O ? I HOH . ? B HOH 466 ? 1_555 SR ? G SR . ? B SR 105 ? 1_555 O ? I HOH . ? B HOH 639 ? 1_555 74.3  ? 
115 O ? I HOH . ? B HOH 467 ? 1_555 SR ? G SR . ? B SR 105 ? 1_555 O ? I HOH . ? B HOH 639 ? 1_555 142.4 ? 
116 O ? I HOH . ? B HOH 468 ? 1_555 SR ? G SR . ? B SR 105 ? 1_555 O ? I HOH . ? B HOH 639 ? 1_555 81.4  ? 
117 O ? I HOH . ? B HOH 469 ? 1_555 SR ? G SR . ? B SR 105 ? 1_555 O ? I HOH . ? B HOH 639 ? 1_555 125.4 ? 
118 O ? I HOH . ? B HOH 470 ? 1_555 SR ? G SR . ? B SR 105 ? 1_555 O ? I HOH . ? B HOH 639 ? 1_555 149.2 ? 
119 O ? I HOH . ? B HOH 471 ? 1_555 SR ? G SR . ? B SR 105 ? 1_555 O ? I HOH . ? B HOH 639 ? 1_555 61.3  ? 
# 
loop_
_struct_site.id 
_struct_site.pdbx_evidence_code 
_struct_site.pdbx_auth_asym_id 
_struct_site.pdbx_auth_comp_id 
_struct_site.pdbx_auth_seq_id 
_struct_site.pdbx_auth_ins_code 
_struct_site.pdbx_num_residues 
_struct_site.details 
AC1 Software B SR 101 ? 8 'BINDING SITE FOR RESIDUE SR B 101' 
AC2 Software B SR 102 ? 8 'BINDING SITE FOR RESIDUE SR B 102' 
AC3 Software A SR 103 ? 7 'BINDING SITE FOR RESIDUE SR A 103' 
AC4 Software A SR 104 ? 7 'BINDING SITE FOR RESIDUE SR A 104' 
AC5 Software B SR 105 ? 7 'BINDING SITE FOR RESIDUE SR B 105' 
# 
loop_
_struct_site_gen.id 
_struct_site_gen.site_id 
_struct_site_gen.pdbx_num_res 
_struct_site_gen.label_comp_id 
_struct_site_gen.label_asym_id 
_struct_site_gen.label_seq_id 
_struct_site_gen.pdbx_auth_ins_code 
_struct_site_gen.auth_comp_id 
_struct_site_gen.auth_asym_id 
_struct_site_gen.auth_seq_id 
_struct_site_gen.label_atom_id 
_struct_site_gen.label_alt_id 
_struct_site_gen.symmetry 
_struct_site_gen.details 
1  AC1 8 HOH I . ? HOH B 472 . ? 1_555 ? 
2  AC1 8 HOH I . ? HOH B 473 . ? 1_555 ? 
3  AC1 8 HOH I . ? HOH B 474 . ? 1_555 ? 
4  AC1 8 HOH I . ? HOH B 475 . ? 1_555 ? 
5  AC1 8 HOH I . ? HOH B 476 . ? 1_555 ? 
6  AC1 8 HOH I . ? HOH B 477 . ? 1_555 ? 
7  AC1 8 HOH I . ? HOH B 478 . ? 1_555 ? 
8  AC1 8 HOH I . ? HOH B 479 . ? 1_555 ? 
9  AC2 8 HOH I . ? HOH B 480 . ? 1_555 ? 
10 AC2 8 HOH I . ? HOH B 481 . ? 1_555 ? 
11 AC2 8 HOH I . ? HOH B 482 . ? 1_555 ? 
12 AC2 8 HOH I . ? HOH B 483 . ? 1_555 ? 
13 AC2 8 HOH I . ? HOH B 484 . ? 1_555 ? 
14 AC2 8 HOH I . ? HOH B 485 . ? 1_555 ? 
15 AC2 8 HOH I . ? HOH B 486 . ? 1_555 ? 
16 AC2 8 HOH I . ? HOH B 487 . ? 1_555 ? 
17 AC3 7 HOH H . ? HOH A 489 . ? 1_555 ? 
18 AC3 7 HOH H . ? HOH A 490 . ? 1_555 ? 
19 AC3 7 HOH H . ? HOH A 491 . ? 1_555 ? 
20 AC3 7 HOH I . ? HOH B 488 . ? 1_555 ? 
21 AC3 7 HOH I . ? HOH B 492 . ? 1_555 ? 
22 AC3 7 HOH I . ? HOH B 493 . ? 1_555 ? 
23 AC3 7 HOH I . ? HOH B 638 . ? 1_555 ? 
24 AC4 7 HOH H . ? HOH A 496 . ? 1_555 ? 
25 AC4 7 HOH H . ? HOH A 497 . ? 1_555 ? 
26 AC4 7 HOH H . ? HOH A 499 . ? 1_555 ? 
27 AC4 7 HOH H . ? HOH A 500 . ? 1_555 ? 
28 AC4 7 HOH I . ? HOH B 494 . ? 1_555 ? 
29 AC4 7 HOH I . ? HOH B 495 . ? 1_555 ? 
30 AC4 7 HOH I . ? HOH B 498 . ? 1_555 ? 
31 AC5 7 HOH I . ? HOH B 466 . ? 1_555 ? 
32 AC5 7 HOH I . ? HOH B 467 . ? 1_555 ? 
33 AC5 7 HOH I . ? HOH B 468 . ? 1_555 ? 
34 AC5 7 HOH I . ? HOH B 469 . ? 1_555 ? 
35 AC5 7 HOH I . ? HOH B 470 . ? 1_555 ? 
36 AC5 7 HOH I . ? HOH B 471 . ? 1_555 ? 
37 AC5 7 HOH I . ? HOH B 639 . ? 1_555 ? 
# 
loop_
_pdbx_validate_rmsd_bond.id 
_pdbx_validate_rmsd_bond.PDB_model_num 
_pdbx_validate_rmsd_bond.auth_atom_id_1 
_pdbx_validate_rmsd_bond.auth_asym_id_1 
_pdbx_validate_rmsd_bond.auth_comp_id_1 
_pdbx_validate_rmsd_bond.auth_seq_id_1 
_pdbx_validate_rmsd_bond.PDB_ins_code_1 
_pdbx_validate_rmsd_bond.label_alt_id_1 
_pdbx_validate_rmsd_bond.auth_atom_id_2 
_pdbx_validate_rmsd_bond.auth_asym_id_2 
_pdbx_validate_rmsd_bond.auth_comp_id_2 
_pdbx_validate_rmsd_bond.auth_seq_id_2 
_pdbx_validate_rmsd_bond.PDB_ins_code_2 
_pdbx_validate_rmsd_bond.label_alt_id_2 
_pdbx_validate_rmsd_bond.bond_value 
_pdbx_validate_rmsd_bond.bond_target_value 
_pdbx_validate_rmsd_bond.bond_deviation 
_pdbx_validate_rmsd_bond.bond_standard_deviation 
_pdbx_validate_rmsd_bond.linker_flag 
1 1 "O3'" A DT 1 ? ? "C3'" A DT 1 ? ? 1.379 1.419 -0.040 0.006 N 
2 1 C5    A DG 9 ? ? N7    A DG 9 ? ? 1.335 1.388 -0.053 0.006 N 
3 1 "O3'" B DG 4 ? ? "C3'" B DG 4 ? ? 1.370 1.419 -0.049 0.006 N 
4 1 "O3'" B DT 5 ? ? "C3'" B DT 5 ? ? 1.366 1.419 -0.053 0.006 N 
# 
loop_
_pdbx_validate_rmsd_angle.id 
_pdbx_validate_rmsd_angle.PDB_model_num 
_pdbx_validate_rmsd_angle.auth_atom_id_1 
_pdbx_validate_rmsd_angle.auth_asym_id_1 
_pdbx_validate_rmsd_angle.auth_comp_id_1 
_pdbx_validate_rmsd_angle.auth_seq_id_1 
_pdbx_validate_rmsd_angle.PDB_ins_code_1 
_pdbx_validate_rmsd_angle.label_alt_id_1 
_pdbx_validate_rmsd_angle.auth_atom_id_2 
_pdbx_validate_rmsd_angle.auth_asym_id_2 
_pdbx_validate_rmsd_angle.auth_comp_id_2 
_pdbx_validate_rmsd_angle.auth_seq_id_2 
_pdbx_validate_rmsd_angle.PDB_ins_code_2 
_pdbx_validate_rmsd_angle.label_alt_id_2 
_pdbx_validate_rmsd_angle.auth_atom_id_3 
_pdbx_validate_rmsd_angle.auth_asym_id_3 
_pdbx_validate_rmsd_angle.auth_comp_id_3 
_pdbx_validate_rmsd_angle.auth_seq_id_3 
_pdbx_validate_rmsd_angle.PDB_ins_code_3 
_pdbx_validate_rmsd_angle.label_alt_id_3 
_pdbx_validate_rmsd_angle.angle_value 
_pdbx_validate_rmsd_angle.angle_target_value 
_pdbx_validate_rmsd_angle.angle_deviation 
_pdbx_validate_rmsd_angle.angle_standard_deviation 
_pdbx_validate_rmsd_angle.linker_flag 
1  1 N3    A DT 1  ? ? C4    A DT 1  ? ? O4    A DT 1  ? ? 123.93 119.90 4.03  0.60 N 
2  1 C2    A DC 2  ? ? N3    A DC 2  ? ? C4    A DC 2  ? ? 123.43 119.90 3.53  0.50 N 
3  1 C5    A DC 2  ? ? C6    A DC 2  ? ? N1    A DC 2  ? ? 124.29 121.00 3.29  0.50 N 
4  1 "C3'" A DT 5  ? ? "C2'" A DT 5  ? ? "C1'" A DT 5  ? ? 97.39  102.40 -5.01 0.80 N 
5  1 "O4'" A DT 5  ? ? "C1'" A DT 5  ? ? N1    A DT 5  ? ? 110.23 108.30 1.93  0.30 N 
6  1 C6    A DA 6  ? ? N1    A DA 6  ? ? C2    A DA 6  ? ? 123.42 118.60 4.82  0.60 N 
7  1 N1    A DA 6  ? ? C2    A DA 6  ? ? N3    A DA 6  ? ? 123.34 129.30 -5.96 0.50 N 
8  1 C8    A DA 6  ? ? N9    A DA 6  ? ? C4    A DA 6  ? ? 108.52 105.80 2.72  0.40 N 
9  1 N9    A DA 6  ? ? C4    A DA 6  ? ? C5    A DA 6  ? ? 102.36 105.80 -3.44 0.40 N 
10 1 N1    A DA 6  ? ? C6    A DA 6  ? ? N6    A DA 6  ? ? 123.24 118.60 4.64  0.60 N 
11 1 C2    A DC 7  ? ? N3    A DC 7  ? ? C4    A DC 7  ? ? 124.85 119.90 4.95  0.50 N 
12 1 N3    A DC 7  ? ? C4    A DC 7  ? ? C5    A DC 7  ? ? 118.45 121.90 -3.45 0.40 N 
13 1 C5    A DC 7  ? ? C6    A DC 7  ? ? N1    A DC 7  ? ? 124.21 121.00 3.21  0.50 N 
14 1 "O4'" A DC 8  ? ? "C1'" A DC 8  ? ? N1    A DC 8  ? ? 103.10 108.00 -4.90 0.70 N 
15 1 "O4'" B DT 1  ? ? "C1'" B DT 1  ? ? N1    B DT 1  ? ? 110.14 108.30 1.84  0.30 N 
16 1 "O4'" B DC 2  ? ? "C1'" B DC 2  ? ? N1    B DC 2  ? ? 103.64 108.00 -4.36 0.70 N 
17 1 C5    B DC 2  ? ? C4    B DC 2  ? ? N4    B DC 2  ? ? 124.70 120.20 4.50  0.70 N 
18 1 C4    B DG 4  ? ? C5    B DG 4  ? ? N7    B DG 4  ? ? 113.26 110.80 2.46  0.40 N 
19 1 N3    B DT 5  ? ? C4    B DT 5  ? ? O4    B DT 5  ? ? 125.28 119.90 5.38  0.60 N 
20 1 "O4'" B DA 6  ? ? "C1'" B DA 6  ? ? N9    B DA 6  ? ? 110.55 108.30 2.25  0.30 N 
21 1 N1    B DA 6  ? ? C6    B DA 6  ? ? N6    B DA 6  ? ? 114.21 118.60 -4.39 0.60 N 
22 1 N1    B DC 7  ? ? C2    B DC 7  ? ? O2    B DC 7  ? ? 114.63 118.90 -4.27 0.60 N 
23 1 "O4'" B DC 8  ? ? "C1'" B DC 8  ? ? N1    B DC 8  ? ? 101.16 108.00 -6.84 0.70 N 
24 1 C6    B DC 8  ? ? N1    B DC 8  ? ? C2    B DC 8  ? ? 122.97 120.30 2.67  0.40 N 
25 1 C6    B DA 10 ? ? N1    B DA 10 ? ? C2    B DA 10 ? ? 122.55 118.60 3.95  0.60 N 
26 1 C5    B DA 10 ? ? C6    B DA 10 ? ? N1    B DA 10 ? ? 114.44 117.70 -3.26 0.50 N 
27 1 N7    B DA 10 ? ? C8    B DA 10 ? ? N9    B DA 10 ? ? 117.26 113.80 3.46  0.50 N 
# 
loop_
_pdbx_struct_special_symmetry.id 
_pdbx_struct_special_symmetry.PDB_model_num 
_pdbx_struct_special_symmetry.auth_asym_id 
_pdbx_struct_special_symmetry.auth_comp_id 
_pdbx_struct_special_symmetry.auth_seq_id 
_pdbx_struct_special_symmetry.PDB_ins_code 
_pdbx_struct_special_symmetry.label_asym_id 
_pdbx_struct_special_symmetry.label_comp_id 
_pdbx_struct_special_symmetry.label_seq_id 
1 1 A HOH 546 ? H HOH . 
2 1 B HOH 567 ? I HOH . 
# 
loop_
_chem_comp_atom.comp_id 
_chem_comp_atom.atom_id 
_chem_comp_atom.type_symbol 
_chem_comp_atom.pdbx_aromatic_flag 
_chem_comp_atom.pdbx_stereo_config 
_chem_comp_atom.pdbx_ordinal 
DA  OP3    O  N N 1   
DA  P      P  N N 2   
DA  OP1    O  N N 3   
DA  OP2    O  N N 4   
DA  "O5'"  O  N N 5   
DA  "C5'"  C  N N 6   
DA  "C4'"  C  N R 7   
DA  "O4'"  O  N N 8   
DA  "C3'"  C  N S 9   
DA  "O3'"  O  N N 10  
DA  "C2'"  C  N N 11  
DA  "C1'"  C  N R 12  
DA  N9     N  Y N 13  
DA  C8     C  Y N 14  
DA  N7     N  Y N 15  
DA  C5     C  Y N 16  
DA  C6     C  Y N 17  
DA  N6     N  N N 18  
DA  N1     N  Y N 19  
DA  C2     C  Y N 20  
DA  N3     N  Y N 21  
DA  C4     C  Y N 22  
DA  HOP3   H  N N 23  
DA  HOP2   H  N N 24  
DA  "H5'"  H  N N 25  
DA  "H5''" H  N N 26  
DA  "H4'"  H  N N 27  
DA  "H3'"  H  N N 28  
DA  "HO3'" H  N N 29  
DA  "H2'"  H  N N 30  
DA  "H2''" H  N N 31  
DA  "H1'"  H  N N 32  
DA  H8     H  N N 33  
DA  H61    H  N N 34  
DA  H62    H  N N 35  
DA  H2     H  N N 36  
DC  OP3    O  N N 37  
DC  P      P  N N 38  
DC  OP1    O  N N 39  
DC  OP2    O  N N 40  
DC  "O5'"  O  N N 41  
DC  "C5'"  C  N N 42  
DC  "C4'"  C  N R 43  
DC  "O4'"  O  N N 44  
DC  "C3'"  C  N S 45  
DC  "O3'"  O  N N 46  
DC  "C2'"  C  N N 47  
DC  "C1'"  C  N R 48  
DC  N1     N  N N 49  
DC  C2     C  N N 50  
DC  O2     O  N N 51  
DC  N3     N  N N 52  
DC  C4     C  N N 53  
DC  N4     N  N N 54  
DC  C5     C  N N 55  
DC  C6     C  N N 56  
DC  HOP3   H  N N 57  
DC  HOP2   H  N N 58  
DC  "H5'"  H  N N 59  
DC  "H5''" H  N N 60  
DC  "H4'"  H  N N 61  
DC  "H3'"  H  N N 62  
DC  "HO3'" H  N N 63  
DC  "H2'"  H  N N 64  
DC  "H2''" H  N N 65  
DC  "H1'"  H  N N 66  
DC  H41    H  N N 67  
DC  H42    H  N N 68  
DC  H5     H  N N 69  
DC  H6     H  N N 70  
DG  OP3    O  N N 71  
DG  P      P  N N 72  
DG  OP1    O  N N 73  
DG  OP2    O  N N 74  
DG  "O5'"  O  N N 75  
DG  "C5'"  C  N N 76  
DG  "C4'"  C  N R 77  
DG  "O4'"  O  N N 78  
DG  "C3'"  C  N S 79  
DG  "O3'"  O  N N 80  
DG  "C2'"  C  N N 81  
DG  "C1'"  C  N R 82  
DG  N9     N  Y N 83  
DG  C8     C  Y N 84  
DG  N7     N  Y N 85  
DG  C5     C  Y N 86  
DG  C6     C  N N 87  
DG  O6     O  N N 88  
DG  N1     N  N N 89  
DG  C2     C  N N 90  
DG  N2     N  N N 91  
DG  N3     N  N N 92  
DG  C4     C  Y N 93  
DG  HOP3   H  N N 94  
DG  HOP2   H  N N 95  
DG  "H5'"  H  N N 96  
DG  "H5''" H  N N 97  
DG  "H4'"  H  N N 98  
DG  "H3'"  H  N N 99  
DG  "HO3'" H  N N 100 
DG  "H2'"  H  N N 101 
DG  "H2''" H  N N 102 
DG  "H1'"  H  N N 103 
DG  H8     H  N N 104 
DG  H1     H  N N 105 
DG  H21    H  N N 106 
DG  H22    H  N N 107 
DT  OP3    O  N N 108 
DT  P      P  N N 109 
DT  OP1    O  N N 110 
DT  OP2    O  N N 111 
DT  "O5'"  O  N N 112 
DT  "C5'"  C  N N 113 
DT  "C4'"  C  N R 114 
DT  "O4'"  O  N N 115 
DT  "C3'"  C  N S 116 
DT  "O3'"  O  N N 117 
DT  "C2'"  C  N N 118 
DT  "C1'"  C  N R 119 
DT  N1     N  N N 120 
DT  C2     C  N N 121 
DT  O2     O  N N 122 
DT  N3     N  N N 123 
DT  C4     C  N N 124 
DT  O4     O  N N 125 
DT  C5     C  N N 126 
DT  C7     C  N N 127 
DT  C6     C  N N 128 
DT  HOP3   H  N N 129 
DT  HOP2   H  N N 130 
DT  "H5'"  H  N N 131 
DT  "H5''" H  N N 132 
DT  "H4'"  H  N N 133 
DT  "H3'"  H  N N 134 
DT  "HO3'" H  N N 135 
DT  "H2'"  H  N N 136 
DT  "H2''" H  N N 137 
DT  "H1'"  H  N N 138 
DT  H3     H  N N 139 
DT  H71    H  N N 140 
DT  H72    H  N N 141 
DT  H73    H  N N 142 
DT  H6     H  N N 143 
HOH O      O  N N 144 
HOH H1     H  N N 145 
HOH H2     H  N N 146 
SR  SR     SR N N 147 
# 
loop_
_chem_comp_bond.comp_id 
_chem_comp_bond.atom_id_1 
_chem_comp_bond.atom_id_2 
_chem_comp_bond.value_order 
_chem_comp_bond.pdbx_aromatic_flag 
_chem_comp_bond.pdbx_stereo_config 
_chem_comp_bond.pdbx_ordinal 
DA  OP3   P      sing N N 1   
DA  OP3   HOP3   sing N N 2   
DA  P     OP1    doub N N 3   
DA  P     OP2    sing N N 4   
DA  P     "O5'"  sing N N 5   
DA  OP2   HOP2   sing N N 6   
DA  "O5'" "C5'"  sing N N 7   
DA  "C5'" "C4'"  sing N N 8   
DA  "C5'" "H5'"  sing N N 9   
DA  "C5'" "H5''" sing N N 10  
DA  "C4'" "O4'"  sing N N 11  
DA  "C4'" "C3'"  sing N N 12  
DA  "C4'" "H4'"  sing N N 13  
DA  "O4'" "C1'"  sing N N 14  
DA  "C3'" "O3'"  sing N N 15  
DA  "C3'" "C2'"  sing N N 16  
DA  "C3'" "H3'"  sing N N 17  
DA  "O3'" "HO3'" sing N N 18  
DA  "C2'" "C1'"  sing N N 19  
DA  "C2'" "H2'"  sing N N 20  
DA  "C2'" "H2''" sing N N 21  
DA  "C1'" N9     sing N N 22  
DA  "C1'" "H1'"  sing N N 23  
DA  N9    C8     sing Y N 24  
DA  N9    C4     sing Y N 25  
DA  C8    N7     doub Y N 26  
DA  C8    H8     sing N N 27  
DA  N7    C5     sing Y N 28  
DA  C5    C6     sing Y N 29  
DA  C5    C4     doub Y N 30  
DA  C6    N6     sing N N 31  
DA  C6    N1     doub Y N 32  
DA  N6    H61    sing N N 33  
DA  N6    H62    sing N N 34  
DA  N1    C2     sing Y N 35  
DA  C2    N3     doub Y N 36  
DA  C2    H2     sing N N 37  
DA  N3    C4     sing Y N 38  
DC  OP3   P      sing N N 39  
DC  OP3   HOP3   sing N N 40  
DC  P     OP1    doub N N 41  
DC  P     OP2    sing N N 42  
DC  P     "O5'"  sing N N 43  
DC  OP2   HOP2   sing N N 44  
DC  "O5'" "C5'"  sing N N 45  
DC  "C5'" "C4'"  sing N N 46  
DC  "C5'" "H5'"  sing N N 47  
DC  "C5'" "H5''" sing N N 48  
DC  "C4'" "O4'"  sing N N 49  
DC  "C4'" "C3'"  sing N N 50  
DC  "C4'" "H4'"  sing N N 51  
DC  "O4'" "C1'"  sing N N 52  
DC  "C3'" "O3'"  sing N N 53  
DC  "C3'" "C2'"  sing N N 54  
DC  "C3'" "H3'"  sing N N 55  
DC  "O3'" "HO3'" sing N N 56  
DC  "C2'" "C1'"  sing N N 57  
DC  "C2'" "H2'"  sing N N 58  
DC  "C2'" "H2''" sing N N 59  
DC  "C1'" N1     sing N N 60  
DC  "C1'" "H1'"  sing N N 61  
DC  N1    C2     sing N N 62  
DC  N1    C6     sing N N 63  
DC  C2    O2     doub N N 64  
DC  C2    N3     sing N N 65  
DC  N3    C4     doub N N 66  
DC  C4    N4     sing N N 67  
DC  C4    C5     sing N N 68  
DC  N4    H41    sing N N 69  
DC  N4    H42    sing N N 70  
DC  C5    C6     doub N N 71  
DC  C5    H5     sing N N 72  
DC  C6    H6     sing N N 73  
DG  OP3   P      sing N N 74  
DG  OP3   HOP3   sing N N 75  
DG  P     OP1    doub N N 76  
DG  P     OP2    sing N N 77  
DG  P     "O5'"  sing N N 78  
DG  OP2   HOP2   sing N N 79  
DG  "O5'" "C5'"  sing N N 80  
DG  "C5'" "C4'"  sing N N 81  
DG  "C5'" "H5'"  sing N N 82  
DG  "C5'" "H5''" sing N N 83  
DG  "C4'" "O4'"  sing N N 84  
DG  "C4'" "C3'"  sing N N 85  
DG  "C4'" "H4'"  sing N N 86  
DG  "O4'" "C1'"  sing N N 87  
DG  "C3'" "O3'"  sing N N 88  
DG  "C3'" "C2'"  sing N N 89  
DG  "C3'" "H3'"  sing N N 90  
DG  "O3'" "HO3'" sing N N 91  
DG  "C2'" "C1'"  sing N N 92  
DG  "C2'" "H2'"  sing N N 93  
DG  "C2'" "H2''" sing N N 94  
DG  "C1'" N9     sing N N 95  
DG  "C1'" "H1'"  sing N N 96  
DG  N9    C8     sing Y N 97  
DG  N9    C4     sing Y N 98  
DG  C8    N7     doub Y N 99  
DG  C8    H8     sing N N 100 
DG  N7    C5     sing Y N 101 
DG  C5    C6     sing N N 102 
DG  C5    C4     doub Y N 103 
DG  C6    O6     doub N N 104 
DG  C6    N1     sing N N 105 
DG  N1    C2     sing N N 106 
DG  N1    H1     sing N N 107 
DG  C2    N2     sing N N 108 
DG  C2    N3     doub N N 109 
DG  N2    H21    sing N N 110 
DG  N2    H22    sing N N 111 
DG  N3    C4     sing N N 112 
DT  OP3   P      sing N N 113 
DT  OP3   HOP3   sing N N 114 
DT  P     OP1    doub N N 115 
DT  P     OP2    sing N N 116 
DT  P     "O5'"  sing N N 117 
DT  OP2   HOP2   sing N N 118 
DT  "O5'" "C5'"  sing N N 119 
DT  "C5'" "C4'"  sing N N 120 
DT  "C5'" "H5'"  sing N N 121 
DT  "C5'" "H5''" sing N N 122 
DT  "C4'" "O4'"  sing N N 123 
DT  "C4'" "C3'"  sing N N 124 
DT  "C4'" "H4'"  sing N N 125 
DT  "O4'" "C1'"  sing N N 126 
DT  "C3'" "O3'"  sing N N 127 
DT  "C3'" "C2'"  sing N N 128 
DT  "C3'" "H3'"  sing N N 129 
DT  "O3'" "HO3'" sing N N 130 
DT  "C2'" "C1'"  sing N N 131 
DT  "C2'" "H2'"  sing N N 132 
DT  "C2'" "H2''" sing N N 133 
DT  "C1'" N1     sing N N 134 
DT  "C1'" "H1'"  sing N N 135 
DT  N1    C2     sing N N 136 
DT  N1    C6     sing N N 137 
DT  C2    O2     doub N N 138 
DT  C2    N3     sing N N 139 
DT  N3    C4     sing N N 140 
DT  N3    H3     sing N N 141 
DT  C4    O4     doub N N 142 
DT  C4    C5     sing N N 143 
DT  C5    C7     sing N N 144 
DT  C5    C6     doub N N 145 
DT  C7    H71    sing N N 146 
DT  C7    H72    sing N N 147 
DT  C7    H73    sing N N 148 
DT  C6    H6     sing N N 149 
HOH O     H1     sing N N 150 
HOH O     H2     sing N N 151 
# 
loop_
_ndb_struct_conf_na.entry_id 
_ndb_struct_conf_na.feature 
1NVY 'double helix'        
1NVY 'b-form double helix' 
# 
loop_
_ndb_struct_na_base_pair.model_number 
_ndb_struct_na_base_pair.i_label_asym_id 
_ndb_struct_na_base_pair.i_label_comp_id 
_ndb_struct_na_base_pair.i_label_seq_id 
_ndb_struct_na_base_pair.i_symmetry 
_ndb_struct_na_base_pair.j_label_asym_id 
_ndb_struct_na_base_pair.j_label_comp_id 
_ndb_struct_na_base_pair.j_label_seq_id 
_ndb_struct_na_base_pair.j_symmetry 
_ndb_struct_na_base_pair.shear 
_ndb_struct_na_base_pair.stretch 
_ndb_struct_na_base_pair.stagger 
_ndb_struct_na_base_pair.buckle 
_ndb_struct_na_base_pair.propeller 
_ndb_struct_na_base_pair.opening 
_ndb_struct_na_base_pair.pair_number 
_ndb_struct_na_base_pair.pair_name 
_ndb_struct_na_base_pair.i_auth_asym_id 
_ndb_struct_na_base_pair.i_auth_seq_id 
_ndb_struct_na_base_pair.i_PDB_ins_code 
_ndb_struct_na_base_pair.j_auth_asym_id 
_ndb_struct_na_base_pair.j_auth_seq_id 
_ndb_struct_na_base_pair.j_PDB_ins_code 
_ndb_struct_na_base_pair.hbond_type_28 
_ndb_struct_na_base_pair.hbond_type_12 
1 A DT 1 1_555 B DA 10 1_555 0.039  -0.159 0.067 -2.315 -15.164 4.906  1 A_DT1:DA10_B A 1 ? B 10 ? 20 1 
1 A DC 2 1_555 B DG 9  1_555 0.213  -0.212 0.129 2.397  -2.006  -2.012 2 A_DC2:DG9_B  A 2 ? B 9  ? 19 1 
1 A DG 3 1_555 B DC 8  1_555 -0.128 -0.243 0.139 1.668  -2.727  -2.906 3 A_DG3:DC8_B  A 3 ? B 8  ? 19 1 
1 A DG 4 1_555 B DC 7  1_555 -0.263 -0.255 0.191 -0.833 -14.127 3.384  4 A_DG4:DC7_B  A 4 ? B 7  ? 19 1 
1 A DT 5 1_555 B DA 6  1_555 -0.308 -0.091 0.020 -1.542 -9.334  -1.788 5 A_DT5:DA6_B  A 5 ? B 6  ? 20 1 
1 A DA 6 1_555 B DT 5  1_555 0.519  0.020  0.113 3.935  -13.050 -4.114 6 A_DA6:DT5_B  A 6 ? B 5  ? 20 1 
# 
loop_
_ndb_struct_na_base_pair_step.model_number 
_ndb_struct_na_base_pair_step.i_label_asym_id_1 
_ndb_struct_na_base_pair_step.i_label_comp_id_1 
_ndb_struct_na_base_pair_step.i_label_seq_id_1 
_ndb_struct_na_base_pair_step.i_symmetry_1 
_ndb_struct_na_base_pair_step.j_label_asym_id_1 
_ndb_struct_na_base_pair_step.j_label_comp_id_1 
_ndb_struct_na_base_pair_step.j_label_seq_id_1 
_ndb_struct_na_base_pair_step.j_symmetry_1 
_ndb_struct_na_base_pair_step.i_label_asym_id_2 
_ndb_struct_na_base_pair_step.i_label_comp_id_2 
_ndb_struct_na_base_pair_step.i_label_seq_id_2 
_ndb_struct_na_base_pair_step.i_symmetry_2 
_ndb_struct_na_base_pair_step.j_label_asym_id_2 
_ndb_struct_na_base_pair_step.j_label_comp_id_2 
_ndb_struct_na_base_pair_step.j_label_seq_id_2 
_ndb_struct_na_base_pair_step.j_symmetry_2 
_ndb_struct_na_base_pair_step.shift 
_ndb_struct_na_base_pair_step.slide 
_ndb_struct_na_base_pair_step.rise 
_ndb_struct_na_base_pair_step.tilt 
_ndb_struct_na_base_pair_step.roll 
_ndb_struct_na_base_pair_step.twist 
_ndb_struct_na_base_pair_step.x_displacement 
_ndb_struct_na_base_pair_step.y_displacement 
_ndb_struct_na_base_pair_step.helical_rise 
_ndb_struct_na_base_pair_step.inclination 
_ndb_struct_na_base_pair_step.tip 
_ndb_struct_na_base_pair_step.helical_twist 
_ndb_struct_na_base_pair_step.step_number 
_ndb_struct_na_base_pair_step.step_name 
_ndb_struct_na_base_pair_step.i_auth_asym_id_1 
_ndb_struct_na_base_pair_step.i_auth_seq_id_1 
_ndb_struct_na_base_pair_step.i_PDB_ins_code_1 
_ndb_struct_na_base_pair_step.j_auth_asym_id_1 
_ndb_struct_na_base_pair_step.j_auth_seq_id_1 
_ndb_struct_na_base_pair_step.j_PDB_ins_code_1 
_ndb_struct_na_base_pair_step.i_auth_asym_id_2 
_ndb_struct_na_base_pair_step.i_auth_seq_id_2 
_ndb_struct_na_base_pair_step.i_PDB_ins_code_2 
_ndb_struct_na_base_pair_step.j_auth_asym_id_2 
_ndb_struct_na_base_pair_step.j_auth_seq_id_2 
_ndb_struct_na_base_pair_step.j_PDB_ins_code_2 
1 A DT 1 1_555 B DA 10 1_555 A DC 2 1_555 B DG 9 1_555 0.258  2.374  3.371 3.801  2.797  41.820 3.001  0.057  3.524 3.904  -5.304 
42.073 1 AA_DT1DC2:DG9DA10_BB A 1 ? B 10 ? A 2 ? B 9 ? 
1 A DC 2 1_555 B DG 9  1_555 A DG 3 1_555 B DC 8 1_555 -0.076 2.779  3.312 0.403  -0.516 38.144 4.317  0.167  3.275 -0.790 -0.617 
38.149 2 AA_DC2DG3:DC8DG9_BB  A 2 ? B 9  ? A 3 ? B 8 ? 
1 A DG 3 1_555 B DC 8  1_555 A DG 4 1_555 B DC 7 1_555 0.088  2.291  3.492 -4.649 3.815  41.470 2.768  -0.656 3.649 5.354  6.523  
41.885 3 AA_DG3DG4:DC7DC8_BB  A 3 ? B 8  ? A 4 ? B 7 ? 
1 A DG 4 1_555 B DC 7  1_555 A DT 5 1_555 B DA 6 1_555 -0.756 -0.397 3.300 1.208  -0.138 26.288 -0.835 1.987  3.264 -0.304 -2.655 
26.315 4 AA_DG4DT5:DA6DC7_BB  A 4 ? B 7  ? A 5 ? B 6 ? 
1 A DT 5 1_555 B DA 6  1_555 A DA 6 1_555 B DT 5 1_555 -0.650 1.309  3.238 -2.081 -1.691 42.262 1.982  0.690  3.213 -2.342 2.883  
42.343 5 AA_DT5DA6:DT5DA6_BB  A 5 ? B 6  ? A 6 ? B 5 ? 
# 
_atom_sites.entry_id                    1NVY 
_atom_sites.fract_transf_matrix[1][1]   0.00711548 
_atom_sites.fract_transf_matrix[1][2]   0.01406612 
_atom_sites.fract_transf_matrix[1][3]   -0.00553931 
_atom_sites.fract_transf_matrix[2][1]   0.02055183 
_atom_sites.fract_transf_matrix[2][2]   0.00283776 
_atom_sites.fract_transf_matrix[2][3]   0.03360574 
_atom_sites.fract_transf_matrix[3][1]   0.02455455 
_atom_sites.fract_transf_matrix[3][2]   -0.00621190 
_atom_sites.fract_transf_matrix[3][3]   -0.01449196 
_atom_sites.fract_transf_vector[1]      0.537494 
_atom_sites.fract_transf_vector[2]      -0.098499 
_atom_sites.fract_transf_vector[3]      0.331931 
# 
loop_
_atom_type.symbol 
C  
N  
O  
P  
SR 
# 
loop_
_atom_site.group_PDB 
_atom_site.id 
_atom_site.type_symbol 
_atom_site.label_atom_id 
_atom_site.label_alt_id 
_atom_site.label_comp_id 
_atom_site.label_asym_id 
_atom_site.label_entity_id 
_atom_site.label_seq_id 
_atom_site.pdbx_PDB_ins_code 
_atom_site.Cartn_x 
_atom_site.Cartn_y 
_atom_site.Cartn_z 
_atom_site.occupancy 
_atom_site.B_iso_or_equiv 
_atom_site.pdbx_formal_charge 
_atom_site.auth_seq_id 
_atom_site.auth_comp_id 
_atom_site.auth_asym_id 
_atom_site.auth_atom_id 
_atom_site.pdbx_PDB_model_num 
ATOM   1   O  "O5'" . DT  A 1 1  ? -7.721  13.703  -0.187  1.00 19.46 ? 1   DT  A "O5'" 1 
ATOM   2   C  "C5'" . DT  A 1 1  ? -8.537  14.582  -0.865  1.00 18.69 ? 1   DT  A "C5'" 1 
ATOM   3   C  "C4'" . DT  A 1 1  ? -8.215  14.691  -2.310  1.00 19.50 ? 1   DT  A "C4'" 1 
ATOM   4   O  "O4'" . DT  A 1 1  ? -6.824  15.080  -2.411  1.00 19.61 ? 1   DT  A "O4'" 1 
ATOM   5   C  "C3'" . DT  A 1 1  ? -8.343  13.391  -3.047  1.00 18.62 ? 1   DT  A "C3'" 1 
ATOM   6   O  "O3'" . DT  A 1 1  ? -8.811  13.709  -4.305  1.00 19.19 ? 1   DT  A "O3'" 1 
ATOM   7   C  "C2'" . DT  A 1 1  ? -6.916  12.900  -3.161  1.00 18.05 ? 1   DT  A "C2'" 1 
ATOM   8   C  "C1'" . DT  A 1 1  ? -6.187  14.175  -3.307  1.00 17.84 ? 1   DT  A "C1'" 1 
ATOM   9   N  N1    . DT  A 1 1  ? -4.808  14.164  -2.995  1.00 16.37 ? 1   DT  A N1    1 
ATOM   10  C  C2    . DT  A 1 1  ? -3.944  13.721  -3.999  1.00 15.31 ? 1   DT  A C2    1 
ATOM   11  O  O2    . DT  A 1 1  ? -4.316  13.294  -5.078  1.00 19.38 ? 1   DT  A O2    1 
ATOM   12  N  N3    . DT  A 1 1  ? -2.654  13.842  -3.664  1.00 15.87 ? 1   DT  A N3    1 
ATOM   13  C  C4    . DT  A 1 1  ? -2.100  14.278  -2.512  1.00 14.00 ? 1   DT  A C4    1 
ATOM   14  O  O4    . DT  A 1 1  ? -0.909  14.352  -2.321  1.00 19.66 ? 1   DT  A O4    1 
ATOM   15  C  C5    . DT  A 1 1  ? -3.049  14.709  -1.502  1.00 18.75 ? 1   DT  A C5    1 
ATOM   16  C  C7    . DT  A 1 1  ? -2.621  15.202  -0.158  1.00 20.02 ? 1   DT  A C7    1 
ATOM   17  C  C6    . DT  A 1 1  ? -4.323  14.619  -1.826  1.00 16.35 ? 1   DT  A C6    1 
ATOM   18  P  P     . DC  A 1 2  ? -10.265 13.283  -4.746  1.00 22.72 ? 2   DC  A P     1 
ATOM   19  O  OP1   . DC  A 1 2  ? -10.543 13.869  -6.082  1.00 24.70 ? 2   DC  A OP1   1 
ATOM   20  O  OP2   . DC  A 1 2  ? -11.156 13.606  -3.616  1.00 21.53 ? 2   DC  A OP2   1 
ATOM   21  O  "O5'" . DC  A 1 2  ? -10.284 11.669  -4.811  1.00 22.78 ? 2   DC  A "O5'" 1 
ATOM   22  C  "C5'" . DC  A 1 2  ? -9.601  10.956  -5.846  1.00 22.52 ? 2   DC  A "C5'" 1 
ATOM   23  C  "C4'" . DC  A 1 2  ? -8.951  9.669   -5.341  1.00 23.92 ? 2   DC  A "C4'" 1 
ATOM   24  O  "O4'" . DC  A 1 2  ? -7.788  9.927   -4.548  1.00 21.43 ? 2   DC  A "O4'" 1 
ATOM   25  C  "C3'" . DC  A 1 2  ? -9.833  8.829   -4.421  1.00 25.68 ? 2   DC  A "C3'" 1 
ATOM   26  O  "O3'" . DC  A 1 2  ? -9.851  7.519   -4.939  1.00 30.04 ? 2   DC  A "O3'" 1 
ATOM   27  C  "C2'" . DC  A 1 2  ? -9.185  8.891   -3.045  1.00 22.30 ? 2   DC  A "C2'" 1 
ATOM   28  C  "C1'" . DC  A 1 2  ? -7.736  8.937   -3.485  1.00 20.59 ? 2   DC  A "C1'" 1 
ATOM   29  N  N1    . DC  A 1 2  ? -6.808  9.488   -2.517  1.00 16.60 ? 2   DC  A N1    1 
ATOM   30  C  C2    . DC  A 1 2  ? -5.465  9.583   -2.932  1.00 16.63 ? 2   DC  A C2    1 
ATOM   31  O  O2    . DC  A 1 2  ? -5.150  9.085   -4.038  1.00 18.38 ? 2   DC  A O2    1 
ATOM   32  N  N3    . DC  A 1 2  ? -4.601  10.168  -2.082  1.00 15.04 ? 2   DC  A N3    1 
ATOM   33  C  C4    . DC  A 1 2  ? -4.956  10.672  -0.920  1.00 14.30 ? 2   DC  A C4    1 
ATOM   34  N  N4    . DC  A 1 2  ? -4.045  11.261  -0.179  1.00 15.30 ? 2   DC  A N4    1 
ATOM   35  C  C5    . DC  A 1 2  ? -6.329  10.593  -0.469  1.00 15.27 ? 2   DC  A C5    1 
ATOM   36  C  C6    . DC  A 1 2  ? -7.170  10.026  -1.312  1.00 16.41 ? 2   DC  A C6    1 
ATOM   37  P  P     . DG  A 1 3  ? -11.042 7.054   -5.909  1.00 33.56 ? 3   DG  A P     1 
ATOM   38  O  OP1   . DG  A 1 3  ? -11.346 8.090   -6.935  1.00 34.05 ? 3   DG  A OP1   1 
ATOM   39  O  OP2   . DG  A 1 3  ? -12.092 6.630   -4.979  1.00 32.40 ? 3   DG  A OP2   1 
ATOM   40  O  "O5'" . DG  A 1 3  ? -10.373 5.829   -6.645  1.00 31.61 ? 3   DG  A "O5'" 1 
ATOM   41  C  "C5'" . DG  A 1 3  ? -9.376  6.069   -7.615  1.00 33.93 ? 3   DG  A "C5'" 1 
ATOM   42  C  "C4'" . DG  A 1 3  ? -8.201  5.114   -7.485  1.00 34.18 ? 3   DG  A "C4'" 1 
ATOM   43  O  "O4'" . DG  A 1 3  ? -7.393  5.387   -6.310  1.00 32.63 ? 3   DG  A "O4'" 1 
ATOM   44  C  "C3'" . DG  A 1 3  ? -8.577  3.649   -7.322  1.00 34.68 ? 3   DG  A "C3'" 1 
ATOM   45  O  "O3'" . DG  A 1 3  ? -7.537  2.851   -7.853  1.00 36.16 ? 3   DG  A "O3'" 1 
ATOM   46  C  "C2'" . DG  A 1 3  ? -8.691  3.495   -5.818  1.00 32.09 ? 3   DG  A "C2'" 1 
ATOM   47  C  "C1'" . DG  A 1 3  ? -7.437  4.259   -5.410  1.00 29.80 ? 3   DG  A "C1'" 1 
ATOM   48  N  N9    . DG  A 1 3  ? -7.395  4.836   -4.075  1.00 22.69 ? 3   DG  A N9    1 
ATOM   49  C  C8    . DG  A 1 3  ? -8.420  5.037   -3.184  1.00 21.17 ? 3   DG  A C8    1 
ATOM   50  N  N7    . DG  A 1 3  ? -8.039  5.666   -2.099  1.00 20.63 ? 3   DG  A N7    1 
ATOM   51  C  C5    . DG  A 1 3  ? -6.681  5.840   -2.314  1.00 19.26 ? 3   DG  A C5    1 
ATOM   52  C  C6    . DG  A 1 3  ? -5.742  6.472   -1.478  1.00 17.50 ? 3   DG  A C6    1 
ATOM   53  O  O6    . DG  A 1 3  ? -5.969  6.942   -0.366  1.00 18.74 ? 3   DG  A O6    1 
ATOM   54  N  N1    . DG  A 1 3  ? -4.466  6.508   -2.023  1.00 16.85 ? 3   DG  A N1    1 
ATOM   55  C  C2    . DG  A 1 3  ? -4.128  5.966   -3.282  1.00 17.92 ? 3   DG  A C2    1 
ATOM   56  N  N2    . DG  A 1 3  ? -2.851  6.091   -3.652  1.00 18.25 ? 3   DG  A N2    1 
ATOM   57  N  N3    . DG  A 1 3  ? -5.020  5.357   -4.074  1.00 19.18 ? 3   DG  A N3    1 
ATOM   58  C  C4    . DG  A 1 3  ? -6.276  5.355   -3.532  1.00 19.97 ? 3   DG  A C4    1 
ATOM   59  P  P     . DG  A 1 4  ? -7.861  2.024   -9.186  1.00 41.26 ? 4   DG  A P     1 
ATOM   60  O  OP1   . DG  A 1 4  ? -8.229  2.993   -10.250 1.00 41.84 ? 4   DG  A OP1   1 
ATOM   61  O  OP2   . DG  A 1 4  ? -8.826  0.972   -8.795  1.00 40.97 ? 4   DG  A OP2   1 
ATOM   62  O  "O5'" . DG  A 1 4  ? -6.396  1.437   -9.445  1.00 38.89 ? 4   DG  A "O5'" 1 
ATOM   63  C  "C5'" . DG  A 1 4  ? -5.272  2.297   -9.624  1.00 38.32 ? 4   DG  A "C5'" 1 
ATOM   64  C  "C4'" . DG  A 1 4  ? -4.050  1.799   -8.866  1.00 36.97 ? 4   DG  A "C4'" 1 
ATOM   65  O  "O4'" . DG  A 1 4  ? -4.075  2.042   -7.426  1.00 35.96 ? 4   DG  A "O4'" 1 
ATOM   66  C  "C3'" . DG  A 1 4  ? -3.847  0.302   -8.965  1.00 36.06 ? 4   DG  A "C3'" 1 
ATOM   67  O  "O3'" . DG  A 1 4  ? -2.462  0.144   -9.191  1.00 36.08 ? 4   DG  A "O3'" 1 
ATOM   68  C  "C2'" . DG  A 1 4  ? -4.400  -0.260  -7.635  1.00 34.50 ? 4   DG  A "C2'" 1 
ATOM   69  C  "C1'" . DG  A 1 4  ? -4.090  0.839   -6.630  1.00 32.71 ? 4   DG  A "C1'" 1 
ATOM   70  N  N9    . DG  A 1 4  ? -5.059  1.048   -5.549  1.00 28.11 ? 4   DG  A N9    1 
ATOM   71  C  C8    . DG  A 1 4  ? -6.401  0.790   -5.507  1.00 29.03 ? 4   DG  A C8    1 
ATOM   72  N  N7    . DG  A 1 4  ? -6.977  1.125   -4.380  1.00 28.15 ? 4   DG  A N7    1 
ATOM   73  C  C5    . DG  A 1 4  ? -5.959  1.675   -3.621  1.00 23.82 ? 4   DG  A C5    1 
ATOM   74  C  C6    . DG  A 1 4  ? -5.988  2.233   -2.310  1.00 21.27 ? 4   DG  A C6    1 
ATOM   75  O  O6    . DG  A 1 4  ? -6.939  2.378   -1.507  1.00 23.12 ? 4   DG  A O6    1 
ATOM   76  N  N1    . DG  A 1 4  ? -4.727  2.658   -1.912  1.00 18.40 ? 4   DG  A N1    1 
ATOM   77  C  C2    . DG  A 1 4  ? -3.590  2.548   -2.702  1.00 18.28 ? 4   DG  A C2    1 
ATOM   78  N  N2    . DG  A 1 4  ? -2.471  3.033   -2.195  1.00 18.93 ? 4   DG  A N2    1 
ATOM   79  N  N3    . DG  A 1 4  ? -3.555  2.047   -3.937  1.00 20.29 ? 4   DG  A N3    1 
ATOM   80  C  C4    . DG  A 1 4  ? -4.778  1.618   -4.325  1.00 23.41 ? 4   DG  A C4    1 
ATOM   81  P  P     . DT  A 1 5  ? -1.846  -1.339  -9.127  1.00 35.52 ? 5   DT  A P     1 
ATOM   82  O  OP1   . DT  A 1 5  ? -0.665  -1.372  -10.020 1.00 37.63 ? 5   DT  A OP1   1 
ATOM   83  O  OP2   . DT  A 1 5  ? -2.914  -2.376  -9.054  1.00 35.16 ? 5   DT  A OP2   1 
ATOM   84  O  "O5'" . DT  A 1 5  ? -1.240  -1.262  -7.628  1.00 32.40 ? 5   DT  A "O5'" 1 
ATOM   85  C  "C5'" . DT  A 1 5  ? -0.049  -0.494  -7.330  1.00 29.86 ? 5   DT  A "C5'" 1 
ATOM   86  C  "C4'" . DT  A 1 5  ? 0.363   -0.732  -5.886  1.00 26.40 ? 5   DT  A "C4'" 1 
ATOM   87  O  "O4'" . DT  A 1 5  ? -0.695  -0.395  -4.955  1.00 25.71 ? 5   DT  A "O4'" 1 
ATOM   88  C  "C3'" . DT  A 1 5  ? 0.613   -2.229  -5.582  1.00 25.43 ? 5   DT  A "C3'" 1 
ATOM   89  O  "O3'" . DT  A 1 5  ? 1.730   -2.349  -4.726  1.00 23.30 ? 5   DT  A "O3'" 1 
ATOM   90  C  "C2'" . DT  A 1 5  ? -0.644  -2.699  -4.860  1.00 24.07 ? 5   DT  A "C2'" 1 
ATOM   91  C  "C1'" . DT  A 1 5  ? -0.849  -1.464  -3.998  1.00 23.46 ? 5   DT  A "C1'" 1 
ATOM   92  N  N1    . DT  A 1 5  ? -2.184  -1.399  -3.369  1.00 21.38 ? 5   DT  A N1    1 
ATOM   93  C  C2    . DT  A 1 5  ? -2.288  -0.795  -2.131  1.00 18.55 ? 5   DT  A C2    1 
ATOM   94  O  O2    . DT  A 1 5  ? -1.344  -0.326  -1.529  1.00 21.42 ? 5   DT  A O2    1 
ATOM   95  N  N3    . DT  A 1 5  ? -3.532  -0.740  -1.603  1.00 19.41 ? 5   DT  A N3    1 
ATOM   96  C  C4    . DT  A 1 5  ? -4.684  -1.237  -2.143  1.00 18.64 ? 5   DT  A C4    1 
ATOM   97  O  O4    . DT  A 1 5  ? -5.760  -1.122  -1.565  1.00 22.41 ? 5   DT  A O4    1 
ATOM   98  C  C5    . DT  A 1 5  ? -4.547  -1.844  -3.426  1.00 23.72 ? 5   DT  A C5    1 
ATOM   99  C  C7    . DT  A 1 5  ? -5.769  -2.397  -4.110  1.00 25.90 ? 5   DT  A C7    1 
ATOM   100 C  C6    . DT  A 1 5  ? -3.324  -1.903  -3.987  1.00 23.06 ? 5   DT  A C6    1 
ATOM   101 P  P     . DA  A 1 6  ? 3.164   -2.614  -5.383  1.00 24.16 ? 6   DA  A P     1 
ATOM   102 O  OP1   . DA  A 1 6  ? 3.560   -1.506  -6.212  1.00 24.25 ? 6   DA  A OP1   1 
ATOM   103 O  OP2   . DA  A 1 6  ? 3.235   -3.989  -6.000  1.00 24.10 ? 6   DA  A OP2   1 
ATOM   104 O  "O5'" . DA  A 1 6  ? 4.042   -2.669  -4.039  1.00 19.61 ? 6   DA  A "O5'" 1 
ATOM   105 C  "C5'" . DA  A 1 6  ? 4.297   -1.523  -3.307  1.00 18.72 ? 6   DA  A "C5'" 1 
ATOM   106 C  "C4'" . DA  A 1 6  ? 4.202   -1.800  -1.825  1.00 17.39 ? 6   DA  A "C4'" 1 
ATOM   107 O  "O4'" . DA  A 1 6  ? 2.806   -1.929  -1.505  1.00 18.14 ? 6   DA  A "O4'" 1 
ATOM   108 C  "C3'" . DA  A 1 6  ? 4.885   -3.049  -1.301  1.00 17.08 ? 6   DA  A "C3'" 1 
ATOM   109 O  "O3'" . DA  A 1 6  ? 5.531   -2.796  -0.098  1.00 17.43 ? 6   DA  A "O3'" 1 
ATOM   110 C  "C2'" . DA  A 1 6  ? 3.719   -4.020  -1.055  1.00 16.26 ? 6   DA  A "C2'" 1 
ATOM   111 C  "C1'" . DA  A 1 6  ? 2.656   -3.058  -0.656  1.00 16.01 ? 6   DA  A "C1'" 1 
ATOM   112 N  N9    . DA  A 1 6  ? 1.301   -3.475  -0.862  1.00 16.48 ? 6   DA  A N9    1 
ATOM   113 C  C8    . DA  A 1 6  ? 0.846   -4.214  -1.919  1.00 16.32 ? 6   DA  A C8    1 
ATOM   114 N  N7    . DA  A 1 6  ? -0.452  -4.404  -1.843  1.00 18.01 ? 6   DA  A N7    1 
ATOM   115 C  C5    . DA  A 1 6  ? -0.818  -3.780  -0.690  1.00 18.04 ? 6   DA  A C5    1 
ATOM   116 C  C6    . DA  A 1 6  ? -2.074  -3.610  -0.084  1.00 17.17 ? 6   DA  A C6    1 
ATOM   117 N  N6    . DA  A 1 6  ? -3.165  -4.171  -0.641  1.00 20.76 ? 6   DA  A N6    1 
ATOM   118 N  N1    . DA  A 1 6  ? -2.110  -2.906  1.057   1.00 16.48 ? 6   DA  A N1    1 
ATOM   119 C  C2    . DA  A 1 6  ? -1.025  -2.371  1.627   1.00 17.13 ? 6   DA  A C2    1 
ATOM   120 N  N3    . DA  A 1 6  ? 0.207   -2.431  1.080   1.00 16.38 ? 6   DA  A N3    1 
ATOM   121 C  C4    . DA  A 1 6  ? 0.222   -3.151  -0.055  1.00 15.59 ? 6   DA  A C4    1 
ATOM   122 P  P     . DC  A 1 7  ? 7.051   -2.212  -0.090  1.00 19.47 ? 7   DC  A P     1 
ATOM   123 O  OP1   . DC  A 1 7  ? 7.216   -1.775  1.300   1.00 23.20 ? 7   DC  A OP1   1 
ATOM   124 O  OP2   . DC  A 1 7  ? 7.245   -1.348  -1.285  1.00 18.53 ? 7   DC  A OP2   1 
ATOM   125 O  "O5'" . DC  A 1 7  ? 7.902   -3.539  -0.328  1.00 19.93 ? 7   DC  A "O5'" 1 
ATOM   126 C  "C5'" . DC  A 1 7  ? 7.836   -4.627  0.551   1.00 19.54 ? 7   DC  A "C5'" 1 
ATOM   127 C  "C4'" . DC  A 1 7  ? 8.758   -5.775  0.223   1.00 19.39 ? 7   DC  A "C4'" 1 
ATOM   128 O  "O4'" . DC  A 1 7  ? 8.587   -6.210  -1.152  1.00 17.09 ? 7   DC  A "O4'" 1 
ATOM   129 C  "C3'" . DC  A 1 7  ? 10.266  -5.498  0.377   1.00 19.55 ? 7   DC  A "C3'" 1 
ATOM   130 O  "O3'" . DC  A 1 7  ? 10.894  -6.694  0.740   1.00 21.27 ? 7   DC  A "O3'" 1 
ATOM   131 C  "C2'" . DC  A 1 7  ? 10.641  -4.999  -0.983  1.00 17.35 ? 7   DC  A "C2'" 1 
ATOM   132 C  "C1'" . DC  A 1 7  ? 9.789   -5.871  -1.861  1.00 16.56 ? 7   DC  A "C1'" 1 
ATOM   133 N  N1    . DC  A 1 7  ? 9.375   -5.272  -3.137  1.00 16.49 ? 7   DC  A N1    1 
ATOM   134 C  C2    . DC  A 1 7  ? 10.321  -5.347  -4.187  1.00 15.21 ? 7   DC  A C2    1 
ATOM   135 O  O2    . DC  A 1 7  ? 11.403  -5.836  -3.916  1.00 17.03 ? 7   DC  A O2    1 
ATOM   136 N  N3    . DC  A 1 7  ? 9.963   -4.867  -5.382  1.00 14.75 ? 7   DC  A N3    1 
ATOM   137 C  C4    . DC  A 1 7  ? 8.795   -4.328  -5.656  1.00 13.98 ? 7   DC  A C4    1 
ATOM   138 N  N4    . DC  A 1 7  ? 8.536   -3.879  -6.884  1.00 16.58 ? 7   DC  A N4    1 
ATOM   139 C  C5    . DC  A 1 7  ? 7.813   -4.217  -4.584  1.00 14.10 ? 7   DC  A C5    1 
ATOM   140 C  C6    . DC  A 1 7  ? 8.170   -4.707  -3.397  1.00 14.80 ? 7   DC  A C6    1 
ATOM   141 P  P     . DC  A 1 8  ? 11.767  -6.745  2.043   1.00 22.00 ? 8   DC  A P     1 
ATOM   142 O  OP1   . DC  A 1 8  ? 12.188  -8.156  2.168   1.00 23.70 ? 8   DC  A OP1   1 
ATOM   143 O  OP2   . DC  A 1 8  ? 10.975  -6.070  3.124   1.00 22.04 ? 8   DC  A OP2   1 
ATOM   144 O  "O5'" . DC  A 1 8  ? 12.981  -5.713  1.830   1.00 19.59 ? 8   DC  A "O5'" 1 
ATOM   145 C  "C5'" . DC  A 1 8  ? 14.079  -6.192  1.055   1.00 21.40 ? 8   DC  A "C5'" 1 
ATOM   146 C  "C4'" . DC  A 1 8  ? 14.995  -5.052  0.726   1.00 20.04 ? 8   DC  A "C4'" 1 
ATOM   147 O  "O4'" . DC  A 1 8  ? 14.381  -4.241  -0.256  1.00 20.21 ? 8   DC  A "O4'" 1 
ATOM   148 C  "C3'" . DC  A 1 8  ? 15.215  -4.103  1.893   1.00 22.04 ? 8   DC  A "C3'" 1 
ATOM   149 O  "O3'" . DC  A 1 8  ? 16.494  -3.573  1.771   1.00 23.13 ? 8   DC  A "O3'" 1 
ATOM   150 C  "C2'" . DC  A 1 8  ? 14.167  -3.004  1.713   1.00 20.08 ? 8   DC  A "C2'" 1 
ATOM   151 C  "C1'" . DC  A 1 8  ? 14.256  -2.864  0.206   1.00 16.50 ? 8   DC  A "C1'" 1 
ATOM   152 N  N1    . DC  A 1 8  ? 13.080  -2.380  -0.512  1.00 17.42 ? 8   DC  A N1    1 
ATOM   153 C  C2    . DC  A 1 8  ? 13.140  -2.241  -1.893  1.00 15.32 ? 8   DC  A C2    1 
ATOM   154 O  O2    . DC  A 1 8  ? 14.265  -2.413  -2.488  1.00 17.92 ? 8   DC  A O2    1 
ATOM   155 N  N3    . DC  A 1 8  ? 12.053  -1.833  -2.569  1.00 16.51 ? 8   DC  A N3    1 
ATOM   156 C  C4    . DC  A 1 8  ? 10.890  -1.619  -1.942  1.00 16.16 ? 8   DC  A C4    1 
ATOM   157 N  N4    . DC  A 1 8  ? 9.871   -1.279  -2.699  1.00 17.66 ? 8   DC  A N4    1 
ATOM   158 C  C5    . DC  A 1 8  ? 10.807  -1.706  -0.532  1.00 17.34 ? 8   DC  A C5    1 
ATOM   159 C  C6    . DC  A 1 8  ? 11.889  -2.107  0.151   1.00 15.75 ? 8   DC  A C6    1 
ATOM   160 P  P     . DG  A 1 9  ? 17.574  -4.117  2.795   1.00 26.91 ? 9   DG  A P     1 
ATOM   161 O  OP1   . DG  A 1 9  ? 17.619  -5.611  2.646   1.00 26.46 ? 9   DG  A OP1   1 
ATOM   162 O  OP2   . DG  A 1 9  ? 17.296  -3.381  4.013   1.00 25.55 ? 9   DG  A OP2   1 
ATOM   163 O  "O5'" . DG  A 1 9  ? 18.945  -3.527  2.199   1.00 24.51 ? 9   DG  A "O5'" 1 
ATOM   164 C  "C5'" . DG  A 1 9  ? 19.278  -3.905  0.896   1.00 24.33 ? 9   DG  A "C5'" 1 
ATOM   165 C  "C4'" . DG  A 1 9  ? 19.744  -2.740  0.056   1.00 23.15 ? 9   DG  A "C4'" 1 
ATOM   166 O  "O4'" . DG  A 1 9  ? 18.585  -2.015  -0.446  1.00 22.90 ? 9   DG  A "O4'" 1 
ATOM   167 C  "C3'" . DG  A 1 9  ? 20.604  -1.697  0.775   1.00 24.76 ? 9   DG  A "C3'" 1 
ATOM   168 O  "O3'" . DG  A 1 9  ? 21.502  -1.026  -0.085  1.00 26.24 ? 9   DG  A "O3'" 1 
ATOM   169 C  "C2'" . DG  A 1 9  ? 19.546  -0.701  1.212   1.00 22.92 ? 9   DG  A "C2'" 1 
ATOM   170 C  "C1'" . DG  A 1 9  ? 18.694  -0.638  -0.041  1.00 20.35 ? 9   DG  A "C1'" 1 
ATOM   171 N  N9    . DG  A 1 9  ? 17.331  -0.193  0.158   1.00 18.40 ? 9   DG  A N9    1 
ATOM   172 C  C8    . DG  A 1 9  ? 16.633  -0.128  1.330   1.00 18.19 ? 9   DG  A C8    1 
ATOM   173 N  N7    . DG  A 1 9  ? 15.406  0.232   1.173   1.00 17.59 ? 9   DG  A N7    1 
ATOM   174 C  C5    . DG  A 1 9  ? 15.251  0.431   -0.138  1.00 15.33 ? 9   DG  A C5    1 
ATOM   175 C  C6    . DG  A 1 9  ? 14.116  0.807   -0.841  1.00 16.99 ? 9   DG  A C6    1 
ATOM   176 O  O6    . DG  A 1 9  ? 12.971  1.100   -0.406  1.00 19.16 ? 9   DG  A O6    1 
ATOM   177 N  N1    . DG  A 1 9  ? 14.382  0.851   -2.203  1.00 15.89 ? 9   DG  A N1    1 
ATOM   178 C  C2    . DG  A 1 9  ? 15.618  0.516   -2.768  1.00 15.56 ? 9   DG  A C2    1 
ATOM   179 N  N2    . DG  A 1 9  ? 15.744  0.627   -4.049  1.00 14.41 ? 9   DG  A N2    1 
ATOM   180 N  N3    . DG  A 1 9  ? 16.667  0.173   -2.099  1.00 16.51 ? 9   DG  A N3    1 
ATOM   181 C  C4    . DG  A 1 9  ? 16.434  0.123   -0.806  1.00 17.46 ? 9   DG  A C4    1 
ATOM   182 P  P     . DA  A 1 10 ? 23.079  -1.355  -0.146  1.00 26.93 ? 10  DA  A P     1 
ATOM   183 O  OP1   . DA  A 1 10 ? 23.278  -2.822  -0.392  1.00 30.29 ? 10  DA  A OP1   1 
ATOM   184 O  OP2   . DA  A 1 10 ? 23.706  -0.719  1.041   1.00 30.80 ? 10  DA  A OP2   1 
ATOM   185 O  "O5'" . DA  A 1 10 ? 23.370  -0.559  -1.469  1.00 24.26 ? 10  DA  A "O5'" 1 
ATOM   186 C  "C5'" . DA  A 1 10 ? 22.989  -1.054  -2.709  1.00 19.81 ? 10  DA  A "C5'" 1 
ATOM   187 C  "C4'" . DA  A 1 10 ? 22.667  0.065   -3.655  1.00 19.78 ? 10  DA  A "C4'" 1 
ATOM   188 O  "O4'" . DA  A 1 10 ? 21.388  0.697   -3.349  1.00 19.13 ? 10  DA  A "O4'" 1 
ATOM   189 C  "C3'" . DA  A 1 10 ? 23.672  1.227   -3.632  1.00 20.24 ? 10  DA  A "C3'" 1 
ATOM   190 O  "O3'" . DA  A 1 10 ? 23.733  1.751   -4.924  1.00 23.31 ? 10  DA  A "O3'" 1 
ATOM   191 C  "C2'" . DA  A 1 10 ? 23.069  2.236   -2.693  1.00 18.83 ? 10  DA  A "C2'" 1 
ATOM   192 C  "C1'" . DA  A 1 10 ? 21.581  2.073   -2.976  1.00 18.12 ? 10  DA  A "C1'" 1 
ATOM   193 N  N9    . DA  A 1 10 ? 20.667  2.374   -1.876  1.00 17.74 ? 10  DA  A N9    1 
ATOM   194 C  C8    . DA  A 1 10 ? 20.911  2.273   -0.565  1.00 16.38 ? 10  DA  A C8    1 
ATOM   195 N  N7    . DA  A 1 10 ? 19.881  2.538   0.175   1.00 16.57 ? 10  DA  A N7    1 
ATOM   196 C  C5    . DA  A 1 10 ? 18.901  2.888   -0.717  1.00 17.56 ? 10  DA  A C5    1 
ATOM   197 C  C6    . DA  A 1 10 ? 17.547  3.309   -0.559  1.00 15.88 ? 10  DA  A C6    1 
ATOM   198 N  N6    . DA  A 1 10 ? 16.962  3.462   0.629   1.00 21.10 ? 10  DA  A N6    1 
ATOM   199 N  N1    . DA  A 1 10 ? 16.843  3.576   -1.641  1.00 15.52 ? 10  DA  A N1    1 
ATOM   200 C  C2    . DA  A 1 10 ? 17.444  3.429   -2.844  1.00 16.57 ? 10  DA  A C2    1 
ATOM   201 N  N3    . DA  A 1 10 ? 18.688  3.035   -3.105  1.00 17.22 ? 10  DA  A N3    1 
ATOM   202 C  C4    . DA  A 1 10 ? 19.376  2.781   -2.002  1.00 16.96 ? 10  DA  A C4    1 
ATOM   203 O  "O5'" . DT  B 1 1  ? 1.053   -16.637 1.949   1.00 27.46 ? 1   DT  B "O5'" 1 
ATOM   204 C  "C5'" . DT  B 1 1  ? 0.892   -18.022 2.316   1.00 27.71 ? 1   DT  B "C5'" 1 
ATOM   205 C  "C4'" . DT  B 1 1  ? -0.026  -18.186 3.502   1.00 25.78 ? 1   DT  B "C4'" 1 
ATOM   206 O  "O4'" . DT  B 1 1  ? 0.664   -17.747 4.689   1.00 22.69 ? 1   DT  B "O4'" 1 
ATOM   207 C  "C3'" . DT  B 1 1  ? -1.291  -17.326 3.382   1.00 25.14 ? 1   DT  B "C3'" 1 
ATOM   208 O  "O3'" . DT  B 1 1  ? -2.377  -18.077 3.799   1.00 23.23 ? 1   DT  B "O3'" 1 
ATOM   209 C  "C2'" . DT  B 1 1  ? -1.005  -16.155 4.320   1.00 23.47 ? 1   DT  B "C2'" 1 
ATOM   210 C  "C1'" . DT  B 1 1  ? -0.209  -16.825 5.393   1.00 22.74 ? 1   DT  B "C1'" 1 
ATOM   211 N  N1    . DT  B 1 1  ? 0.566   -16.002 6.309   1.00 21.11 ? 1   DT  B N1    1 
ATOM   212 C  C2    . DT  B 1 1  ? -0.046  -15.427 7.414   1.00 19.48 ? 1   DT  B C2    1 
ATOM   213 O  O2    . DT  B 1 1  ? -1.234  -15.573 7.606   1.00 20.20 ? 1   DT  B O2    1 
ATOM   214 N  N3    . DT  B 1 1  ? 0.748   -14.708 8.272   1.00 16.99 ? 1   DT  B N3    1 
ATOM   215 C  C4    . DT  B 1 1  ? 2.140   -14.531 8.097   1.00 18.84 ? 1   DT  B C4    1 
ATOM   216 O  O4    . DT  B 1 1  ? 2.808   -13.928 8.908   1.00 17.91 ? 1   DT  B O4    1 
ATOM   217 C  C5    . DT  B 1 1  ? 2.733   -15.113 6.891   1.00 18.98 ? 1   DT  B C5    1 
ATOM   218 C  C7    . DT  B 1 1  ? 4.196   -14.964 6.574   1.00 21.65 ? 1   DT  B C7    1 
ATOM   219 C  C6    . DT  B 1 1  ? 1.915   -15.796 6.082   1.00 20.12 ? 1   DT  B C6    1 
ATOM   220 P  P     . DC  B 1 2  ? -3.536  -18.580 2.873   1.00 28.87 ? 2   DC  B P     1 
ATOM   221 O  OP1   . DC  B 1 2  ? -4.554  -19.361 3.637   1.00 28.15 ? 2   DC  B OP1   1 
ATOM   222 O  OP2   . DC  B 1 2  ? -2.919  -18.999 1.608   1.00 28.44 ? 2   DC  B OP2   1 
ATOM   223 O  "O5'" . DC  B 1 2  ? -4.178  -17.133 2.590   1.00 26.06 ? 2   DC  B "O5'" 1 
ATOM   224 C  "C5'" . DC  B 1 2  ? -5.070  -16.540 3.525   1.00 23.41 ? 2   DC  B "C5'" 1 
ATOM   225 C  "C4'" . DC  B 1 2  ? -5.083  -15.048 3.339   1.00 21.24 ? 2   DC  B "C4'" 1 
ATOM   226 O  "O4'" . DC  B 1 2  ? -3.890  -14.432 3.833   1.00 17.98 ? 2   DC  B "O4'" 1 
ATOM   227 C  "C3'" . DC  B 1 2  ? -5.157  -14.572 1.890   1.00 20.85 ? 2   DC  B "C3'" 1 
ATOM   228 O  "O3'" . DC  B 1 2  ? -6.215  -13.629 1.771   1.00 22.06 ? 2   DC  B "O3'" 1 
ATOM   229 C  "C2'" . DC  B 1 2  ? -3.842  -13.869 1.630   1.00 19.66 ? 2   DC  B "C2'" 1 
ATOM   230 C  "C1'" . DC  B 1 2  ? -3.531  -13.324 2.986   1.00 18.68 ? 2   DC  B "C1'" 1 
ATOM   231 N  N1    . DC  B 1 2  ? -2.120  -13.064 3.333   1.00 16.32 ? 2   DC  B N1    1 
ATOM   232 C  C2    . DC  B 1 2  ? -1.878  -12.467 4.582   1.00 16.15 ? 2   DC  B C2    1 
ATOM   233 O  O2    . DC  B 1 2  ? -2.821  -12.155 5.339   1.00 17.36 ? 2   DC  B O2    1 
ATOM   234 N  N3    . DC  B 1 2  ? -0.629  -12.246 4.988   1.00 17.73 ? 2   DC  B N3    1 
ATOM   235 C  C4    . DC  B 1 2  ? 0.405   -12.569 4.197   1.00 17.33 ? 2   DC  B C4    1 
ATOM   236 N  N4    . DC  B 1 2  ? 1.614   -12.289 4.728   1.00 18.08 ? 2   DC  B N4    1 
ATOM   237 C  C5    . DC  B 1 2  ? 0.199   -13.155 2.919   1.00 17.04 ? 2   DC  B C5    1 
ATOM   238 C  C6    . DC  B 1 2  ? -1.053  -13.387 2.504   1.00 16.96 ? 2   DC  B C6    1 
ATOM   239 P  P     . DG  B 1 3  ? -7.563  -14.176 1.143   1.00 25.49 ? 3   DG  B P     1 
ATOM   240 O  OP1   . DG  B 1 3  ? -7.804  -15.522 1.704   1.00 26.47 ? 3   DG  B OP1   1 
ATOM   241 O  OP2   . DG  B 1 3  ? -7.547  -13.972 -0.295  1.00 26.38 ? 3   DG  B OP2   1 
ATOM   242 O  "O5'" . DG  B 1 3  ? -8.477  -13.015 1.743   1.00 22.91 ? 3   DG  B "O5'" 1 
ATOM   243 C  "C5'" . DG  B 1 3  ? -8.686  -12.869 3.150   1.00 21.98 ? 3   DG  B "C5'" 1 
ATOM   244 C  "C4'" . DG  B 1 3  ? -8.629  -11.439 3.629   1.00 21.33 ? 3   DG  B "C4'" 1 
ATOM   245 O  "O4'" . DG  B 1 3  ? -7.234  -11.011 3.761   1.00 19.26 ? 3   DG  B "O4'" 1 
ATOM   246 C  "C3'" . DG  B 1 3  ? -9.317  -10.424 2.737   1.00 19.93 ? 3   DG  B "C3'" 1 
ATOM   247 O  "O3'" . DG  B 1 3  ? -9.748  -9.331  3.542   1.00 21.40 ? 3   DG  B "O3'" 1 
ATOM   248 C  "C2'" . DG  B 1 3  ? -8.164  -9.959  1.856   1.00 19.09 ? 3   DG  B "C2'" 1 
ATOM   249 C  "C1'" . DG  B 1 3  ? -7.059  -9.870  2.899   1.00 18.20 ? 3   DG  B "C1'" 1 
ATOM   250 N  N9    . DG  B 1 3  ? -5.697  -9.940  2.381   1.00 17.94 ? 3   DG  B N9    1 
ATOM   251 C  C8    . DG  B 1 3  ? -5.307  -10.392 1.163   1.00 18.48 ? 3   DG  B C8    1 
ATOM   252 N  N7    . DG  B 1 3  ? -4.006  -10.364 1.030   1.00 18.20 ? 3   DG  B N7    1 
ATOM   253 C  C5    . DG  B 1 3  ? -3.543  -9.889  2.226   1.00 15.84 ? 3   DG  B C5    1 
ATOM   254 C  C6    . DG  B 1 3  ? -2.230  -9.659  2.692   1.00 16.83 ? 3   DG  B C6    1 
ATOM   255 O  O6    . DG  B 1 3  ? -1.147  -9.836  2.046   1.00 18.91 ? 3   DG  B O6    1 
ATOM   256 N  N1    . DG  B 1 3  ? -2.184  -9.179  3.972   1.00 16.38 ? 3   DG  B N1    1 
ATOM   257 C  C2    . DG  B 1 3  ? -3.299  -8.921  4.760   1.00 17.40 ? 3   DG  B C2    1 
ATOM   258 N  N2    . DG  B 1 3  ? -3.050  -8.456  5.985   1.00 17.41 ? 3   DG  B N2    1 
ATOM   259 N  N3    . DG  B 1 3  ? -4.508  -9.168  4.360   1.00 15.99 ? 3   DG  B N3    1 
ATOM   260 C  C4    . DG  B 1 3  ? -4.591  -9.608  3.094   1.00 16.02 ? 3   DG  B C4    1 
ATOM   261 P  P     . DG  B 1 4  ? -11.312 -8.977  3.692   1.00 23.01 ? 4   DG  B P     1 
ATOM   262 O  OP1   . DG  B 1 4  ? -11.945 -10.126 4.375   1.00 24.16 ? 4   DG  B OP1   1 
ATOM   263 O  OP2   . DG  B 1 4  ? -11.771 -8.592  2.342   1.00 23.94 ? 4   DG  B OP2   1 
ATOM   264 O  "O5'" . DG  B 1 4  ? -11.115 -7.797  4.701   1.00 21.16 ? 4   DG  B "O5'" 1 
ATOM   265 C  "C5'" . DG  B 1 4  ? -10.697 -8.106  5.979   1.00 20.27 ? 4   DG  B "C5'" 1 
ATOM   266 C  "C4'" . DG  B 1 4  ? -9.854  -6.979  6.512   1.00 20.80 ? 4   DG  B "C4'" 1 
ATOM   267 O  "O4'" . DG  B 1 4  ? -8.527  -6.932  5.911   1.00 19.60 ? 4   DG  B "O4'" 1 
ATOM   268 C  "C3'" . DG  B 1 4  ? -10.466 -5.604  6.279   1.00 23.06 ? 4   DG  B "C3'" 1 
ATOM   269 O  "O3'" . DG  B 1 4  ? -10.218 -4.881  7.416   1.00 25.12 ? 4   DG  B "O3'" 1 
ATOM   270 C  "C2'" . DG  B 1 4  ? -9.777  -5.105  5.007   1.00 22.59 ? 4   DG  B "C2'" 1 
ATOM   271 C  "C1'" . DG  B 1 4  ? -8.383  -5.693  5.174   1.00 20.68 ? 4   DG  B "C1'" 1 
ATOM   272 N  N9    . DG  B 1 4  ? -7.744  -5.984  3.903   1.00 18.69 ? 4   DG  B N9    1 
ATOM   273 C  C8    . DG  B 1 4  ? -8.306  -6.441  2.744   1.00 17.50 ? 4   DG  B C8    1 
ATOM   274 N  N7    . DG  B 1 4  ? -7.436  -6.655  1.785   1.00 19.06 ? 4   DG  B N7    1 
ATOM   275 C  C5    . DG  B 1 4  ? -6.228  -6.375  2.379   1.00 16.49 ? 4   DG  B C5    1 
ATOM   276 C  C6    . DG  B 1 4  ? -4.915  -6.435  1.814   1.00 15.56 ? 4   DG  B C6    1 
ATOM   277 O  O6    . DG  B 1 4  ? -4.631  -6.811  0.708   1.00 18.53 ? 4   DG  B O6    1 
ATOM   278 N  N1    . DG  B 1 4  ? -3.969  -6.069  2.742   1.00 16.18 ? 4   DG  B N1    1 
ATOM   279 C  C2    . DG  B 1 4  ? -4.165  -5.670  3.999   1.00 15.74 ? 4   DG  B C2    1 
ATOM   280 N  N2    . DG  B 1 4  ? -3.101  -5.339  4.745   1.00 18.60 ? 4   DG  B N2    1 
ATOM   281 N  N3    . DG  B 1 4  ? -5.380  -5.603  4.550   1.00 16.80 ? 4   DG  B N3    1 
ATOM   282 C  C4    . DG  B 1 4  ? -6.345  -5.972  3.657   1.00 16.01 ? 4   DG  B C4    1 
ATOM   283 P  P     . DT  B 1 5  ? -10.624 -3.302  7.455   1.00 28.27 ? 5   DT  B P     1 
ATOM   284 O  OP1   . DT  B 1 5  ? -10.977 -3.088  8.855   1.00 30.39 ? 5   DT  B OP1   1 
ATOM   285 O  OP2   . DT  B 1 5  ? -11.482 -2.928  6.287   1.00 29.39 ? 5   DT  B OP2   1 
ATOM   286 O  "O5'" . DT  B 1 5  ? -9.127  -2.728  7.265   1.00 27.34 ? 5   DT  B "O5'" 1 
ATOM   287 C  "C5'" . DT  B 1 5  ? -8.287  -2.701  8.382   1.00 26.87 ? 5   DT  B "C5'" 1 
ATOM   288 C  "C4'" . DT  B 1 5  ? -6.957  -2.024  8.094   1.00 27.00 ? 5   DT  B "C4'" 1 
ATOM   289 O  "O4'" . DT  B 1 5  ? -6.332  -2.518  6.893   1.00 22.93 ? 5   DT  B "O4'" 1 
ATOM   290 C  "C3'" . DT  B 1 5  ? -7.163  -0.533  7.905   1.00 29.25 ? 5   DT  B "C3'" 1 
ATOM   291 O  "O3'" . DT  B 1 5  ? -6.559  0.033   8.992   1.00 33.16 ? 5   DT  B "O3'" 1 
ATOM   292 C  "C2'" . DT  B 1 5  ? -6.543  -0.193  6.548   1.00 26.14 ? 5   DT  B "C2'" 1 
ATOM   293 C  "C1'" . DT  B 1 5  ? -5.705  -1.414  6.239   1.00 24.80 ? 5   DT  B "C1'" 1 
ATOM   294 N  N1    . DT  B 1 5  ? -5.632  -1.802  4.838   1.00 21.80 ? 5   DT  B N1    1 
ATOM   295 C  C2    . DT  B 1 5  ? -4.392  -1.963  4.175   1.00 21.14 ? 5   DT  B C2    1 
ATOM   296 O  O2    . DT  B 1 5  ? -3.294  -1.696  4.645   1.00 20.88 ? 5   DT  B O2    1 
ATOM   297 N  N3    . DT  B 1 5  ? -4.494  -2.403  2.897   1.00 17.85 ? 5   DT  B N3    1 
ATOM   298 C  C4    . DT  B 1 5  ? -5.617  -2.739  2.176   1.00 20.89 ? 5   DT  B C4    1 
ATOM   299 O  O4    . DT  B 1 5  ? -5.619  -3.158  1.035   1.00 22.05 ? 5   DT  B O4    1 
ATOM   300 C  C5    . DT  B 1 5  ? -6.852  -2.594  2.924   1.00 21.36 ? 5   DT  B C5    1 
ATOM   301 C  C7    . DT  B 1 5  ? -8.133  -2.930  2.249   1.00 27.08 ? 5   DT  B C7    1 
ATOM   302 C  C6    . DT  B 1 5  ? -6.784  -2.167  4.173   1.00 22.12 ? 5   DT  B C6    1 
ATOM   303 P  P     . DA  B 1 6  ? -6.482  1.613   8.988   1.00 38.44 ? 6   DA  B P     1 
ATOM   304 O  OP1   . DA  B 1 6  ? -6.390  2.142   10.373  1.00 37.73 ? 6   DA  B OP1   1 
ATOM   305 O  OP2   . DA  B 1 6  ? -7.496  2.102   8.009   1.00 38.58 ? 6   DA  B OP2   1 
ATOM   306 O  "O5'" . DA  B 1 6  ? -5.047  1.823   8.260   1.00 30.95 ? 6   DA  B "O5'" 1 
ATOM   307 C  "C5'" . DA  B 1 6  ? -3.745  1.697   8.843   1.00 26.72 ? 6   DA  B "C5'" 1 
ATOM   308 C  "C4'" . DA  B 1 6  ? -2.712  2.160   7.807   1.00 22.88 ? 6   DA  B "C4'" 1 
ATOM   309 O  "O4'" . DA  B 1 6  ? -2.961  1.538   6.509   1.00 21.51 ? 6   DA  B "O4'" 1 
ATOM   310 C  "C3'" . DA  B 1 6  ? -2.830  3.674   7.590   1.00 22.36 ? 6   DA  B "C3'" 1 
ATOM   311 O  "O3'" . DA  B 1 6  ? -1.590  4.278   7.364   1.00 22.00 ? 6   DA  B "O3'" 1 
ATOM   312 C  "C2'" . DA  B 1 6  ? -3.717  3.816   6.387   1.00 20.21 ? 6   DA  B "C2'" 1 
ATOM   313 C  "C1'" . DA  B 1 6  ? -3.265  2.617   5.579   1.00 20.51 ? 6   DA  B "C1'" 1 
ATOM   314 N  N9    . DA  B 1 6  ? -4.224  2.177   4.584   1.00 19.08 ? 6   DA  B N9    1 
ATOM   315 C  C8    . DA  B 1 6  ? -5.594  2.249   4.668   1.00 17.91 ? 6   DA  B C8    1 
ATOM   316 N  N7    . DA  B 1 6  ? -6.188  1.739   3.645   1.00 17.13 ? 6   DA  B N7    1 
ATOM   317 C  C5    . DA  B 1 6  ? -5.177  1.323   2.835   1.00 17.45 ? 6   DA  B C5    1 
ATOM   318 C  C6    . DA  B 1 6  ? -5.157  0.700   1.568   1.00 18.87 ? 6   DA  B C6    1 
ATOM   319 N  N6    . DA  B 1 6  ? -6.229  0.342   0.849   1.00 21.53 ? 6   DA  B N6    1 
ATOM   320 N  N1    . DA  B 1 6  ? -3.990  0.412   0.990   1.00 18.83 ? 6   DA  B N1    1 
ATOM   321 C  C2    . DA  B 1 6  ? -2.881  0.737   1.645   1.00 18.12 ? 6   DA  B C2    1 
ATOM   322 N  N3    . DA  B 1 6  ? -2.763  1.303   2.834   1.00 16.75 ? 6   DA  B N3    1 
ATOM   323 C  C4    . DA  B 1 6  ? -3.959  1.609   3.379   1.00 18.06 ? 6   DA  B C4    1 
ATOM   324 P  P     . DC  B 1 7  ? -1.322  5.844   7.622   1.00 21.92 ? 7   DC  B P     1 
ATOM   325 O  OP1   . DC  B 1 7  ? 0.150   5.925   7.722   1.00 23.19 ? 7   DC  B OP1   1 
ATOM   326 O  OP2   . DC  B 1 7  ? -2.176  6.312   8.706   1.00 21.49 ? 7   DC  B OP2   1 
ATOM   327 O  "O5'" . DC  B 1 7  ? -1.858  6.546   6.273   1.00 22.15 ? 7   DC  B "O5'" 1 
ATOM   328 C  "C5'" . DC  B 1 7  ? -0.980  6.887   5.222   1.00 21.73 ? 7   DC  B "C5'" 1 
ATOM   329 C  "C4'" . DC  B 1 7  ? -0.521  5.628   4.491   1.00 22.00 ? 7   DC  B "C4'" 1 
ATOM   330 O  "O4'" . DC  B 1 7  ? -1.677  4.887   4.063   1.00 21.30 ? 7   DC  B "O4'" 1 
ATOM   331 C  "C3'" . DC  B 1 7  ? 0.286   5.869   3.217   1.00 20.36 ? 7   DC  B "C3'" 1 
ATOM   332 O  "O3'" . DC  B 1 7  ? 1.175   4.768   3.061   1.00 20.92 ? 7   DC  B "O3'" 1 
ATOM   333 C  "C2'" . DC  B 1 7  ? -0.750  5.820   2.116   1.00 20.24 ? 7   DC  B "C2'" 1 
ATOM   334 C  "C1'" . DC  B 1 7  ? -1.638  4.741   2.650   1.00 18.88 ? 7   DC  B "C1'" 1 
ATOM   335 N  N1    . DC  B 1 7  ? -3.024  4.694   2.183   1.00 18.54 ? 7   DC  B N1    1 
ATOM   336 C  C2    . DC  B 1 7  ? -3.258  4.041   0.992   1.00 18.05 ? 7   DC  B C2    1 
ATOM   337 O  O2    . DC  B 1 7  ? -2.251  3.668   0.409   1.00 20.47 ? 7   DC  B O2    1 
ATOM   338 N  N3    . DC  B 1 7  ? -4.530  3.903   0.503   1.00 17.35 ? 7   DC  B N3    1 
ATOM   339 C  C4    . DC  B 1 7  ? -5.561  4.309   1.249   1.00 19.31 ? 7   DC  B C4    1 
ATOM   340 N  N4    . DC  B 1 7  ? -6.806  4.106   0.786   1.00 20.00 ? 7   DC  B N4    1 
ATOM   341 C  C5    . DC  B 1 7  ? -5.330  4.947   2.489   1.00 17.70 ? 7   DC  B C5    1 
ATOM   342 C  C6    . DC  B 1 7  ? -4.064  5.121   2.936   1.00 18.08 ? 7   DC  B C6    1 
ATOM   343 P  P     . DC  B 1 8  ? 2.741   5.072   3.075   1.00 22.10 ? 8   DC  B P     1 
ATOM   344 O  OP1   . DC  B 1 8  ? 3.317   3.720   2.986   1.00 22.37 ? 8   DC  B OP1   1 
ATOM   345 O  OP2   . DC  B 1 8  ? 3.009   5.954   4.254   1.00 21.95 ? 8   DC  B OP2   1 
ATOM   346 O  "O5'" . DC  B 1 8  ? 3.061   5.963   1.775   1.00 22.18 ? 8   DC  B "O5'" 1 
ATOM   347 C  "C5'" . DC  B 1 8  ? 3.122   5.378   0.465   1.00 19.09 ? 8   DC  B "C5'" 1 
ATOM   348 C  "C4'" . DC  B 1 8  ? 2.823   6.472   -0.547  1.00 20.60 ? 8   DC  B "C4'" 1 
ATOM   349 O  "O4'" . DC  B 1 8  ? 1.390   6.710   -0.514  1.00 19.15 ? 8   DC  B "O4'" 1 
ATOM   350 C  "C3'" . DC  B 1 8  ? 3.493   7.825   -0.275  1.00 21.05 ? 8   DC  B "C3'" 1 
ATOM   351 O  "O3'" . DC  B 1 8  ? 4.023   8.392   -1.482  1.00 23.01 ? 8   DC  B "O3'" 1 
ATOM   352 C  "C2'" . DC  B 1 8  ? 2.305   8.685   0.193   1.00 20.24 ? 8   DC  B "C2'" 1 
ATOM   353 C  "C1'" . DC  B 1 8  ? 1.208   8.134   -0.679  1.00 18.76 ? 8   DC  B "C1'" 1 
ATOM   354 N  N1    . DC  B 1 8  ? -0.209  8.304   -0.205  1.00 16.08 ? 8   DC  B N1    1 
ATOM   355 C  C2    . DC  B 1 8  ? -1.180  7.733   -0.989  1.00 16.23 ? 8   DC  B C2    1 
ATOM   356 O  O2    . DC  B 1 8  ? -0.918  7.234   -2.094  1.00 18.08 ? 8   DC  B O2    1 
ATOM   357 N  N3    . DC  B 1 8  ? -2.434  7.763   -0.517  1.00 15.30 ? 8   DC  B N3    1 
ATOM   358 C  C4    . DC  B 1 8  ? -2.725  8.331   0.671   1.00 15.55 ? 8   DC  B C4    1 
ATOM   359 N  N4    . DC  B 1 8  ? -3.989  8.367   1.109   1.00 16.08 ? 8   DC  B N4    1 
ATOM   360 C  C5    . DC  B 1 8  ? -1.738  8.920   1.473   1.00 17.40 ? 8   DC  B C5    1 
ATOM   361 C  C6    . DC  B 1 8  ? -0.474  8.882   0.996   1.00 17.11 ? 8   DC  B C6    1 
ATOM   362 P  P     . DG  B 1 9  ? 5.536   8.214   -1.928  1.00 26.27 ? 9   DG  B P     1 
ATOM   363 O  OP1   . DG  B 1 9  ? 5.916   6.805   -1.550  1.00 27.46 ? 9   DG  B OP1   1 
ATOM   364 O  OP2   . DG  B 1 9  ? 6.232   9.359   -1.388  1.00 30.51 ? 9   DG  B OP2   1 
ATOM   365 O  "O5'" . DG  B 1 9  ? 5.453   8.373   -3.507  1.00 26.49 ? 9   DG  B "O5'" 1 
ATOM   366 C  "C5'" . DG  B 1 9  ? 4.831   7.413   -4.340  1.00 27.82 ? 9   DG  B "C5'" 1 
ATOM   367 C  "C4'" . DG  B 1 9  ? 4.074   8.037   -5.493  1.00 28.17 ? 9   DG  B "C4'" 1 
ATOM   368 O  "O4'" . DG  B 1 9  ? 2.789   8.529   -4.951  1.00 26.37 ? 9   DG  B "O4'" 1 
ATOM   369 C  "C3'" . DG  B 1 9  ? 4.670   9.275   -6.175  1.00 28.78 ? 9   DG  B "C3'" 1 
ATOM   370 O  "O3'" . DG  B 1 9  ? 4.116   9.375   -7.484  1.00 33.98 ? 9   DG  B "O3'" 1 
ATOM   371 C  "C2'" . DG  B 1 9  ? 4.162   10.411  -5.301  1.00 28.26 ? 9   DG  B "C2'" 1 
ATOM   372 C  "C1'" . DG  B 1 9  ? 2.713   9.944   -5.161  1.00 25.56 ? 9   DG  B "C1'" 1 
ATOM   373 N  N9    . DG  B 1 9  ? 1.962   10.490  -4.034  1.00 21.62 ? 9   DG  B N9    1 
ATOM   374 C  C8    . DG  B 1 9  ? 2.440   11.110  -2.914  1.00 20.16 ? 9   DG  B C8    1 
ATOM   375 N  N7    . DG  B 1 9  ? 1.476   11.440  -2.071  1.00 22.19 ? 9   DG  B N7    1 
ATOM   376 C  C5    . DG  B 1 9  ? 0.332   10.947  -2.664  1.00 17.43 ? 9   DG  B C5    1 
ATOM   377 C  C6    . DG  B 1 9  ? -1.032  10.983  -2.171  1.00 15.51 ? 9   DG  B C6    1 
ATOM   378 O  O6    . DG  B 1 9  ? -1.392  11.487  -1.085  1.00 17.57 ? 9   DG  B O6    1 
ATOM   379 N  N1    . DG  B 1 9  ? -1.905  10.333  -3.034  1.00 14.53 ? 9   DG  B N1    1 
ATOM   380 C  C2    . DG  B 1 9  ? -1.556  9.776   -4.237  1.00 15.03 ? 9   DG  B C2    1 
ATOM   381 N  N2    . DG  B 1 9  ? -2.536  9.253   -4.958  1.00 17.40 ? 9   DG  B N2    1 
ATOM   382 N  N3    . DG  B 1 9  ? -0.286  9.718   -4.682  1.00 16.13 ? 9   DG  B N3    1 
ATOM   383 C  C4    . DG  B 1 9  ? 0.579   10.352  -3.861  1.00 18.21 ? 9   DG  B C4    1 
ATOM   384 P  P     . DA  B 1 10 ? 4.908   8.799   -8.764  1.00 36.79 ? 10  DA  B P     1 
ATOM   385 O  OP1   . DA  B 1 10 ? 5.272   7.347   -8.536  1.00 38.28 ? 10  DA  B OP1   1 
ATOM   386 O  OP2   . DA  B 1 10 ? 5.967   9.822   -8.907  1.00 38.91 ? 10  DA  B OP2   1 
ATOM   387 O  "O5'" . DA  B 1 10 ? 3.824   8.843   -9.921  1.00 36.74 ? 10  DA  B "O5'" 1 
ATOM   388 C  "C5'" . DA  B 1 10 ? 2.846   7.858   -10.127 1.00 34.93 ? 10  DA  B "C5'" 1 
ATOM   389 C  "C4'" . DA  B 1 10 ? 1.525   8.475   -10.547 1.00 32.87 ? 10  DA  B "C4'" 1 
ATOM   390 O  "O4'" . DA  B 1 10 ? 1.030   9.340   -9.498  1.00 31.59 ? 10  DA  B "O4'" 1 
ATOM   391 C  "C3'" . DA  B 1 10 ? 1.614   9.350   -11.794 1.00 31.63 ? 10  DA  B "C3'" 1 
ATOM   392 O  "O3'" . DA  B 1 10 ? 0.458   9.089   -12.575 1.00 32.39 ? 10  DA  B "O3'" 1 
ATOM   393 C  "C2'" . DA  B 1 10 ? 1.712   10.759  -11.220 1.00 31.09 ? 10  DA  B "C2'" 1 
ATOM   394 C  "C1'" . DA  B 1 10 ? 0.843   10.685  -9.951  1.00 29.16 ? 10  DA  B "C1'" 1 
ATOM   395 N  N9    . DA  B 1 10 ? 1.167   11.505  -8.792  1.00 22.91 ? 10  DA  B N9    1 
ATOM   396 C  C8    . DA  B 1 10 ? 2.341   12.004  -8.394  1.00 21.07 ? 10  DA  B C8    1 
ATOM   397 N  N7    . DA  B 1 10 ? 2.356   12.673  -7.288  1.00 21.15 ? 10  DA  B N7    1 
ATOM   398 C  C5    . DA  B 1 10 ? 1.026   12.605  -6.885  1.00 18.92 ? 10  DA  B C5    1 
ATOM   399 C  C6    . DA  B 1 10 ? 0.369   13.123  -5.745  1.00 17.75 ? 10  DA  B C6    1 
ATOM   400 N  N6    . DA  B 1 10 ? 0.943   13.829  -4.763  1.00 19.31 ? 10  DA  B N6    1 
ATOM   401 N  N1    . DA  B 1 10 ? -0.957  12.861  -5.696  1.00 17.75 ? 10  DA  B N1    1 
ATOM   402 C  C2    . DA  B 1 10 ? -1.590  12.160  -6.650  1.00 17.64 ? 10  DA  B C2    1 
ATOM   403 N  N3    . DA  B 1 10 ? -1.035  11.602  -7.747  1.00 18.97 ? 10  DA  B N3    1 
ATOM   404 C  C4    . DA  B 1 10 ? 0.272   11.899  -7.793  1.00 19.17 ? 10  DA  B C4    1 
HETATM 405 SR SR    . SR  C 2 .  ? 0.893   4.126   -4.826  1.00 30.72 ? 103 SR  A SR    1 
HETATM 406 SR SR    . SR  D 2 .  ? -5.064  8.997   -8.480  1.00 36.48 ? 104 SR  A SR    1 
HETATM 407 SR SR    . SR  E 2 .  ? -6.326  -13.235 7.909   1.00 22.79 ? 101 SR  B SR    1 
HETATM 408 SR SR    . SR  F 2 .  ? -3.312  -5.171  9.274   1.00 27.66 ? 102 SR  B SR    1 
HETATM 409 SR SR    . SR  G 2 .  ? 3.005   2.523   7.691   1.00 31.20 ? 105 SR  B SR    1 
HETATM 410 O  O     . HOH H 3 .  ? -1.359  2.320   -4.773  1.00 33.82 ? 489 HOH A O     1 
HETATM 411 O  O     . HOH H 3 .  ? 1.899   1.944   -4.070  1.00 32.53 ? 490 HOH A O     1 
HETATM 412 O  O     . HOH H 3 .  ? 0.423   4.183   -2.234  1.00 22.33 ? 491 HOH A O     1 
HETATM 413 O  O     . HOH H 3 .  ? -5.392  6.392   -8.972  1.00 39.47 ? 496 HOH A O     1 
HETATM 414 O  O     . HOH H 3 .  ? -5.327  10.586  -6.508  1.00 23.32 ? 497 HOH A O     1 
HETATM 415 O  O     . HOH H 3 .  ? -6.066  7.624   -6.313  1.00 24.65 ? 499 HOH A O     1 
HETATM 416 O  O     . HOH H 3 .  ? -5.754  8.324   -10.946 1.00 38.13 ? 500 HOH A O     1 
HETATM 417 O  O     . HOH H 3 .  ? 3.696   0.951   -6.019  1.00 25.74 ? 502 HOH A O     1 
HETATM 418 O  O     . HOH H 3 .  ? 6.010   -2.182  -7.225  1.00 27.27 ? 503 HOH A O     1 
HETATM 419 O  O     . HOH H 3 .  ? 4.786   -0.655  2.269   1.00 24.39 ? 504 HOH A O     1 
HETATM 420 O  O     . HOH H 3 .  ? 6.395   1.108   -2.229  1.00 21.65 ? 505 HOH A O     1 
HETATM 421 O  O     . HOH H 3 .  ? -5.967  14.890  1.378   1.00 19.91 ? 513 HOH A O     1 
HETATM 422 O  O     . HOH H 3 .  ? -3.952  5.069   -6.735  1.00 30.03 ? 514 HOH A O     1 
HETATM 423 O  O     . HOH H 3 .  ? 13.233  -7.533  -2.449  1.00 21.88 ? 517 HOH A O     1 
HETATM 424 O  O     . HOH H 3 .  ? 21.656  1.878   -6.584  1.00 19.05 ? 520 HOH A O     1 
HETATM 425 O  O     . HOH H 3 .  ? 1.666   0.735   -1.579  1.00 23.36 ? 523 HOH A O     1 
HETATM 426 O  O     . HOH H 3 .  ? 5.305   -3.352  -9.909  1.00 25.86 ? 525 HOH A O     1 
HETATM 427 O  O     . HOH H 3 .  ? 2.201   -0.850  2.271   1.00 21.41 ? 527 HOH A O     1 
HETATM 428 O  O     . HOH H 3 .  ? 6.923   -1.714  -12.004 0.50 20.57 ? 530 HOH A O     1 
HETATM 429 O  O     . HOH H 3 .  ? 11.602  0.909   1.698   1.00 26.08 ? 533 HOH A O     1 
HETATM 430 O  O     . HOH H 3 .  ? 17.778  -7.471  0.655   1.00 29.91 ? 538 HOH A O     1 
HETATM 431 O  O     . HOH H 3 .  ? -5.695  13.344  -7.257  1.00 28.30 ? 540 HOH A O     1 
HETATM 432 O  O     . HOH H 3 .  ? -8.105  7.334   0.900   1.00 23.04 ? 543 HOH A O     1 
HETATM 433 O  O     . HOH H 3 .  ? 0.968   14.895  -0.742  1.00 44.80 ? 545 HOH A O     1 
HETATM 434 O  O     . HOH H 3 .  ? 3.037   -5.768  -3.985  0.50 24.42 ? 546 HOH A O     1 
HETATM 435 O  O     . HOH H 3 .  ? -8.472  -1.367  -1.516  0.50 19.02 ? 550 HOH A O     1 
HETATM 436 O  O     . HOH H 3 .  ? 4.950   -5.346  -7.708  1.00 26.81 ? 551 HOH A O     1 
HETATM 437 O  O     . HOH H 3 .  ? 20.634  2.595   3.072   1.00 40.89 ? 553 HOH A O     1 
HETATM 438 O  O     . HOH H 3 .  ? -12.063 11.668  -1.912  0.50 27.96 ? 559 HOH A O     1 
HETATM 439 O  O     . HOH H 3 .  ? 23.602  -4.442  -3.458  0.50 40.26 ? 563 HOH A O     1 
HETATM 440 O  O     . HOH H 3 .  ? -12.432 8.178   -2.453  1.00 42.21 ? 564 HOH A O     1 
HETATM 441 O  O     . HOH H 3 .  ? 8.927   -1.922  3.308   1.00 32.80 ? 565 HOH A O     1 
HETATM 442 O  O     . HOH H 3 .  ? -9.695  1.967   -1.302  0.50 37.13 ? 569 HOH A O     1 
HETATM 443 O  O     . HOH H 3 .  ? 1.516   14.311  1.664   1.00 35.95 ? 636 HOH A O     1 
HETATM 444 O  O     . HOH I 3 .  ? 3.800   2.136   5.470   1.00 23.80 ? 466 HOH B O     1 
HETATM 445 O  O     . HOH I 3 .  ? 0.933   3.798   9.141   1.00 33.54 ? 467 HOH B O     1 
HETATM 446 O  O     . HOH I 3 .  ? 2.416   0.093   7.221   1.00 28.20 ? 468 HOH B O     1 
HETATM 447 O  O     . HOH I 3 .  ? 2.477   4.972   6.731   1.00 34.20 ? 469 HOH B O     1 
HETATM 448 O  O     . HOH I 3 .  ? 0.648   2.395   6.689   1.00 26.70 ? 470 HOH B O     1 
HETATM 449 O  O     . HOH I 3 .  ? 4.921   4.019   8.610   1.00 45.43 ? 471 HOH B O     1 
HETATM 450 O  O     . HOH I 3 .  ? -7.762  -14.392 6.228   1.00 24.17 ? 472 HOH B O     1 
HETATM 451 O  O     . HOH I 3 .  ? -5.531  -12.183 5.724   1.00 17.94 ? 473 HOH B O     1 
HETATM 452 O  O     . HOH I 3 .  ? -7.961  -11.274 7.197   1.00 21.76 ? 474 HOH B O     1 
HETATM 453 O  O     . HOH I 3 .  ? -5.356  -10.829 8.555   1.00 19.51 ? 475 HOH B O     1 
HETATM 454 O  O     . HOH I 3 .  ? -8.269  -13.573 9.498   1.00 23.13 ? 476 HOH B O     1 
HETATM 455 O  O     . HOH I 3 .  ? -6.274  -15.750 8.654   1.00 21.02 ? 477 HOH B O     1 
HETATM 456 O  O     . HOH I 3 .  ? -5.390  -13.390 10.355  1.00 17.52 ? 478 HOH B O     1 
HETATM 457 O  O     . HOH I 3 .  ? -4.072  -14.367 6.966   1.00 21.27 ? 479 HOH B O     1 
HETATM 458 O  O     . HOH I 3 .  ? -1.413  -4.911  7.512   1.00 20.77 ? 480 HOH B O     1 
HETATM 459 O  O     . HOH I 3 .  ? -3.284  -2.547  8.792   1.00 24.23 ? 481 HOH B O     1 
HETATM 460 O  O     . HOH I 3 .  ? -5.632  -4.354  10.130  1.00 29.27 ? 482 HOH B O     1 
HETATM 461 O  O     . HOH I 3 .  ? -1.462  -7.057  9.325   1.00 20.60 ? 483 HOH B O     1 
HETATM 462 O  O     . HOH I 3 .  ? -4.892  -4.828  7.346   1.00 26.96 ? 484 HOH B O     1 
HETATM 463 O  O     . HOH I 3 .  ? -3.812  -6.763  11.431  1.00 26.70 ? 485 HOH B O     1 
HETATM 464 O  O     . HOH I 3 .  ? -4.417  -7.544  8.659   1.00 24.15 ? 486 HOH B O     1 
HETATM 465 O  O     . HOH I 3 .  ? -1.807  -3.987  11.241  1.00 28.70 ? 487 HOH B O     1 
HETATM 466 O  O     . HOH I 3 .  ? 0.962   6.639   -4.012  1.00 20.87 ? 488 HOH B O     1 
HETATM 467 O  O     . HOH I 3 .  ? 3.406   4.434   -4.913  1.00 58.57 ? 492 HOH B O     1 
HETATM 468 O  O     . HOH I 3 .  ? 1.128   5.464   -7.085  1.00 28.59 ? 493 HOH B O     1 
HETATM 469 O  O     . HOH I 3 .  ? -2.693  10.147  -9.187  1.00 29.77 ? 494 HOH B O     1 
HETATM 470 O  O     . HOH I 3 .  ? -5.575  11.082  -9.776  1.00 29.46 ? 495 HOH B O     1 
HETATM 471 O  O     . HOH I 3 .  ? -2.965  7.725   -7.355  1.00 27.38 ? 498 HOH B O     1 
HETATM 472 O  O     . HOH I 3 .  ? 0.176   8.081   -6.934  1.00 25.17 ? 501 HOH B O     1 
HETATM 473 O  O     . HOH I 3 .  ? 5.362   0.043   4.972   1.00 25.23 ? 506 HOH B O     1 
HETATM 474 O  O     . HOH I 3 .  ? -2.468  -17.771 -0.394  1.00 33.15 ? 508 HOH B O     1 
HETATM 475 O  O     . HOH I 3 .  ? -12.729 -3.851  4.238   0.50 17.46 ? 509 HOH B O     1 
HETATM 476 O  O     . HOH I 3 .  ? -4.650  7.773   7.680   1.00 27.88 ? 510 HOH B O     1 
HETATM 477 O  O     . HOH I 3 .  ? -5.229  7.124   5.209   1.00 22.40 ? 511 HOH B O     1 
HETATM 478 O  O     . HOH I 3 .  ? 4.904   4.122   -2.819  1.00 31.02 ? 512 HOH B O     1 
HETATM 479 O  O     . HOH I 3 .  ? -3.470  -9.487  10.778  1.00 22.00 ? 515 HOH B O     1 
HETATM 480 O  O     . HOH I 3 .  ? -6.466  -8.992  6.447   1.00 23.87 ? 516 HOH B O     1 
HETATM 481 O  O     . HOH I 3 .  ? -0.242  1.423   4.214   1.00 20.49 ? 518 HOH B O     1 
HETATM 482 O  O     . HOH I 3 .  ? -6.596  -9.957  10.920  1.00 24.85 ? 519 HOH B O     1 
HETATM 483 O  O     . HOH I 3 .  ? -6.087  -17.914 6.984   0.50 40.51 ? 521 HOH B O     1 
HETATM 484 O  O     . HOH I 3 .  ? -7.127  -7.054  8.665   1.00 31.23 ? 522 HOH B O     1 
HETATM 485 O  O     . HOH I 3 .  ? 1.358   -12.906 -0.572  1.00 24.92 ? 524 HOH B O     1 
HETATM 486 O  O     . HOH I 3 .  ? -0.719  -11.291 -0.364  1.00 28.13 ? 526 HOH B O     1 
HETATM 487 O  O     . HOH I 3 .  ? 3.783   -13.449 2.989   1.00 23.11 ? 528 HOH B O     1 
HETATM 488 O  O     . HOH I 3 .  ? 4.164   2.298   -0.837  1.00 26.53 ? 529 HOH B O     1 
HETATM 489 O  O     . HOH I 3 .  ? 1.416   1.896   2.160   1.00 21.64 ? 531 HOH B O     1 
HETATM 490 O  O     . HOH I 3 .  ? -2.056  12.709  3.060   1.00 28.44 ? 532 HOH B O     1 
HETATM 491 O  O     . HOH I 3 .  ? -0.235  12.413  0.942   1.00 24.09 ? 534 HOH B O     1 
HETATM 492 O  O     . HOH I 3 .  ? -13.575 -4.221  9.120   1.00 22.19 ? 535 HOH B O     1 
HETATM 493 O  O     . HOH I 3 .  ? 0.046   -0.655  8.839   1.00 32.06 ? 536 HOH B O     1 
HETATM 494 O  O     . HOH I 3 .  ? -12.449 -0.854  9.673   1.00 22.41 ? 537 HOH B O     1 
HETATM 495 O  O     . HOH I 3 .  ? 0.131   2.678   -0.198  1.00 22.63 ? 539 HOH B O     1 
HETATM 496 O  O     . HOH I 3 .  ? -11.200 -11.220 7.026   1.00 54.60 ? 541 HOH B O     1 
HETATM 497 O  O     . HOH I 3 .  ? 1.148   -0.853  4.902   1.00 26.92 ? 542 HOH B O     1 
HETATM 498 O  O     . HOH I 3 .  ? -2.052  -1.193  6.765   1.00 33.21 ? 544 HOH B O     1 
HETATM 499 O  O     . HOH I 3 .  ? -8.757  -6.533  -0.587  1.00 24.67 ? 547 HOH B O     1 
HETATM 500 O  O     . HOH I 3 .  ? -7.063  -4.147  -0.740  0.50 25.75 ? 548 HOH B O     1 
HETATM 501 O  O     . HOH I 3 .  ? -11.538 -5.561  2.197   1.00 26.25 ? 549 HOH B O     1 
HETATM 502 O  O     . HOH I 3 .  ? -1.848  10.352  4.759   1.00 26.90 ? 554 HOH B O     1 
HETATM 503 O  O     . HOH I 3 .  ? -10.821 -14.007 6.339   0.50 31.02 ? 555 HOH B O     1 
HETATM 504 O  O     . HOH I 3 .  ? -6.662  -7.542  11.967  1.00 30.47 ? 556 HOH B O     1 
HETATM 505 O  O     . HOH I 3 .  ? -9.732  1.798   6.601   1.00 50.08 ? 557 HOH B O     1 
HETATM 506 O  O     . HOH I 3 .  ? 5.356   -11.567 4.425   1.00 41.14 ? 558 HOH B O     1 
HETATM 507 O  O     . HOH I 3 .  ? -2.535  8.464   -11.624 0.50 20.75 ? 561 HOH B O     1 
HETATM 508 O  O     . HOH I 3 .  ? -10.848 -8.524  -0.231  0.50 27.40 ? 562 HOH B O     1 
HETATM 509 O  O     . HOH I 3 .  ? -8.600  5.359   2.789   1.00 29.32 ? 566 HOH B O     1 
HETATM 510 O  O     . HOH I 3 .  ? -10.874 3.935   2.794   0.50 26.82 ? 567 HOH B O     1 
HETATM 511 O  O     . HOH I 3 .  ? -8.952  1.462   2.942   0.50 20.09 ? 568 HOH B O     1 
HETATM 512 O  O     . HOH I 3 .  ? -10.112 -4.579  10.864  0.50 31.04 ? 571 HOH B O     1 
HETATM 513 O  O     . HOH I 3 .  ? 2.339   8.548   3.894   1.00 39.12 ? 637 HOH B O     1 
HETATM 514 O  O     . HOH I 3 .  ? 1.765   2.831   -6.667  1.00 30.87 ? 638 HOH B O     1 
HETATM 515 O  O     . HOH I 3 .  ? 5.218   1.558   7.943   1.00 33.17 ? 639 HOH B O     1 
HETATM 516 O  O     . HOH I 3 .  ? -14.256 -8.902  1.463   1.00 27.94 ? 640 HOH B O     1 
# 
loop_
_atom_site_anisotrop.id 
_atom_site_anisotrop.type_symbol 
_atom_site_anisotrop.pdbx_label_atom_id 
_atom_site_anisotrop.pdbx_label_alt_id 
_atom_site_anisotrop.pdbx_label_comp_id 
_atom_site_anisotrop.pdbx_label_asym_id 
_atom_site_anisotrop.pdbx_label_seq_id 
_atom_site_anisotrop.pdbx_PDB_ins_code 
_atom_site_anisotrop.U[1][1] 
_atom_site_anisotrop.U[2][2] 
_atom_site_anisotrop.U[3][3] 
_atom_site_anisotrop.U[1][2] 
_atom_site_anisotrop.U[1][3] 
_atom_site_anisotrop.U[2][3] 
_atom_site_anisotrop.pdbx_auth_seq_id 
_atom_site_anisotrop.pdbx_auth_comp_id 
_atom_site_anisotrop.pdbx_auth_asym_id 
_atom_site_anisotrop.pdbx_auth_atom_id 
1   O  "O5'" . DT  A 1  ? 0.2394 0.2571 0.2427 0.0261  0.0547  0.0225  1   DT  A "O5'" 
2   C  "C5'" . DT  A 1  ? 0.2061 0.2553 0.2485 0.0047  0.0169  -0.0064 1   DT  A "C5'" 
3   C  "C4'" . DT  A 1  ? 0.2261 0.2495 0.2650 0.0065  0.0040  0.0009  1   DT  A "C4'" 
4   O  "O4'" . DT  A 1  ? 0.2350 0.2335 0.2765 0.0160  0.0391  0.0007  1   DT  A "O4'" 
5   C  "C3'" . DT  A 1  ? 0.1960 0.2487 0.2625 0.0070  0.0095  0.0065  1   DT  A "C3'" 
6   O  "O3'" . DT  A 1  ? 0.2336 0.2398 0.2557 0.0280  0.0362  0.0269  1   DT  A "O3'" 
7   C  "C2'" . DT  A 1  ? 0.2202 0.2185 0.2470 0.0232  0.0198  0.0104  1   DT  A "C2'" 
8   C  "C1'" . DT  A 1  ? 0.2222 0.2281 0.2274 0.0178  0.0056  0.0017  1   DT  A "C1'" 
9   N  N1    . DT  A 1  ? 0.2105 0.1816 0.2299 0.0319  0.0510  0.0159  1   DT  A N1    
10  C  C2    . DT  A 1  ? 0.2084 0.1807 0.1924 0.0360  0.0503  0.0210  1   DT  A C2    
11  O  O2    . DT  A 1  ? 0.2501 0.2286 0.2574 0.0439  0.0509  0.0080  1   DT  A O2    
12  N  N3    . DT  A 1  ? 0.2430 0.1743 0.1859 0.0099  0.0496  0.0506  1   DT  A N3    
13  C  C4    . DT  A 1  ? 0.1938 0.1324 0.2055 0.0038  0.0126  0.0270  1   DT  A C4    
14  O  O4    . DT  A 1  ? 0.2419 0.2190 0.2860 0.0274  0.0522  0.0682  1   DT  A O4    
15  C  C5    . DT  A 1  ? 0.2403 0.2161 0.2559 0.0074  0.0213  0.0109  1   DT  A C5    
16  C  C7    . DT  A 1  ? 0.2640 0.2402 0.2563 0.0013  0.0109  0.0228  1   DT  A C7    
17  C  C6    . DT  A 1  ? 0.2073 0.1874 0.2263 0.0320  0.0326  0.0210  1   DT  A C6    
18  P  P     . DC  A 2  ? 0.2802 0.2694 0.3135 0.0157  0.0384  0.0236  2   DC  A P     
19  O  OP1   . DC  A 2  ? 0.3124 0.3154 0.3107 0.0141  0.0109  0.0150  2   DC  A OP1   
20  O  OP2   . DC  A 2  ? 0.2833 0.2495 0.2851 0.0174  0.0473  0.0243  2   DC  A OP2   
21  O  "O5'" . DC  A 2  ? 0.2968 0.2782 0.2906 0.0008  0.0086  0.0208  2   DC  A "O5'" 
22  C  "C5'" . DC  A 2  ? 0.2903 0.2693 0.2958 0.0161  0.0022  0.0051  2   DC  A "C5'" 
23  C  "C4'" . DC  A 2  ? 0.3187 0.2825 0.3077 0.0068  -0.0092 0.0080  2   DC  A "C4'" 
24  O  "O4'" . DC  A 2  ? 0.2707 0.2365 0.3071 0.0014  0.0090  0.0327  2   DC  A "O4'" 
25  C  "C3'" . DC  A 2  ? 0.3306 0.3265 0.3185 -0.0001 -0.0071 0.0109  2   DC  A "C3'" 
26  O  "O3'" . DC  A 2  ? 0.4026 0.3462 0.3924 0.0064  -0.0142 -0.0012 2   DC  A "O3'" 
27  C  "C2'" . DC  A 2  ? 0.2800 0.2584 0.3088 -0.0038 -0.0024 0.0117  2   DC  A "C2'" 
28  C  "C1'" . DC  A 2  ? 0.2747 0.2290 0.2786 0.0099  -0.0041 0.0223  2   DC  A "C1'" 
29  N  N1    . DC  A 2  ? 0.2197 0.1719 0.2387 0.0256  0.0073  0.0293  2   DC  A N1    
30  C  C2    . DC  A 2  ? 0.2193 0.1872 0.2253 0.0222  0.0126  0.0367  2   DC  A C2    
31  O  O2    . DC  A 2  ? 0.2222 0.2215 0.2545 0.0350  0.0324  0.0463  2   DC  A O2    
32  N  N3    . DC  A 2  ? 0.1847 0.1525 0.2340 0.0207  0.0408  0.0311  2   DC  A N3    
33  C  C4    . DC  A 2  ? 0.1695 0.1714 0.2021 0.0124  0.0229  0.0285  2   DC  A C4    
34  N  N4    . DC  A 2  ? 0.1924 0.1580 0.2309 0.0121  0.0470  0.0101  2   DC  A N4    
35  C  C5    . DC  A 2  ? 0.1860 0.1737 0.2205 0.0076  0.0331  0.0217  2   DC  A C5    
36  C  C6    . DC  A 2  ? 0.2042 0.1941 0.2253 0.0087  0.0129  0.0346  2   DC  A C6    
37  P  P     . DG  A 3  ? 0.4440 0.4067 0.4242 0.0077  -0.0386 0.0088  3   DG  A P     
38  O  OP1   . DG  A 3  ? 0.4398 0.4250 0.4287 0.0047  -0.0126 0.0149  3   DG  A OP1   
39  O  OP2   . DG  A 3  ? 0.4120 0.3995 0.4196 0.0041  -0.0367 0.0054  3   DG  A OP2   
40  O  "O5'" . DG  A 3  ? 0.4060 0.4025 0.3924 0.0015  -0.0263 -0.0055 3   DG  A "O5'" 
41  C  "C5'" . DG  A 3  ? 0.4314 0.4295 0.4280 -0.0046 -0.0085 0.0050  3   DG  A "C5'" 
42  C  "C4'" . DG  A 3  ? 0.4431 0.4268 0.4286 0.0007  -0.0100 0.0004  3   DG  A "C4'" 
43  O  "O4'" . DG  A 3  ? 0.4441 0.3929 0.4026 -0.0003 -0.0107 0.0072  3   DG  A "O4'" 
44  C  "C3'" . DG  A 3  ? 0.4523 0.4345 0.4306 -0.0064 -0.0029 0.0007  3   DG  A "C3'" 
45  O  "O3'" . DG  A 3  ? 0.4608 0.4546 0.4581 0.0081  -0.0059 0.0062  3   DG  A "O3'" 
46  C  "C2'" . DG  A 3  ? 0.4120 0.3950 0.4119 -0.0014 -0.0047 0.0047  3   DG  A "C2'" 
47  C  "C1'" . DG  A 3  ? 0.4028 0.3632 0.3662 0.0035  -0.0039 -0.0013 3   DG  A "C1'" 
48  N  N9    . DG  A 3  ? 0.3181 0.2451 0.2988 0.0147  -0.0117 0.0341  3   DG  A N9    
49  C  C8    . DG  A 3  ? 0.2968 0.2423 0.2651 0.0049  -0.0250 0.0154  3   DG  A C8    
50  N  N7    . DG  A 3  ? 0.2906 0.2143 0.2787 -0.0153 -0.0138 0.0382  3   DG  A N7    
51  C  C5    . DG  A 3  ? 0.2681 0.2037 0.2599 0.0123  -0.0163 0.0331  3   DG  A C5    
52  C  C6    . DG  A 3  ? 0.2573 0.1772 0.2304 0.0140  -0.0169 0.0441  3   DG  A C6    
53  O  O6    . DG  A 3  ? 0.2740 0.1919 0.2460 0.0237  0.0016  0.0477  3   DG  A O6    
54  N  N1    . DG  A 3  ? 0.2644 0.1616 0.2140 0.0348  -0.0060 0.0467  3   DG  A N1    
55  C  C2    . DG  A 3  ? 0.2550 0.1947 0.2309 0.0256  -0.0172 0.0217  3   DG  A C2    
56  N  N2    . DG  A 3  ? 0.2975 0.1691 0.2269 0.0167  0.0269  0.0491  3   DG  A N2    
57  N  N3    . DG  A 3  ? 0.2884 0.1966 0.2438 0.0135  -0.0049 0.0144  3   DG  A N3    
58  C  C4    . DG  A 3  ? 0.2916 0.1961 0.2709 0.0167  0.0001  0.0452  3   DG  A C4    
59  P  P     . DG  A 4  ? 0.5438 0.5112 0.5126 0.0002  -0.0073 -0.0095 4   DG  A P     
60  O  OP1   . DG  A 4  ? 0.5417 0.5318 0.5160 0.0064  -0.0076 -0.0019 4   DG  A OP1   
61  O  OP2   . DG  A 4  ? 0.5229 0.5174 0.5161 -0.0041 -0.0082 0.0001  4   DG  A OP2   
62  O  "O5'" . DG  A 4  ? 0.5067 0.4871 0.4835 0.0012  -0.0068 -0.0067 4   DG  A "O5'" 
63  C  "C5'" . DG  A 4  ? 0.4940 0.4817 0.4800 0.0053  -0.0096 -0.0021 4   DG  A "C5'" 
64  C  "C4'" . DG  A 4  ? 0.4774 0.4598 0.4672 0.0074  0.0030  -0.0016 4   DG  A "C4'" 
65  O  "O4'" . DG  A 4  ? 0.4777 0.4339 0.4546 0.0064  -0.0092 0.0046  4   DG  A "O4'" 
66  C  "C3'" . DG  A 4  ? 0.4652 0.4536 0.4514 0.0033  -0.0005 0.0006  4   DG  A "C3'" 
67  O  "O3'" . DG  A 4  ? 0.4756 0.4619 0.4331 0.0107  -0.0089 0.0041  4   DG  A "O3'" 
68  C  "C2'" . DG  A 4  ? 0.4438 0.4277 0.4390 0.0045  -0.0043 -0.0066 4   DG  A "C2'" 
69  C  "C1'" . DG  A 4  ? 0.4201 0.4097 0.4131 0.0053  -0.0016 0.0005  4   DG  A "C1'" 
70  N  N9    . DG  A 4  ? 0.3863 0.3180 0.3637 -0.0020 -0.0237 0.0140  4   DG  A N9    
71  C  C8    . DG  A 4  ? 0.3866 0.3473 0.3689 0.0052  -0.0038 0.0008  4   DG  A C8    
72  N  N7    . DG  A 4  ? 0.3672 0.3416 0.3604 -0.0010 -0.0177 0.0066  4   DG  A N7    
73  C  C5    . DG  A 4  ? 0.3321 0.2542 0.3187 0.0090  -0.0111 0.0246  4   DG  A C5    
74  C  C6    . DG  A 4  ? 0.2923 0.2169 0.2990 0.0076  -0.0119 0.0333  4   DG  A C6    
75  O  O6    . DG  A 4  ? 0.3273 0.2437 0.3074 -0.0028 -0.0119 0.0365  4   DG  A O6    
76  N  N1    . DG  A 4  ? 0.2684 0.1859 0.2447 0.0214  -0.0212 0.0644  4   DG  A N1    
77  C  C2    . DG  A 4  ? 0.2681 0.1878 0.2386 0.0143  -0.0069 0.0398  4   DG  A C2    
78  N  N2    . DG  A 4  ? 0.2895 0.1934 0.2362 0.0101  -0.0161 0.0377  4   DG  A N2    
79  N  N3    . DG  A 4  ? 0.3006 0.2016 0.2685 0.0198  -0.0044 0.0298  4   DG  A N3    
80  C  C4    . DG  A 4  ? 0.3258 0.2446 0.3188 0.0056  -0.0065 0.0264  4   DG  A C4    
81  P  P     . DT  A 5  ? 0.4705 0.4588 0.4200 0.0251  -0.0224 -0.0084 5   DT  A P     
82  O  OP1   . DT  A 5  ? 0.4822 0.4873 0.4602 0.0113  0.0019  0.0081  5   DT  A OP1   
83  O  OP2   . DT  A 5  ? 0.4593 0.4676 0.4088 0.0109  -0.0093 -0.0034 5   DT  A OP2   
84  O  "O5'" . DT  A 5  ? 0.4194 0.4197 0.3919 0.0121  -0.0197 -0.0020 5   DT  A "O5'" 
85  C  "C5'" . DT  A 5  ? 0.3958 0.3693 0.3692 0.0120  -0.0073 0.0111  5   DT  A "C5'" 
86  C  "C4'" . DT  A 5  ? 0.3431 0.3180 0.3417 0.0132  0.0052  0.0109  5   DT  A "C4'" 
87  O  "O4'" . DT  A 5  ? 0.3544 0.2918 0.3304 0.0223  0.0016  0.0194  5   DT  A "O4'" 
88  C  "C3'" . DT  A 5  ? 0.3267 0.3121 0.3271 0.0090  0.0067  0.0044  5   DT  A "C3'" 
89  O  "O3'" . DT  A 5  ? 0.3120 0.2780 0.2950 -0.0059 0.0098  0.0070  5   DT  A "O3'" 
90  C  "C2'" . DT  A 5  ? 0.3096 0.2823 0.3225 0.0037  -0.0029 -0.0042 5   DT  A "C2'" 
91  C  "C1'" . DT  A 5  ? 0.3100 0.2771 0.3040 0.0052  0.0079  0.0044  5   DT  A "C1'" 
92  N  N1    . DT  A 5  ? 0.3074 0.2388 0.2658 0.0050  -0.0011 0.0192  5   DT  A N1    
93  C  C2    . DT  A 5  ? 0.2663 0.1802 0.2581 0.0159  -0.0051 0.0134  5   DT  A C2    
94  O  O2    . DT  A 5  ? 0.3190 0.2271 0.2676 0.0307  -0.0444 0.0309  5   DT  A O2    
95  N  N3    . DT  A 5  ? 0.2724 0.2141 0.2509 0.0106  -0.0283 0.0386  5   DT  A N3    
96  C  C4    . DT  A 5  ? 0.2611 0.1877 0.2594 -0.0089 -0.0126 0.0290  5   DT  A C4    
97  O  O4    . DT  A 5  ? 0.3107 0.2557 0.2849 0.0103  -0.0003 0.0114  5   DT  A O4    
98  C  C5    . DT  A 5  ? 0.3042 0.2950 0.3018 0.0044  0.0051  0.0063  5   DT  A C5    
99  C  C7    . DT  A 5  ? 0.3257 0.3256 0.3328 -0.0055 -0.0026 -0.0033 5   DT  A C7    
100 C  C6    . DT  A 5  ? 0.2945 0.2826 0.2987 0.0031  0.0094  0.0108  5   DT  A C6    
101 P  P     . DA  A 6  ? 0.3484 0.2802 0.2891 0.0373  0.0087  -0.0134 6   DA  A P     
102 O  OP1   . DA  A 6  ? 0.3350 0.2735 0.3124 0.0200  0.0420  0.0010  6   DA  A OP1   
103 O  OP2   . DA  A 6  ? 0.3655 0.2616 0.2884 -0.0003 -0.0073 -0.0196 6   DA  A OP2   
104 O  "O5'" . DA  A 6  ? 0.2676 0.2175 0.2598 -0.0136 0.0015  -0.0004 6   DA  A "O5'" 
105 C  "C5'" . DA  A 6  ? 0.2491 0.2290 0.2332 -0.0069 0.0088  0.0094  6   DA  A "C5'" 
106 C  "C4'" . DA  A 6  ? 0.2188 0.2258 0.2163 -0.0082 0.0117  0.0076  6   DA  A "C4'" 
107 O  "O4'" . DA  A 6  ? 0.2333 0.2230 0.2327 0.0051  0.0233  0.0254  6   DA  A "O4'" 
108 C  "C3'" . DA  A 6  ? 0.2028 0.2161 0.2300 -0.0080 0.0261  -0.0140 6   DA  A "C3'" 
109 O  "O3'" . DA  A 6  ? 0.1846 0.2504 0.2273 0.0079  0.0335  -0.0287 6   DA  A "O3'" 
110 C  "C2'" . DA  A 6  ? 0.1945 0.2178 0.2052 -0.0098 0.0220  0.0105  6   DA  A "C2'" 
111 C  "C1'" . DA  A 6  ? 0.2143 0.1946 0.1994 -0.0037 0.0042  0.0117  6   DA  A "C1'" 
112 N  N9    . DA  A 6  ? 0.2212 0.1868 0.2181 -0.0054 0.0159  0.0323  6   DA  A N9    
113 C  C8    . DA  A 6  ? 0.2095 0.1938 0.2165 -0.0118 -0.0036 0.0357  6   DA  A C8    
114 N  N7    . DA  A 6  ? 0.2098 0.2100 0.2646 0.0007  0.0032  0.0395  6   DA  A N7    
115 C  C5    . DA  A 6  ? 0.2309 0.2018 0.2526 0.0026  0.0005  0.0394  6   DA  A C5    
116 C  C6    . DA  A 6  ? 0.2290 0.1737 0.2494 0.0038  0.0070  0.0576  6   DA  A C6    
117 N  N6    . DA  A 6  ? 0.2653 0.2323 0.2909 -0.0122 -0.0192 0.0641  6   DA  A N6    
118 N  N1    . DA  A 6  ? 0.2018 0.1529 0.2714 -0.0107 0.0070  0.0510  6   DA  A N1    
119 C  C2    . DA  A 6  ? 0.2124 0.1796 0.2589 0.0035  0.0124  0.0370  6   DA  A C2    
120 N  N3    . DA  A 6  ? 0.2002 0.1763 0.2455 0.0218  0.0342  0.0382  6   DA  A N3    
121 C  C4    . DA  A 6  ? 0.2242 0.1408 0.2271 0.0060  0.0098  0.0558  6   DA  A C4    
122 P  P     . DC  A 7  ? 0.2063 0.2724 0.2610 0.0247  0.0333  -0.0283 7   DC  A P     
123 O  OP1   . DC  A 7  ? 0.2549 0.3515 0.2750 0.0051  0.0152  -0.0416 7   DC  A OP1   
124 O  OP2   . DC  A 7  ? 0.2293 0.2436 0.2309 0.0031  0.0280  -0.0343 7   DC  A OP2   
125 O  "O5'" . DC  A 7  ? 0.2325 0.2484 0.2761 0.0115  -0.0018 -0.0285 7   DC  A "O5'" 
126 C  "C5'" . DC  A 7  ? 0.2395 0.2620 0.2406 -0.0026 0.0093  -0.0192 7   DC  A "C5'" 
127 C  "C4'" . DC  A 7  ? 0.2395 0.2502 0.2471 -0.0096 0.0024  -0.0042 7   DC  A "C4'" 
128 O  "O4'" . DC  A 7  ? 0.1976 0.2249 0.2267 -0.0158 0.0520  -0.0226 7   DC  A "O4'" 
129 C  "C3'" . DC  A 7  ? 0.2345 0.2507 0.2576 0.0039  0.0172  -0.0053 7   DC  A "C3'" 
130 O  "O3'" . DC  A 7  ? 0.2630 0.2540 0.2911 0.0100  0.0450  -0.0045 7   DC  A "O3'" 
131 C  "C2'" . DC  A 7  ? 0.2062 0.2227 0.2302 0.0058  0.0237  -0.0218 7   DC  A "C2'" 
132 C  "C1'" . DC  A 7  ? 0.1936 0.2051 0.2303 -0.0098 0.0337  -0.0086 7   DC  A "C1'" 
133 N  N1    . DC  A 7  ? 0.2144 0.1946 0.2175 -0.0212 0.0329  -0.0166 7   DC  A N1    
134 C  C2    . DC  A 7  ? 0.1997 0.1571 0.2209 -0.0207 0.0491  -0.0082 7   DC  A C2    
135 O  O2    . DC  A 7  ? 0.2054 0.1917 0.2499 -0.0376 0.0554  -0.0266 7   DC  A O2    
136 N  N3    . DC  A 7  ? 0.1922 0.1620 0.2062 -0.0365 0.0530  -0.0302 7   DC  A N3    
137 C  C4    . DC  A 7  ? 0.2000 0.1401 0.1909 -0.0391 0.0359  -0.0090 7   DC  A C4    
138 N  N4    . DC  A 7  ? 0.2409 0.1778 0.2109 -0.0314 0.0129  -0.0248 7   DC  A N4    
139 C  C5    . DC  A 7  ? 0.1710 0.1619 0.2027 -0.0085 0.0347  -0.0269 7   DC  A C5    
140 C  C6    . DC  A 7  ? 0.1913 0.1740 0.1969 -0.0241 0.0363  -0.0227 7   DC  A C6    
141 P  P     . DC  A 8  ? 0.2468 0.2690 0.3201 -0.0144 0.0562  0.0067  8   DC  A P     
142 O  OP1   . DC  A 8  ? 0.2603 0.2857 0.3540 0.0032  0.0585  0.0173  8   DC  A OP1   
143 O  OP2   . DC  A 8  ? 0.2614 0.2792 0.2968 0.0031  0.0417  0.0096  8   DC  A OP2   
144 O  "O5'" . DC  A 8  ? 0.2461 0.2225 0.2758 -0.0120 0.0248  -0.0005 8   DC  A "O5'" 
145 C  "C5'" . DC  A 8  ? 0.2536 0.2659 0.2934 -0.0068 0.0158  -0.0021 8   DC  A "C5'" 
146 C  "C4'" . DC  A 8  ? 0.2264 0.2540 0.2810 0.0084  0.0318  -0.0021 8   DC  A "C4'" 
147 O  "O4'" . DC  A 8  ? 0.2440 0.2539 0.2700 -0.0018 0.0458  0.0102  8   DC  A "O4'" 
148 C  "C3'" . DC  A 8  ? 0.2643 0.2870 0.2859 -0.0121 0.0137  -0.0019 8   DC  A "C3'" 
149 O  "O3'" . DC  A 8  ? 0.2721 0.2782 0.3283 -0.0398 0.0052  0.0044  8   DC  A "O3'" 
150 C  "C2'" . DC  A 8  ? 0.2566 0.2533 0.2530 -0.0234 0.0143  0.0017  8   DC  A "C2'" 
151 C  "C1'" . DC  A 8  ? 0.2183 0.1918 0.2165 -0.0299 0.0107  0.0028  8   DC  A "C1'" 
152 N  N1    . DC  A 8  ? 0.1920 0.2042 0.2654 -0.0289 0.0363  0.0017  8   DC  A N1    
153 C  C2    . DC  A 8  ? 0.1856 0.1600 0.2363 -0.0071 0.0284  -0.0123 8   DC  A C2    
154 O  O2    . DC  A 8  ? 0.2080 0.1992 0.2734 -0.0088 0.0617  -0.0232 8   DC  A O2    
155 N  N3    . DC  A 8  ? 0.1625 0.2035 0.2611 -0.0092 0.0580  -0.0072 8   DC  A N3    
156 C  C4    . DC  A 8  ? 0.2037 0.1733 0.2370 0.0000  0.0451  -0.0027 8   DC  A C4    
157 N  N4    . DC  A 8  ? 0.2051 0.2130 0.2526 -0.0015 0.0257  -0.0216 8   DC  A N4    
158 C  C5    . DC  A 8  ? 0.2099 0.2185 0.2303 -0.0033 0.0152  0.0028  8   DC  A C5    
159 C  C6    . DC  A 8  ? 0.1747 0.2014 0.2222 -0.0175 0.0306  -0.0043 8   DC  A C6    
160 P  P     . DG  A 9  ? 0.3166 0.3222 0.3835 -0.0344 0.0164  0.0192  9   DG  A P     
161 O  OP1   . DG  A 9  ? 0.3035 0.3324 0.3695 0.0075  0.0371  0.0114  9   DG  A OP1   
162 O  OP2   . DG  A 9  ? 0.2992 0.3393 0.3321 -0.0135 0.0032  0.0219  9   DG  A OP2   
163 O  "O5'" . DG  A 9  ? 0.2910 0.3143 0.3259 -0.0090 0.0210  0.0186  9   DG  A "O5'" 
164 C  "C5'" . DG  A 9  ? 0.3052 0.3051 0.3139 -0.0059 0.0011  -0.0043 9   DG  A "C5'" 
165 C  "C4'" . DG  A 9  ? 0.2967 0.2869 0.2960 0.0034  0.0032  -0.0049 9   DG  A "C4'" 
166 O  "O4'" . DG  A 9  ? 0.2873 0.2593 0.3234 -0.0016 0.0258  0.0050  9   DG  A "O4'" 
167 C  "C3'" . DG  A 9  ? 0.3097 0.3073 0.3236 -0.0057 0.0108  0.0002  9   DG  A "C3'" 
168 O  "O3'" . DG  A 9  ? 0.3061 0.3392 0.3518 0.0074  0.0368  0.0007  9   DG  A "O3'" 
169 C  "C2'" . DG  A 9  ? 0.2968 0.2844 0.2893 -0.0137 0.0096  0.0061  9   DG  A "C2'" 
170 C  "C1'" . DG  A 9  ? 0.2508 0.2424 0.2797 -0.0098 0.0057  -0.0070 9   DG  A "C1'" 
171 N  N9    . DG  A 9  ? 0.2465 0.1870 0.2656 -0.0205 0.0139  0.0035  9   DG  A N9    
172 C  C8    . DG  A 9  ? 0.2187 0.2057 0.2665 -0.0052 0.0178  -0.0037 9   DG  A C8    
173 N  N7    . DG  A 9  ? 0.2156 0.1924 0.2601 -0.0195 -0.0035 0.0039  9   DG  A N7    
174 C  C5    . DG  A 9  ? 0.1956 0.1422 0.2444 -0.0224 0.0331  -0.0272 9   DG  A C5    
175 C  C6    . DG  A 9  ? 0.2258 0.1666 0.2532 -0.0185 0.0089  -0.0173 9   DG  A C6    
176 O  O6    . DG  A 9  ? 0.2407 0.2105 0.2765 -0.0189 0.0449  -0.0138 9   DG  A O6    
177 N  N1    . DG  A 9  ? 0.1802 0.1732 0.2501 -0.0085 0.0362  -0.0200 9   DG  A N1    
178 C  C2    . DG  A 9  ? 0.1827 0.1628 0.2456 -0.0273 0.0228  -0.0160 9   DG  A C2    
179 N  N2    . DG  A 9  ? 0.1663 0.1458 0.2352 -0.0149 0.0389  -0.0207 9   DG  A N2    
180 N  N3    . DG  A 9  ? 0.1939 0.1710 0.2622 -0.0064 0.0307  -0.0111 9   DG  A N3    
181 C  C4    . DG  A 9  ? 0.2126 0.1863 0.2643 -0.0249 0.0281  -0.0034 9   DG  A C4    
182 P  P     . DA  A 10 ? 0.3093 0.3365 0.3771 0.0287  0.0244  0.0076  10  DA  A P     
183 O  OP1   . DA  A 10 ? 0.3714 0.3617 0.4177 0.0091  0.0290  0.0031  10  DA  A OP1   
184 O  OP2   . DA  A 10 ? 0.3724 0.3825 0.4150 -0.0016 0.0089  0.0074  10  DA  A OP2   
185 O  "O5'" . DA  A 10 ? 0.2641 0.3238 0.3338 0.0150  0.0174  -0.0031 10  DA  A "O5'" 
186 C  "C5'" . DA  A 10 ? 0.2109 0.2465 0.2953 0.0035  0.0265  -0.0022 10  DA  A "C5'" 
187 C  "C4'" . DA  A 10 ? 0.2202 0.2471 0.2842 0.0034  0.0205  -0.0090 10  DA  A "C4'" 
188 O  "O4'" . DA  A 10 ? 0.2125 0.2277 0.2863 0.0016  0.0623  -0.0138 10  DA  A "O4'" 
189 C  "C3'" . DA  A 10 ? 0.2228 0.2599 0.2864 -0.0059 0.0243  -0.0026 10  DA  A "C3'" 
190 O  "O3'" . DA  A 10 ? 0.2696 0.2969 0.3190 -0.0052 0.0160  0.0141  10  DA  A "O3'" 
191 C  "C2'" . DA  A 10 ? 0.2332 0.2371 0.2449 -0.0175 0.0012  -0.0013 10  DA  A "C2'" 
192 C  "C1'" . DA  A 10 ? 0.2176 0.2155 0.2554 -0.0155 0.0189  -0.0075 10  DA  A "C1'" 
193 N  N9    . DA  A 10 ? 0.2313 0.1873 0.2554 -0.0237 0.0162  -0.0033 10  DA  A N9    
194 C  C8    . DA  A 10 ? 0.2144 0.1705 0.2372 -0.0142 0.0205  -0.0133 10  DA  A C8    
195 N  N7    . DA  A 10 ? 0.2080 0.1562 0.2652 -0.0047 0.0283  -0.0165 10  DA  A N7    
196 C  C5    . DA  A 10 ? 0.2362 0.1883 0.2426 -0.0265 0.0245  -0.0048 10  DA  A C5    
197 C  C6    . DA  A 10 ? 0.2193 0.1485 0.2353 -0.0216 0.0050  0.0003  10  DA  A C6    
198 N  N6    . DA  A 10 ? 0.2655 0.2530 0.2829 -0.0251 0.0311  -0.0378 10  DA  A N6    
199 N  N1    . DA  A 10 ? 0.1919 0.1723 0.2251 -0.0217 0.0255  -0.0119 10  DA  A N1    
200 C  C2    . DA  A 10 ? 0.1992 0.1919 0.2383 -0.0135 0.0197  -0.0232 10  DA  A C2    
201 N  N3    . DA  A 10 ? 0.1986 0.2050 0.2504 -0.0140 0.0331  -0.0139 10  DA  A N3    
202 C  C4    . DA  A 10 ? 0.2169 0.1939 0.2334 -0.0188 0.0273  -0.0044 10  DA  A C4    
203 O  "O5'" . DT  B 1  ? 0.3517 0.3384 0.3530 0.0154  0.0395  -0.0071 1   DT  B "O5'" 
204 C  "C5'" . DT  B 1  ? 0.3539 0.3473 0.3515 0.0098  0.0240  -0.0043 1   DT  B "C5'" 
205 C  "C4'" . DT  B 1  ? 0.3255 0.3136 0.3403 0.0104  0.0042  -0.0003 1   DT  B "C4'" 
206 O  "O4'" . DT  B 1  ? 0.2842 0.2852 0.2925 0.0587  0.0299  0.0010  1   DT  B "O4'" 
207 C  "C3'" . DT  B 1  ? 0.3188 0.3071 0.3292 0.0186  0.0130  -0.0052 1   DT  B "C3'" 
208 O  "O3'" . DT  B 1  ? 0.3156 0.2521 0.3149 0.0435  0.0303  -0.0068 1   DT  B "O3'" 
209 C  "C2'" . DT  B 1  ? 0.3032 0.2817 0.3068 0.0138  0.0052  0.0134  1   DT  B "C2'" 
210 C  "C1'" . DT  B 1  ? 0.2806 0.2840 0.2992 0.0314  0.0250  -0.0025 1   DT  B "C1'" 
211 N  N1    . DT  B 1  ? 0.2687 0.2617 0.2716 0.0243  0.0146  0.0245  1   DT  B N1    
212 C  C2    . DT  B 1  ? 0.2623 0.2222 0.2554 0.0133  0.0133  0.0394  1   DT  B C2    
213 O  O2    . DT  B 1  ? 0.2655 0.2228 0.2792 0.0423  0.0271  0.0300  1   DT  B O2    
214 N  N3    . DT  B 1  ? 0.2227 0.1747 0.2479 0.0406  0.0150  0.0595  1   DT  B N3    
215 C  C4    . DT  B 1  ? 0.2568 0.1936 0.2653 0.0056  0.0102  0.0371  1   DT  B C4    
216 O  O4    . DT  B 1  ? 0.2270 0.1929 0.2603 0.0253  0.0037  0.0611  1   DT  B O4    
217 C  C5    . DT  B 1  ? 0.2587 0.1993 0.2632 0.0118  0.0127  0.0278  1   DT  B C5    
218 C  C7    . DT  B 1  ? 0.2757 0.2588 0.2878 0.0163  0.0024  0.0181  1   DT  B C7    
219 C  C6    . DT  B 1  ? 0.2604 0.2523 0.2517 0.0335  0.0059  0.0276  1   DT  B C6    
220 P  P     . DC  B 2  ? 0.4118 0.2962 0.3887 0.0328  0.0085  0.0025  2   DC  B P     
221 O  OP1   . DC  B 2  ? 0.3704 0.3273 0.3715 0.0115  -0.0023 -0.0088 2   DC  B OP1   
222 O  OP2   . DC  B 2  ? 0.3949 0.3336 0.3517 0.0031  0.0072  0.0227  2   DC  B OP2   
223 O  "O5'" . DC  B 2  ? 0.3545 0.2975 0.3380 0.0405  0.0105  0.0096  2   DC  B "O5'" 
224 C  "C5'" . DC  B 2  ? 0.2921 0.2893 0.3081 0.0047  0.0205  0.0176  2   DC  B "C5'" 
225 C  "C4'" . DC  B 2  ? 0.2596 0.2716 0.2758 0.0157  0.0072  0.0100  2   DC  B "C4'" 
226 O  "O4'" . DC  B 2  ? 0.2142 0.2080 0.2607 0.0319  0.0410  0.0193  2   DC  B "O4'" 
227 C  "C3'" . DC  B 2  ? 0.2546 0.2692 0.2683 0.0154  0.0205  0.0033  2   DC  B "C3'" 
228 O  "O3'" . DC  B 2  ? 0.2820 0.2387 0.3175 0.0276  0.0297  0.0147  2   DC  B "O3'" 
229 C  "C2'" . DC  B 2  ? 0.2624 0.2177 0.2668 0.0103  0.0031  0.0130  2   DC  B "C2'" 
230 C  "C1'" . DC  B 2  ? 0.2386 0.2172 0.2540 0.0132  0.0054  0.0194  2   DC  B "C1'" 
231 N  N1    . DC  B 2  ? 0.2102 0.1779 0.2318 0.0227  0.0361  0.0338  2   DC  B N1    
232 C  C2    . DC  B 2  ? 0.2246 0.1729 0.2161 0.0079  0.0316  0.0213  2   DC  B C2    
233 O  O2    . DC  B 2  ? 0.2146 0.1967 0.2482 0.0353  0.0530  0.0386  2   DC  B O2    
234 N  N3    . DC  B 2  ? 0.2200 0.2153 0.2380 0.0288  0.0388  0.0482  2   DC  B N3    
235 C  C4    . DC  B 2  ? 0.2290 0.2023 0.2271 0.0275  0.0178  0.0143  2   DC  B C4    
236 N  N4    . DC  B 2  ? 0.2125 0.2125 0.2616 0.0166  0.0405  0.0412  2   DC  B N4    
237 C  C5    . DC  B 2  ? 0.2334 0.1816 0.2323 0.0139  0.0123  0.0142  2   DC  B C5    
238 C  C6    . DC  B 2  ? 0.2281 0.1980 0.2183 0.0230  0.0315  0.0109  2   DC  B C6    
239 P  P     . DG  B 3  ? 0.3059 0.3133 0.3491 0.0315  0.0273  0.0140  3   DG  B P     
240 O  OP1   . DG  B 3  ? 0.3269 0.3297 0.3490 0.0075  0.0077  0.0109  3   DG  B OP1   
241 O  OP2   . DG  B 3  ? 0.3005 0.3675 0.3341 0.0328  0.0208  -0.0160 3   DG  B OP2   
242 O  "O5'" . DG  B 3  ? 0.2797 0.2906 0.3002 0.0225  0.0176  0.0088  3   DG  B "O5'" 
243 C  "C5'" . DG  B 3  ? 0.2696 0.2732 0.2921 0.0066  0.0079  0.0062  3   DG  B "C5'" 
244 C  "C4'" . DG  B 3  ? 0.2549 0.2763 0.2790 -0.0026 0.0149  0.0066  3   DG  B "C4'" 
245 O  "O4'" . DG  B 3  ? 0.2093 0.2341 0.2883 0.0270  0.0497  0.0192  3   DG  B "O4'" 
246 C  "C3'" . DG  B 3  ? 0.2351 0.2598 0.2620 0.0088  0.0351  -0.0019 3   DG  B "C3'" 
247 O  "O3'" . DG  B 3  ? 0.2312 0.2774 0.3045 0.0232  0.0410  -0.0060 3   DG  B "O3'" 
248 C  "C2'" . DG  B 3  ? 0.2298 0.2322 0.2632 0.0014  0.0225  0.0162  3   DG  B "C2'" 
249 C  "C1'" . DG  B 3  ? 0.2070 0.2298 0.2545 0.0100  0.0401  0.0143  3   DG  B "C1'" 
250 N  N9    . DG  B 3  ? 0.2119 0.2031 0.2664 0.0350  0.0451  0.0262  3   DG  B N9    
251 C  C8    . DG  B 3  ? 0.2488 0.2152 0.2382 0.0245  0.0117  0.0274  3   DG  B C8    
252 N  N7    . DG  B 3  ? 0.2207 0.2011 0.2697 0.0082  0.0176  0.0187  3   DG  B N7    
253 C  C5    . DG  B 3  ? 0.1978 0.1784 0.2255 0.0298  0.0608  0.0217  3   DG  B C5    
254 C  C6    . DG  B 3  ? 0.2060 0.1836 0.2496 0.0201  0.0365  0.0214  3   DG  B C6    
255 O  O6    . DG  B 3  ? 0.1960 0.2344 0.2879 0.0284  0.0670  0.0272  3   DG  B O6    
256 N  N1    . DG  B 3  ? 0.1863 0.1815 0.2545 0.0257  0.0541  0.0375  3   DG  B N1    
257 C  C2    . DG  B 3  ? 0.2101 0.1962 0.2548 0.0130  0.0315  0.0231  3   DG  B C2    
258 N  N2    . DG  B 3  ? 0.2251 0.1840 0.2522 0.0356  0.0686  0.0074  3   DG  B N2    
259 N  N3    . DG  B 3  ? 0.1927 0.1551 0.2597 0.0155  0.0248  0.0200  3   DG  B N3    
260 C  C4    . DG  B 3  ? 0.1925 0.1757 0.2405 0.0296  0.0534  0.0245  3   DG  B C4    
261 P  P     . DG  B 4  ? 0.2213 0.3276 0.3253 0.0358  0.0659  0.0203  4   DG  B P     
262 O  OP1   . DG  B 4  ? 0.2460 0.3132 0.3586 0.0100  0.0487  0.0152  4   DG  B OP1   
263 O  OP2   . DG  B 4  ? 0.2558 0.3493 0.3043 0.0109  0.0363  0.0181  4   DG  B OP2   
264 O  "O5'" . DG  B 4  ? 0.2092 0.3094 0.2853 0.0259  0.0400  0.0162  4   DG  B "O5'" 
265 C  "C5'" . DG  B 4  ? 0.2264 0.2727 0.2709 0.0258  0.0349  -0.0038 4   DG  B "C5'" 
266 C  "C4'" . DG  B 4  ? 0.2279 0.2776 0.2848 0.0102  0.0305  0.0056  4   DG  B "C4'" 
267 O  "O4'" . DG  B 4  ? 0.2059 0.2465 0.2923 0.0357  0.0526  0.0362  4   DG  B "O4'" 
268 C  "C3'" . DG  B 4  ? 0.2819 0.2714 0.3228 -0.0027 0.0270  0.0133  4   DG  B "C3'" 
269 O  "O3'" . DG  B 4  ? 0.2892 0.3108 0.3545 -0.0061 0.0498  -0.0025 4   DG  B "O3'" 
270 C  "C2'" . DG  B 4  ? 0.2803 0.2682 0.3098 0.0131  0.0182  0.0077  4   DG  B "C2'" 
271 C  "C1'" . DG  B 4  ? 0.2545 0.2286 0.3025 0.0006  0.0291  0.0164  4   DG  B "C1'" 
272 N  N9    . DG  B 4  ? 0.2225 0.2159 0.2717 0.0078  0.0245  0.0167  4   DG  B N9    
273 C  C8    . DG  B 4  ? 0.1867 0.2105 0.2675 0.0225  0.0247  0.0018  4   DG  B C8    
274 N  N7    . DG  B 4  ? 0.2475 0.2102 0.2665 -0.0123 0.0313  0.0353  4   DG  B N7    
275 C  C5    . DG  B 4  ? 0.1820 0.1852 0.2591 0.0184  0.0432  0.0401  4   DG  B C5    
276 C  C6    . DG  B 4  ? 0.1840 0.1661 0.2409 0.0011  0.0353  0.0369  4   DG  B C6    
277 O  O6    . DG  B 4  ? 0.2111 0.2014 0.2917 -0.0095 0.0447  0.0518  4   DG  B O6    
278 N  N1    . DG  B 4  ? 0.1885 0.1650 0.2608 -0.0031 0.0378  0.0530  4   DG  B N1    
279 C  C2    . DG  B 4  ? 0.1793 0.1644 0.2542 0.0164  0.0118  0.0330  4   DG  B C2    
280 N  N2    . DG  B 4  ? 0.2139 0.2216 0.2712 0.0052  0.0091  0.0307  4   DG  B N2    
281 N  N3    . DG  B 4  ? 0.1855 0.1947 0.2581 0.0155  0.0367  0.0446  4   DG  B N3    
282 C  C4    . DG  B 4  ? 0.1953 0.1619 0.2508 0.0062  0.0108  0.0184  4   DG  B C4    
283 P  P     . DT  B 5  ? 0.3502 0.2986 0.4250 -0.0200 0.0492  0.0194  5   DT  B P     
284 O  OP1   . DT  B 5  ? 0.3892 0.3532 0.4121 -0.0453 0.0368  -0.0073 5   DT  B OP1   
285 O  OP2   . DT  B 5  ? 0.3392 0.3772 0.4001 -0.0109 0.0395  -0.0097 5   DT  B OP2   
286 O  "O5'" . DT  B 5  ? 0.3345 0.3236 0.3804 -0.0146 0.0291  0.0228  5   DT  B "O5'" 
287 C  "C5'" . DT  B 5  ? 0.3321 0.3338 0.3550 -0.0084 0.0286  0.0096  5   DT  B "C5'" 
288 C  "C4'" . DT  B 5  ? 0.3414 0.3260 0.3581 -0.0047 0.0148  0.0105  5   DT  B "C4'" 
289 O  "O4'" . DT  B 5  ? 0.2854 0.2538 0.3320 0.0230  0.0241  0.0356  5   DT  B "O4'" 
290 C  "C3'" . DT  B 5  ? 0.3718 0.3562 0.3832 0.0092  0.0237  0.0143  5   DT  B "C3'" 
291 O  "O3'" . DT  B 5  ? 0.4055 0.4226 0.4317 -0.0166 0.0219  -0.0014 5   DT  B "O3'" 
292 C  "C2'" . DT  B 5  ? 0.3254 0.3175 0.3503 0.0135  0.0236  0.0084  5   DT  B "C2'" 
293 C  "C1'" . DT  B 5  ? 0.3099 0.2934 0.3387 -0.0028 0.0176  0.0151  5   DT  B "C1'" 
294 N  N1    . DT  B 5  ? 0.2878 0.2331 0.3072 0.0044  0.0239  0.0257  5   DT  B N1    
295 C  C2    . DT  B 5  ? 0.2629 0.2264 0.3138 0.0161  0.0026  0.0276  5   DT  B C2    
296 O  O2    . DT  B 5  ? 0.2334 0.2192 0.3406 0.0005  0.0477  0.0351  5   DT  B O2    
297 N  N3    . DT  B 5  ? 0.2319 0.1715 0.2744 0.0236  0.0349  0.0535  5   DT  B N3    
298 C  C4    . DT  B 5  ? 0.2684 0.2369 0.2884 0.0059  0.0210  0.0403  5   DT  B C4    
299 O  O4    . DT  B 5  ? 0.2936 0.2349 0.3093 0.0105  0.0399  0.0471  5   DT  B O4    
300 C  C5    . DT  B 5  ? 0.2630 0.2462 0.3023 0.0258  0.0226  0.0293  5   DT  B C5    
301 C  C7    . DT  B 5  ? 0.3423 0.3286 0.3580 -0.0059 -0.0056 0.0157  5   DT  B C7    
302 C  C6    . DT  B 5  ? 0.2585 0.2620 0.3199 0.0252  0.0159  0.0230  5   DT  B C6    
303 P  P     . DA  B 6  ? 0.4707 0.4608 0.5289 -0.0156 0.0426  0.0079  6   DA  B P     
304 O  OP1   . DA  B 6  ? 0.4761 0.4799 0.4775 -0.0303 0.0160  0.0188  6   DA  B OP1   
305 O  OP2   . DA  B 6  ? 0.4733 0.5040 0.4885 -0.0045 0.0245  -0.0166 6   DA  B OP2   
306 O  "O5'" . DA  B 6  ? 0.3949 0.3662 0.4145 0.0071  0.0233  0.0040  6   DA  B "O5'" 
307 C  "C5'" . DA  B 6  ? 0.3636 0.3244 0.3271 -0.0226 0.0212  0.0148  6   DA  B "C5'" 
308 C  "C4'" . DA  B 6  ? 0.2990 0.2889 0.2814 0.0065  0.0083  0.0003  6   DA  B "C4'" 
309 O  "O4'" . DA  B 6  ? 0.2911 0.2447 0.2814 -0.0249 0.0147  0.0225  6   DA  B "O4'" 
310 C  "C3'" . DA  B 6  ? 0.2837 0.2867 0.2788 -0.0082 0.0174  -0.0055 6   DA  B "C3'" 
311 O  "O3'" . DA  B 6  ? 0.2644 0.2984 0.2731 0.0080  0.0367  -0.0232 6   DA  B "O3'" 
312 C  "C2'" . DA  B 6  ? 0.2519 0.2573 0.2585 -0.0080 0.0265  0.0231  6   DA  B "C2'" 
313 C  "C1'" . DA  B 6  ? 0.2633 0.2592 0.2567 -0.0088 0.0145  0.0293  6   DA  B "C1'" 
314 N  N9    . DA  B 6  ? 0.2575 0.2071 0.2601 -0.0157 0.0207  0.0451  6   DA  B N9    
315 C  C8    . DA  B 6  ? 0.2451 0.2033 0.2320 -0.0100 0.0050  0.0327  6   DA  B C8    
316 N  N7    . DA  B 6  ? 0.2264 0.1838 0.2405 -0.0159 -0.0078 0.0352  6   DA  B N7    
317 C  C5    . DA  B 6  ? 0.2384 0.1710 0.2534 -0.0043 0.0033  0.0500  6   DA  B C5    
318 C  C6    . DA  B 6  ? 0.2760 0.1783 0.2624 -0.0060 -0.0053 0.0403  6   DA  B C6    
319 N  N6    . DA  B 6  ? 0.3042 0.2200 0.2936 -0.0094 -0.0261 0.0608  6   DA  B N6    
320 N  N1    . DA  B 6  ? 0.2746 0.1686 0.2724 0.0023  -0.0077 0.0641  6   DA  B N1    
321 C  C2    . DA  B 6  ? 0.2788 0.1541 0.2555 -0.0090 -0.0159 0.0490  6   DA  B C2    
322 N  N3    . DA  B 6  ? 0.2435 0.1489 0.2440 -0.0006 -0.0005 0.0351  6   DA  B N3    
323 C  C4    . DA  B 6  ? 0.2582 0.1789 0.2488 -0.0078 -0.0019 0.0323  6   DA  B C4    
324 P  P     . DC  B 7  ? 0.2468 0.3020 0.2837 0.0066  0.0306  -0.0349 7   DC  B P     
325 O  OP1   . DC  B 7  ? 0.2656 0.3382 0.2770 0.0097  0.0170  -0.0240 7   DC  B OP1   
326 O  OP2   . DC  B 7  ? 0.2368 0.3286 0.2510 0.0160  0.0244  -0.0187 7   DC  B OP2   
327 O  "O5'" . DC  B 7  ? 0.2620 0.2849 0.2944 0.0132  0.0224  -0.0098 7   DC  B "O5'" 
328 C  "C5'" . DC  B 7  ? 0.2607 0.2864 0.2786 0.0035  0.0092  -0.0074 7   DC  B "C5'" 
329 C  "C4'" . DC  B 7  ? 0.2768 0.2877 0.2715 -0.0053 0.0024  0.0002  7   DC  B "C4'" 
330 O  "O4'" . DC  B 7  ? 0.2688 0.2738 0.2665 -0.0104 0.0312  0.0087  7   DC  B "O4'" 
331 C  "C3'" . DC  B 7  ? 0.2439 0.2635 0.2661 0.0150  0.0154  -0.0044 7   DC  B "C3'" 
332 O  "O3'" . DC  B 7  ? 0.2457 0.2643 0.2847 0.0145  0.0096  0.0184  7   DC  B "O3'" 
333 C  "C2'" . DC  B 7  ? 0.2618 0.2439 0.2632 -0.0017 0.0059  0.0049  7   DC  B "C2'" 
334 C  "C1'" . DC  B 7  ? 0.2625 0.2176 0.2372 -0.0055 -0.0069 0.0096  7   DC  B "C1'" 
335 N  N1    . DC  B 7  ? 0.2547 0.2074 0.2422 -0.0023 0.0189  0.0220  7   DC  B N1    
336 C  C2    . DC  B 7  ? 0.2469 0.1925 0.2463 -0.0138 0.0053  0.0300  7   DC  B C2    
337 O  O2    . DC  B 7  ? 0.2652 0.2240 0.2882 0.0021  0.0377  0.0116  7   DC  B O2    
338 N  N3    . DC  B 7  ? 0.2334 0.2002 0.2255 0.0062  -0.0029 0.0319  7   DC  B N3    
339 C  C4    . DC  B 7  ? 0.2517 0.2370 0.2451 0.0127  -0.0107 0.0244  7   DC  B C4    
340 N  N4    . DC  B 7  ? 0.2657 0.2306 0.2634 -0.0035 -0.0212 0.0475  7   DC  B N4    
341 C  C5    . DC  B 7  ? 0.2395 0.1959 0.2371 0.0058  -0.0058 0.0214  7   DC  B C5    
342 C  C6    . DC  B 7  ? 0.2271 0.2050 0.2549 0.0155  0.0100  0.0248  7   DC  B C6    
343 P  P     . DC  B 8  ? 0.2452 0.3163 0.2780 -0.0035 0.0222  0.0198  8   DC  B P     
344 O  OP1   . DC  B 8  ? 0.2410 0.3111 0.2977 0.0074  0.0413  0.0023  8   DC  B OP1   
345 O  OP2   . DC  B 8  ? 0.2604 0.2882 0.2855 0.0149  -0.0107 -0.0003 8   DC  B OP2   
346 O  "O5'" . DC  B 8  ? 0.2646 0.2962 0.2818 0.0129  0.0049  0.0075  8   DC  B "O5'" 
347 C  "C5'" . DC  B 8  ? 0.2138 0.2501 0.2614 0.0155  0.0014  0.0135  8   DC  B "C5'" 
348 C  "C4'" . DC  B 8  ? 0.2518 0.2666 0.2643 0.0249  0.0164  0.0163  8   DC  B "C4'" 
349 O  "O4'" . DC  B 8  ? 0.2322 0.2440 0.2512 0.0246  0.0460  0.0134  8   DC  B "O4'" 
350 C  "C3'" . DC  B 8  ? 0.2469 0.2787 0.2742 0.0198  0.0194  0.0109  8   DC  B "C3'" 
351 O  "O3'" . DC  B 8  ? 0.2529 0.3030 0.3183 0.0282  0.0453  0.0262  8   DC  B "O3'" 
352 C  "C2'" . DC  B 8  ? 0.2486 0.2475 0.2729 0.0106  0.0130  0.0237  8   DC  B "C2'" 
353 C  "C1'" . DC  B 8  ? 0.2308 0.2351 0.2467 0.0264  0.0261  0.0226  8   DC  B "C1'" 
354 N  N1    . DC  B 8  ? 0.1949 0.2066 0.2092 0.0255  0.0186  0.0440  8   DC  B N1    
355 C  C2    . DC  B 8  ? 0.2144 0.1727 0.2296 0.0270  0.0192  0.0246  8   DC  B C2    
356 O  O2    . DC  B 8  ? 0.2012 0.2484 0.2370 0.0225  0.0416  0.0201  8   DC  B O2    
357 N  N3    . DC  B 8  ? 0.1769 0.1817 0.2225 0.0290  0.0171  0.0338  8   DC  B N3    
358 C  C4    . DC  B 8  ? 0.1927 0.1781 0.2200 0.0179  0.0066  0.0184  8   DC  B C4    
359 N  N4    . DC  B 8  ? 0.1920 0.2022 0.2167 0.0072  0.0204  0.0622  8   DC  B N4    
360 C  C5    . DC  B 8  ? 0.2104 0.2258 0.2246 0.0141  0.0103  -0.0090 8   DC  B C5    
361 C  C6    . DC  B 8  ? 0.2101 0.2026 0.2374 0.0200  0.0033  0.0167  8   DC  B C6    
362 P  P     . DG  B 9  ? 0.2684 0.3258 0.4037 0.0526  0.0616  0.0027  9   DG  B P     
363 O  OP1   . DG  B 9  ? 0.3205 0.3345 0.3881 0.0295  0.0430  0.0239  9   DG  B OP1   
364 O  OP2   . DG  B 9  ? 0.3392 0.3877 0.4320 0.0015  0.0409  -0.0057 9   DG  B OP2   
365 O  "O5'" . DG  B 9  ? 0.2780 0.3472 0.3813 0.0395  0.0483  -0.0009 9   DG  B "O5'" 
366 C  "C5'" . DG  B 9  ? 0.3259 0.3615 0.3697 0.0225  0.0223  0.0034  9   DG  B "C5'" 
367 C  "C4'" . DG  B 9  ? 0.3435 0.3546 0.3719 0.0215  0.0231  0.0070  9   DG  B "C4'" 
368 O  "O4'" . DG  B 9  ? 0.3242 0.3213 0.3562 0.0120  0.0635  0.0350  9   DG  B "O4'" 
369 C  "C3'" . DG  B 9  ? 0.3418 0.3723 0.3791 0.0073  0.0371  -0.0032 9   DG  B "C3'" 
370 O  "O3'" . DG  B 9  ? 0.4182 0.4475 0.4253 0.0199  0.0272  -0.0020 9   DG  B "O3'" 
371 C  "C2'" . DG  B 9  ? 0.3569 0.3361 0.3804 0.0073  0.0163  0.0113  9   DG  B "C2'" 
372 C  "C1'" . DG  B 9  ? 0.3312 0.3040 0.3359 0.0230  0.0272  0.0046  9   DG  B "C1'" 
373 N  N9    . DG  B 9  ? 0.2676 0.2538 0.2998 0.0206  0.0231  0.0316  9   DG  B N9    
374 C  C8    . DG  B 9  ? 0.2449 0.2376 0.2835 0.0090  0.0249  0.0239  9   DG  B C8    
375 N  N7    . DG  B 9  ? 0.2705 0.2426 0.3300 0.0133  0.0249  0.0218  9   DG  B N7    
376 C  C5    . DG  B 9  ? 0.2164 0.1886 0.2571 0.0303  0.0301  0.0386  9   DG  B C5    
377 C  C6    . DG  B 9  ? 0.1824 0.1697 0.2369 0.0473  0.0166  0.0313  9   DG  B C6    
378 O  O6    . DG  B 9  ? 0.2034 0.1932 0.2707 0.0392  0.0550  0.0543  9   DG  B O6    
379 N  N1    . DG  B 9  ? 0.1802 0.1537 0.2179 0.0434  0.0428  0.0420  9   DG  B N1    
380 C  C2    . DG  B 9  ? 0.1922 0.1543 0.2243 0.0159  0.0318  0.0299  9   DG  B C2    
381 N  N2    . DG  B 9  ? 0.2036 0.2012 0.2561 0.0292  0.0282  0.0355  9   DG  B N2    
382 N  N3    . DG  B 9  ? 0.1903 0.1968 0.2256 0.0322  0.0527  0.0571  9   DG  B N3    
383 C  C4    . DG  B 9  ? 0.2336 0.2030 0.2552 0.0301  0.0138  0.0375  9   DG  B C4    
384 P  P     . DA  B 10 ? 0.4507 0.4761 0.4708 0.0416  0.0767  0.0060  10  DA  B P     
385 O  OP1   . DA  B 10 ? 0.4922 0.4691 0.4931 0.0182  0.0519  0.0111  10  DA  B OP1   
386 O  OP2   . DA  B 10 ? 0.4841 0.4730 0.5211 0.0089  0.0256  0.0124  10  DA  B OP2   
387 O  "O5'" . DA  B 10 ? 0.4642 0.4715 0.4603 0.0021  0.0464  0.0013  10  DA  B "O5'" 
388 C  "C5'" . DA  B 10 ? 0.4472 0.4450 0.4348 0.0126  0.0067  0.0047  10  DA  B "C5'" 
389 C  "C4'" . DA  B 10 ? 0.4325 0.4075 0.4089 0.0089  0.0144  0.0021  10  DA  B "C4'" 
390 O  "O4'" . DA  B 10 ? 0.4205 0.3910 0.3887 0.0162  0.0421  0.0265  10  DA  B "O4'" 
391 C  "C3'" . DA  B 10 ? 0.3988 0.4057 0.3974 0.0115  0.0180  -0.0008 10  DA  B "C3'" 
392 O  "O3'" . DA  B 10 ? 0.4324 0.4126 0.3856 0.0138  0.0208  -0.0086 10  DA  B "O3'" 
393 C  "C2'" . DA  B 10 ? 0.4035 0.3958 0.3821 0.0048  0.0161  0.0129  10  DA  B "C2'" 
394 C  "C1'" . DA  B 10 ? 0.3707 0.3649 0.3723 0.0067  0.0145  0.0061  10  DA  B "C1'" 
395 N  N9    . DA  B 10 ? 0.3010 0.2710 0.2983 0.0292  0.0275  0.0467  10  DA  B N9    
396 C  C8    . DA  B 10 ? 0.2845 0.2467 0.2694 0.0343  0.0163  0.0340  10  DA  B C8    
397 N  N7    . DA  B 10 ? 0.2954 0.2348 0.2733 0.0395  0.0149  0.0642  10  DA  B N7    
398 C  C5    . DA  B 10 ? 0.2669 0.2065 0.2455 0.0250  0.0044  0.0561  10  DA  B C5    
399 C  C6    . DA  B 10 ? 0.2631 0.1514 0.2598 0.0246  0.0044  0.0703  10  DA  B C6    
400 N  N6    . DA  B 10 ? 0.2782 0.1687 0.2867 0.0136  0.0153  0.0614  10  DA  B N6    
401 N  N1    . DA  B 10 ? 0.2389 0.1755 0.2598 0.0182  0.0310  0.0451  10  DA  B N1    
402 C  C2    . DA  B 10 ? 0.2513 0.1931 0.2258 0.0200  0.0266  0.0314  10  DA  B C2    
403 N  N3    . DA  B 10 ? 0.2768 0.2058 0.2379 0.0384  0.0295  0.0369  10  DA  B N3    
404 C  C4    . DA  B 10 ? 0.2743 0.1935 0.2604 0.0315  0.0054  0.0559  10  DA  B C4    
405 SR SR    . SR  C .  ? 0.4608 0.3489 0.3573 0.0944  0.1431  0.0925  103 SR  A SR    
406 SR SR    . SR  D .  ? 0.7239 0.3028 0.3594 0.1254  0.0467  0.1199  104 SR  A SR    
407 SR SR    . SR  E .  ? 0.2741 0.2742 0.3175 0.0609  0.1040  0.0775  101 SR  B SR    
408 SR SR    . SR  F .  ? 0.3318 0.2979 0.4213 0.0299  0.1396  0.0933  102 SR  B SR    
409 SR SR    . SR  G .  ? 0.3885 0.4656 0.3311 0.0857  -0.0268 -0.0236 105 SR  B SR    
410 O  O     . HOH H .  ? 0.4212 0.4345 0.4292 0.0096  -0.0130 -0.0194 489 HOH A O     
411 O  O     . HOH H .  ? 0.4333 0.4061 0.3965 0.0261  0.0036  0.0112  490 HOH A O     
412 O  O     . HOH H .  ? 0.2838 0.2722 0.2921 0.0332  0.0184  -0.0092 491 HOH A O     
413 O  O     . HOH H .  ? 0.5312 0.4729 0.4954 0.0107  0.0016  -0.0028 496 HOH A O     
414 O  O     . HOH H .  ? 0.3347 0.2642 0.2869 0.0188  0.0120  0.0059  497 HOH A O     
415 O  O     . HOH H .  ? 0.3507 0.2911 0.2947 0.0162  -0.0261 0.0179  499 HOH A O     
416 O  O     . HOH H .  ? 0.4803 0.4807 0.4875 0.0107  0.0040  -0.0128 500 HOH A O     
417 O  O     . HOH H .  ? 0.3373 0.3065 0.3340 0.0415  0.0099  0.0139  502 HOH A O     
418 O  O     . HOH H .  ? 0.3202 0.3412 0.3743 -0.0166 0.0137  0.0051  503 HOH A O     
419 O  O     . HOH H .  ? 0.2941 0.3193 0.3131 0.0227  0.0399  0.0013  504 HOH A O     
420 O  O     . HOH H .  ? 0.2673 0.2466 0.3086 -0.0168 0.0048  0.0166  505 HOH A O     
421 O  O     . HOH H .  ? 0.2347 0.2413 0.2804 -0.0066 0.0365  0.0243  513 HOH A O     
422 O  O     . HOH H .  ? 0.4155 0.3558 0.3696 0.0080  0.0021  -0.0016 514 HOH A O     
423 O  O     . HOH H .  ? 0.2989 0.2492 0.2830 -0.0251 0.0209  -0.0007 517 HOH A O     
424 O  O     . HOH H .  ? 0.1880 0.2462 0.2895 0.0123  0.0456  -0.0272 520 HOH A O     
425 O  O     . HOH H .  ? 0.3107 0.2584 0.3181 0.0282  -0.0078 0.0162  523 HOH A O     
426 O  O     . HOH H .  ? 0.3389 0.3273 0.3164 -0.0094 0.0184  -0.0172 525 HOH A O     
427 O  O     . HOH H .  ? 0.2491 0.2970 0.2673 0.0192  0.0456  0.0303  527 HOH A O     
428 O  O     . HOH H .  ? 0.2248 0.2892 0.2675 -0.0082 -0.0077 0.0073  530 HOH A O     
429 O  O     . HOH H .  ? 0.3479 0.3136 0.3293 -0.0051 0.0236  -0.0225 533 HOH A O     
430 O  O     . HOH H .  ? 0.3897 0.3766 0.3702 0.0065  -0.0013 0.0030  538 HOH A O     
431 O  O     . HOH H .  ? 0.3610 0.2879 0.4261 0.0061  0.0294  0.0122  540 HOH A O     
432 O  O     . HOH H .  ? 0.2533 0.2882 0.3337 -0.0039 -0.0140 0.0242  543 HOH A O     
433 O  O     . HOH H .  ? 0.5702 0.5681 0.5638 -0.0086 0.0026  -0.0043 545 HOH A O     
434 O  O     . HOH H .  ? 0.3319 0.2780 0.3176 0.0022  -0.0142 0.0013  546 HOH A O     
435 O  O     . HOH H .  ? 0.2364 0.2754 0.2107 0.0156  0.0083  0.0021  550 HOH A O     
436 O  O     . HOH H .  ? 0.3790 0.3024 0.3373 -0.0002 -0.0111 0.0004  551 HOH A O     
437 O  O     . HOH H .  ? 0.5377 0.5112 0.5048 -0.0154 -0.0003 -0.0007 553 HOH A O     
438 O  O     . HOH H .  ? 0.3447 0.3701 0.3472 0.0072  0.0245  0.0018  559 HOH A O     
439 O  O     . HOH H .  ? 0.5165 0.4971 0.5158 -0.0015 -0.0058 0.0007  563 HOH A O     
440 O  O     . HOH H .  ? 0.5281 0.5459 0.5296 -0.0053 0.0064  0.0076  564 HOH A O     
441 O  O     . HOH H .  ? 0.4223 0.4242 0.3995 0.0218  -0.0039 -0.0143 565 HOH A O     
442 O  O     . HOH H .  ? 0.4680 0.4714 0.4712 0.0012  -0.0013 0.0084  569 HOH A O     
443 O  O     . HOH H .  ? 0.4288 0.4789 0.4579 -0.0169 -0.0097 0.0030  636 HOH A O     
444 O  O     . HOH I .  ? 0.3165 0.2841 0.3036 0.0314  -0.0089 0.0018  466 HOH B O     
445 O  O     . HOH I .  ? 0.4299 0.4320 0.4123 0.0076  0.0126  -0.0220 467 HOH B O     
446 O  O     . HOH I .  ? 0.3779 0.3517 0.3415 0.0318  -0.0052 -0.0055 468 HOH B O     
447 O  O     . HOH I .  ? 0.4288 0.4558 0.4146 -0.0003 -0.0056 0.0124  469 HOH B O     
448 O  O     . HOH I .  ? 0.3481 0.3557 0.3107 0.0102  -0.0031 -0.0173 470 HOH B O     
449 O  O     . HOH I .  ? 0.5638 0.5902 0.5718 -0.0061 -0.0180 -0.0014 471 HOH B O     
450 O  O     . HOH I .  ? 0.3217 0.2798 0.3168 -0.0049 0.0119  0.0172  472 HOH B O     
451 O  O     . HOH I .  ? 0.2272 0.2162 0.2383 0.0174  0.0729  0.0373  473 HOH B O     
452 O  O     . HOH I .  ? 0.2780 0.2515 0.2971 0.0341  0.0233  0.0350  474 HOH B O     
453 O  O     . HOH I .  ? 0.2028 0.2472 0.2912 0.0355  0.0572  0.0325  475 HOH B O     
454 O  O     . HOH I .  ? 0.2675 0.2804 0.3308 0.0224  0.0544  0.0267  476 HOH B O     
455 O  O     . HOH I .  ? 0.2589 0.2645 0.2752 0.0132  0.0490  -0.0239 477 HOH B O     
456 O  O     . HOH I .  ? 0.1957 0.2358 0.2342 0.0516  0.0326  0.0121  478 HOH B O     
457 O  O     . HOH I .  ? 0.2589 0.2653 0.2838 0.0585  0.0354  0.0112  479 HOH B O     
458 O  O     . HOH I .  ? 0.2289 0.2434 0.3167 -0.0039 0.0330  -0.0010 480 HOH B O     
459 O  O     . HOH I .  ? 0.3022 0.2838 0.3346 0.0275  -0.0038 0.0158  481 HOH B O     
460 O  O     . HOH I .  ? 0.3496 0.3856 0.3767 0.0122  0.0580  0.0021  482 HOH B O     
461 O  O     . HOH I .  ? 0.2922 0.1945 0.2960 0.0416  0.0299  0.0444  483 HOH B O     
462 O  O     . HOH I .  ? 0.3251 0.3426 0.3563 0.0238  0.0598  0.0203  484 HOH B O     
463 O  O     . HOH I .  ? 0.3435 0.3077 0.3631 0.0033  0.0328  -0.0027 485 HOH B O     
464 O  O     . HOH I .  ? 0.2819 0.3121 0.3237 0.0110  0.0625  0.0138  486 HOH B O     
465 O  O     . HOH I .  ? 0.3714 0.3536 0.3654 0.0086  0.0130  0.0089  487 HOH B O     
466 O  O     . HOH I .  ? 0.2865 0.2138 0.2925 0.0447  0.0723  0.0363  488 HOH B O     
467 O  O     . HOH I .  ? 0.7318 0.7485 0.7447 0.0094  0.0036  0.0046  492 HOH B O     
468 O  O     . HOH I .  ? 0.3227 0.4231 0.3403 0.0519  0.0457  -0.0120 493 HOH B O     
469 O  O     . HOH I .  ? 0.3883 0.3396 0.4029 0.0111  0.0695  0.0259  494 HOH B O     
470 O  O     . HOH I .  ? 0.3655 0.3673 0.3864 0.0070  0.0025  0.0074  495 HOH B O     
471 O  O     . HOH I .  ? 0.3756 0.3007 0.3638 0.0437  0.0230  0.0386  498 HOH B O     
472 O  O     . HOH I .  ? 0.3195 0.3086 0.3280 0.0563  0.0385  0.0252  501 HOH B O     
473 O  O     . HOH I .  ? 0.3439 0.3169 0.2977 0.0239  0.0463  -0.0053 506 HOH B O     
474 O  O     . HOH I .  ? 0.4347 0.4249 0.3996 0.0180  -0.0150 0.0161  508 HOH B O     
475 O  O     . HOH I .  ? 0.2038 0.2150 0.2446 0.0252  0.0511  0.0140  509 HOH B O     
476 O  O     . HOH I .  ? 0.3308 0.3619 0.3664 0.0095  0.0348  -0.0293 510 HOH B O     
477 O  O     . HOH I .  ? 0.2872 0.2528 0.3109 0.0004  0.0126  0.0142  511 HOH B O     
478 O  O     . HOH I .  ? 0.3961 0.3870 0.3952 0.0144  0.0042  0.0065  512 HOH B O     
479 O  O     . HOH I .  ? 0.2602 0.2934 0.2822 0.0330  0.0595  0.0176  515 HOH B O     
480 O  O     . HOH I .  ? 0.2885 0.2861 0.3322 0.0138  0.0527  0.0152  516 HOH B O     
481 O  O     . HOH I .  ? 0.2710 0.2376 0.2697 0.0048  0.0400  -0.0036 518 HOH B O     
482 O  O     . HOH I .  ? 0.3397 0.2999 0.3044 0.0162  0.0374  0.0215  519 HOH B O     
483 O  O     . HOH I .  ? 0.5124 0.5141 0.5125 -0.0021 0.0093  0.0039  521 HOH B O     
484 O  O     . HOH I .  ? 0.4031 0.3819 0.4017 0.0128  0.0172  0.0132  522 HOH B O     
485 O  O     . HOH I .  ? 0.2943 0.3007 0.3515 0.0165  0.0404  0.0075  524 HOH B O     
486 O  O     . HOH I .  ? 0.3833 0.3355 0.3499 0.0259  0.0350  0.0175  526 HOH B O     
487 O  O     . HOH I .  ? 0.3007 0.3133 0.2639 0.0392  0.0324  0.0158  528 HOH B O     
488 O  O     . HOH I .  ? 0.3097 0.3648 0.3334 -0.0280 -0.0237 0.0076  529 HOH B O     
489 O  O     . HOH I .  ? 0.2588 0.2742 0.2891 0.0122  0.0253  -0.0041 531 HOH B O     
490 O  O     . HOH I .  ? 0.3620 0.3277 0.3905 0.0000  -0.0027 -0.0040 532 HOH B O     
491 O  O     . HOH I .  ? 0.3006 0.2629 0.3514 0.0131  0.0143  0.0175  534 HOH B O     
492 O  O     . HOH I .  ? 0.2436 0.2367 0.3625 0.0046  0.0450  0.0021  535 HOH B O     
493 O  O     . HOH I .  ? 0.4158 0.3825 0.4196 0.0040  0.0005  0.0200  536 HOH B O     
494 O  O     . HOH I .  ? 0.2436 0.3077 0.3000 -0.0028 0.0559  -0.0032 537 HOH B O     
495 O  O     . HOH I .  ? 0.2880 0.2769 0.2947 -0.0083 -0.0117 0.0057  539 HOH B O     
496 O  O     . HOH I .  ? 0.6810 0.6894 0.7039 0.0004  0.0031  0.0114  541 HOH B O     
497 O  O     . HOH I .  ? 0.3365 0.3289 0.3574 -0.0020 0.0304  0.0364  542 HOH B O     
498 O  O     . HOH I .  ? 0.4069 0.4242 0.4305 0.0143  0.0224  0.0059  544 HOH B O     
499 O  O     . HOH I .  ? 0.2808 0.3408 0.3155 -0.0219 -0.0429 0.0186  547 HOH B O     
500 O  O     . HOH I .  ? 0.3255 0.3220 0.3305 0.0061  0.0128  0.0085  548 HOH B O     
501 O  O     . HOH I .  ? 0.2908 0.3392 0.3671 -0.0116 0.0157  0.0079  549 HOH B O     
502 O  O     . HOH I .  ? 0.3457 0.3373 0.3387 -0.0121 0.0018  -0.0032 554 HOH B O     
503 O  O     . HOH I .  ? 0.4047 0.3752 0.3986 -0.0077 0.0061  0.0045  555 HOH B O     
504 O  O     . HOH I .  ? 0.3919 0.3618 0.4037 0.0027  0.0157  0.0281  556 HOH B O     
505 O  O     . HOH I .  ? 0.6391 0.6308 0.6325 0.0057  -0.0083 0.0039  557 HOH B O     
506 O  O     . HOH I .  ? 0.5191 0.5342 0.5097 0.0130  0.0142  -0.0097 558 HOH B O     
507 O  O     . HOH I .  ? 0.2749 0.2713 0.2421 0.0078  -0.0025 -0.0064 561 HOH B O     
508 O  O     . HOH I .  ? 0.3328 0.3474 0.3608 0.0115  0.0278  0.0004  562 HOH B O     
509 O  O     . HOH I .  ? 0.3596 0.3836 0.3705 0.0153  0.0269  -0.0146 566 HOH B O     
510 O  O     . HOH I .  ? 0.3296 0.3617 0.3277 0.0047  -0.0030 -0.0059 567 HOH B O     
511 O  O     . HOH I .  ? 0.2148 0.2929 0.2555 0.0190  0.0070  -0.0163 568 HOH B O     
512 O  O     . HOH I .  ? 0.3780 0.4103 0.3908 0.0014  0.0121  -0.0063 571 HOH B O     
513 O  O     . HOH I .  ? 0.4932 0.4944 0.4987 -0.0290 0.0066  0.0028  637 HOH B O     
514 O  O     . HOH I .  ? 0.4011 0.4073 0.3643 0.0091  0.0198  -0.0082 638 HOH B O     
515 O  O     . HOH I .  ? 0.4003 0.4346 0.4254 0.0037  -0.0181 -0.0004 639 HOH B O     
516 O  O     . HOH I .  ? 0.3507 0.3375 0.3734 0.0148  0.0264  -0.0117 640 HOH B O     
# 
